data_8VZF
#
_entry.id   8VZF
#
_cell.length_a   69.800
_cell.length_b   178.131
_cell.length_c   196.482
_cell.angle_alpha   90.000
_cell.angle_beta   90.000
_cell.angle_gamma   90.000
#
_symmetry.space_group_name_H-M   'P 21 21 21'
#
loop_
_entity.id
_entity.type
_entity.pdbx_description
1 polymer '2-Hydroxyacyl-CoA Lyase/Synthase'
2 non-polymer 'S-{(9R,13S,15R)-17-[(2R,3S,4R,5R)-5-(6-AMINO-9H-PURIN-9-YL)-4-HYDROXY-3-(PHOSPHONOOXY)TETRAHYDROFURAN-2-YL]-9,13,15-TRIHYDROXY-10,10-DIMETHYL-13,15-DIOXIDO-4,8-DIOXO-12,14,16-TRIOXA-3,7-DIAZA-13,15-DIPHOSPHAHEPTADEC-1-YL} THIOFORMATE'
3 non-polymer 'THIAMINE DIPHOSPHATE'
4 non-polymer 'MAGNESIUM ION'
5 non-polymer "ADENOSINE-5'-DIPHOSPHATE"
6 non-polymer 1,2-ETHANEDIOL
7 non-polymer 'SULFATE ION'
8 non-polymer 'CHLORIDE ION'
9 non-polymer GLYCEROL
10 water water
#
_entity_poly.entity_id   1
_entity_poly.type   'polypeptide(L)'
_entity_poly.pdbx_seq_one_letter_code
;FQSNAMAKSEGKVNGATLMARALQQQGVQYMFGIVGFPVIPIAIAAQREGITYIGMRNEQSASYAAQAASYLTGRPQACL
VVSGPGVVHALAGLANAQVNCWPMLLIGGASAIEQNGMGAFQEERQVLLASPLCKYAHQVERPERIPYYVEQAVRSALFG
RPGAAYLDMPDDVILGEVEEAAVRPAATVGEPPRSLAPQENIEAALDALQSAKRPLVIVGKGMAWSRAENEVRQFIERTR
LPFLATPMGKGVMPDDHPLSVGGARSHALQEADLVFLLGARFNWILHFGLPPRYSKDVRVIQLDLSAEEIGNNRQAEVAL
VGDGKAIVGQLNQALSSRQWFYPAETPWREAIAAKIAGNQAAVAPMIADNTSPMNYYRVYRDIAARLPRNAIIVGEGANT
MDIGRTQMPNFEPRSRLDAGSYGTMGIGLGFAVAAAAVHPGRPVIAVQGDSAFGFSGMEFETAARYGMPIKVIILNNGGI
GMGSPAPRDGQPGMPHALSHDARYERIAEAFGGAGFYVTDSAELGPALDAAMAFKGPAIVNIKIAATADRKPQQFNWHG
;
_entity_poly.pdbx_strand_id   A,B,C,D
#
# COMPACT_ATOMS: atom_id res chain seq x y z
N SER A 3 -36.87 -34.55 -8.63
CA SER A 3 -38.29 -34.84 -8.48
C SER A 3 -38.82 -34.30 -7.15
N ASN A 4 -40.10 -33.91 -7.16
CA ASN A 4 -40.71 -33.34 -5.96
C ASN A 4 -41.18 -34.40 -4.98
N ALA A 5 -41.35 -35.65 -5.43
CA ALA A 5 -41.79 -36.70 -4.53
C ALA A 5 -40.66 -37.19 -3.62
N MET A 6 -39.42 -36.85 -3.94
CA MET A 6 -38.27 -37.31 -3.17
C MET A 6 -38.03 -36.40 -1.98
N ALA A 7 -37.64 -37.00 -0.86
CA ALA A 7 -37.33 -36.23 0.33
C ALA A 7 -35.99 -35.51 0.15
N LYS A 8 -36.00 -34.20 0.40
CA LYS A 8 -34.80 -33.37 0.31
C LYS A 8 -34.67 -32.52 1.55
N SER A 9 -33.43 -32.21 1.92
CA SER A 9 -33.12 -31.38 3.08
C SER A 9 -32.90 -29.95 2.60
N GLU A 10 -33.83 -29.05 2.94
CA GLU A 10 -33.81 -27.68 2.48
C GLU A 10 -33.29 -26.72 3.55
N GLY A 11 -32.63 -27.24 4.59
CA GLY A 11 -32.20 -26.39 5.68
C GLY A 11 -30.94 -25.58 5.38
N LYS A 12 -30.06 -26.10 4.55
CA LYS A 12 -28.76 -25.48 4.32
C LYS A 12 -28.79 -24.53 3.14
N VAL A 13 -27.88 -23.54 3.18
CA VAL A 13 -27.72 -22.56 2.11
C VAL A 13 -26.23 -22.24 2.02
N ASN A 14 -25.76 -21.93 0.81
CA ASN A 14 -24.35 -21.70 0.57
C ASN A 14 -24.07 -20.21 0.40
N GLY A 15 -22.78 -19.88 0.27
CA GLY A 15 -22.38 -18.48 0.21
C GLY A 15 -22.87 -17.77 -1.04
N ALA A 16 -22.90 -18.47 -2.17
CA ALA A 16 -23.33 -17.83 -3.41
C ALA A 16 -24.79 -17.40 -3.35
N THR A 17 -25.64 -18.24 -2.75
CA THR A 17 -27.05 -17.89 -2.63
C THR A 17 -27.25 -16.75 -1.63
N LEU A 18 -26.53 -16.79 -0.50
CA LEU A 18 -26.60 -15.69 0.46
C LEU A 18 -26.12 -14.39 -0.16
N MET A 19 -25.06 -14.45 -0.95
CA MET A 19 -24.57 -13.26 -1.63
C MET A 19 -25.62 -12.67 -2.56
N ALA A 20 -26.37 -13.53 -3.25
CA ALA A 20 -27.38 -13.05 -4.18
C ALA A 20 -28.54 -12.38 -3.44
N ARG A 21 -29.06 -13.04 -2.39
CA ARG A 21 -30.18 -12.48 -1.64
C ARG A 21 -29.79 -11.17 -0.97
N ALA A 22 -28.56 -11.07 -0.48
CA ALA A 22 -28.11 -9.81 0.12
C ALA A 22 -28.07 -8.69 -0.91
N LEU A 23 -27.55 -8.98 -2.11
CA LEU A 23 -27.51 -7.96 -3.15
C LEU A 23 -28.91 -7.55 -3.58
N GLN A 24 -29.83 -8.52 -3.68
CA GLN A 24 -31.21 -8.19 -4.04
C GLN A 24 -31.87 -7.36 -2.93
N GLN A 25 -31.56 -7.67 -1.67
CA GLN A 25 -32.14 -6.93 -0.56
C GLN A 25 -31.63 -5.50 -0.52
N GLN A 26 -30.44 -5.24 -1.06
CA GLN A 26 -29.83 -3.91 -1.03
C GLN A 26 -30.03 -3.14 -2.34
N GLY A 27 -30.93 -3.59 -3.20
CA GLY A 27 -31.26 -2.84 -4.40
C GLY A 27 -30.29 -3.01 -5.54
N VAL A 28 -29.45 -4.04 -5.54
CA VAL A 28 -28.57 -4.32 -6.66
C VAL A 28 -29.41 -5.02 -7.73
N GLN A 29 -29.77 -4.29 -8.79
CA GLN A 29 -30.58 -4.84 -9.87
C GLN A 29 -29.75 -5.35 -11.04
N TYR A 30 -28.54 -4.84 -11.22
CA TYR A 30 -27.75 -5.14 -12.40
C TYR A 30 -26.35 -5.58 -11.98
N MET A 31 -25.84 -6.62 -12.65
CA MET A 31 -24.52 -7.17 -12.35
C MET A 31 -23.80 -7.41 -13.68
N PHE A 32 -22.70 -6.70 -13.88
CA PHE A 32 -21.89 -6.82 -15.09
C PHE A 32 -20.59 -7.51 -14.76
N GLY A 33 -20.16 -8.43 -15.61
CA GLY A 33 -18.87 -9.06 -15.40
C GLY A 33 -18.65 -10.24 -16.33
N ILE A 34 -17.68 -11.08 -15.96
CA ILE A 34 -17.28 -12.24 -16.73
C ILE A 34 -17.08 -13.40 -15.77
N VAL A 35 -17.72 -14.53 -16.05
CA VAL A 35 -17.72 -15.64 -15.11
C VAL A 35 -16.48 -16.51 -15.28
N GLY A 36 -16.40 -17.58 -14.51
CA GLY A 36 -15.23 -18.44 -14.43
C GLY A 36 -14.95 -18.77 -12.98
N PHE A 37 -13.91 -19.54 -12.72
CA PHE A 37 -13.53 -19.82 -11.34
C PHE A 37 -13.26 -18.51 -10.61
N PRO A 38 -13.82 -18.31 -9.41
CA PRO A 38 -14.78 -19.17 -8.71
C PRO A 38 -16.18 -18.56 -8.62
N VAL A 39 -16.50 -17.60 -9.49
CA VAL A 39 -17.69 -16.78 -9.31
C VAL A 39 -18.87 -17.26 -10.15
N ILE A 40 -18.75 -18.43 -10.80
CA ILE A 40 -19.88 -18.95 -11.57
C ILE A 40 -21.13 -19.15 -10.70
N PRO A 41 -21.05 -19.72 -9.51
CA PRO A 41 -22.26 -19.84 -8.67
C PRO A 41 -22.84 -18.50 -8.24
N ILE A 42 -22.04 -17.43 -8.24
CA ILE A 42 -22.56 -16.14 -7.83
C ILE A 42 -23.48 -15.57 -8.89
N ALA A 43 -23.04 -15.58 -10.15
CA ALA A 43 -23.87 -15.04 -11.22
C ALA A 43 -25.15 -15.84 -11.38
N ILE A 44 -25.06 -17.16 -11.30
CA ILE A 44 -26.25 -18.01 -11.41
C ILE A 44 -27.21 -17.72 -10.26
N ALA A 45 -26.68 -17.57 -9.04
CA ALA A 45 -27.53 -17.24 -7.90
C ALA A 45 -28.16 -15.86 -8.05
N ALA A 46 -27.44 -14.91 -8.65
CA ALA A 46 -28.00 -13.58 -8.85
C ALA A 46 -29.21 -13.62 -9.76
N GLN A 47 -29.10 -14.34 -10.88
CA GLN A 47 -30.23 -14.48 -11.78
C GLN A 47 -31.41 -15.18 -11.11
N ARG A 48 -31.13 -16.07 -10.17
CA ARG A 48 -32.20 -16.77 -9.46
C ARG A 48 -32.99 -15.83 -8.55
N GLU A 49 -32.44 -14.67 -8.20
CA GLU A 49 -33.12 -13.70 -7.36
C GLU A 49 -33.69 -12.52 -8.16
N GLY A 50 -33.59 -12.55 -9.48
CA GLY A 50 -34.11 -11.48 -10.31
C GLY A 50 -33.10 -10.44 -10.73
N ILE A 51 -31.84 -10.59 -10.34
CA ILE A 51 -30.81 -9.64 -10.75
C ILE A 51 -30.47 -9.88 -12.20
N THR A 52 -30.39 -8.81 -12.98
CA THR A 52 -30.02 -8.89 -14.39
C THR A 52 -28.51 -9.04 -14.49
N TYR A 53 -28.05 -10.22 -14.92
CA TYR A 53 -26.63 -10.42 -15.18
C TYR A 53 -26.34 -10.18 -16.65
N ILE A 54 -25.25 -9.46 -16.91
CA ILE A 54 -24.84 -9.09 -18.25
C ILE A 54 -23.37 -9.44 -18.40
N GLY A 55 -23.08 -10.48 -19.17
CA GLY A 55 -21.71 -10.91 -19.42
C GLY A 55 -21.02 -10.06 -20.46
N MET A 56 -19.90 -9.44 -20.09
CA MET A 56 -19.19 -8.54 -20.98
C MET A 56 -18.09 -9.31 -21.71
N ARG A 57 -17.24 -8.58 -22.44
CA ARG A 57 -16.10 -9.18 -23.12
C ARG A 57 -14.76 -8.84 -22.46
N ASN A 58 -14.72 -7.82 -21.61
CA ASN A 58 -13.54 -7.50 -20.81
C ASN A 58 -14.01 -6.97 -19.47
N GLU A 59 -13.22 -7.25 -18.42
CA GLU A 59 -13.57 -6.75 -17.10
C GLU A 59 -13.42 -5.24 -17.00
N GLN A 60 -12.63 -4.62 -17.89
CA GLN A 60 -12.56 -3.17 -17.94
C GLN A 60 -13.95 -2.57 -18.16
N SER A 61 -14.61 -2.96 -19.25
CA SER A 61 -15.92 -2.43 -19.56
C SER A 61 -16.95 -2.83 -18.51
N ALA A 62 -16.79 -4.00 -17.89
CA ALA A 62 -17.70 -4.41 -16.84
C ALA A 62 -17.62 -3.49 -15.64
N SER A 63 -16.39 -3.18 -15.20
CA SER A 63 -16.22 -2.26 -14.07
C SER A 63 -16.70 -0.87 -14.41
N TYR A 64 -16.61 -0.48 -15.68
CA TYR A 64 -17.13 0.83 -16.10
C TYR A 64 -18.65 0.81 -16.19
N ALA A 65 -19.23 -0.29 -16.70
CA ALA A 65 -20.68 -0.37 -16.78
C ALA A 65 -21.33 -0.39 -15.40
N ALA A 66 -20.63 -0.90 -14.39
CA ALA A 66 -21.21 -0.96 -13.05
C ALA A 66 -21.38 0.43 -12.47
N GLN A 67 -20.36 1.28 -12.57
CA GLN A 67 -20.45 2.60 -11.97
C GLN A 67 -21.40 3.51 -12.73
N ALA A 68 -21.53 3.31 -14.05
CA ALA A 68 -22.50 4.09 -14.81
C ALA A 68 -23.93 3.69 -14.44
N ALA A 69 -24.18 2.39 -14.31
CA ALA A 69 -25.49 1.93 -13.87
C ALA A 69 -25.82 2.43 -12.47
N SER A 70 -24.80 2.54 -11.61
CA SER A 70 -25.02 3.08 -10.27
C SER A 70 -25.41 4.55 -10.33
N TYR A 71 -24.67 5.34 -11.13
CA TYR A 71 -24.98 6.75 -11.29
C TYR A 71 -26.38 6.96 -11.88
N LEU A 72 -26.80 6.05 -12.76
CA LEU A 72 -28.11 6.20 -13.40
C LEU A 72 -29.26 5.80 -12.48
N THR A 73 -29.04 4.81 -11.62
CA THR A 73 -30.10 4.32 -10.74
C THR A 73 -30.12 5.02 -9.39
N GLY A 74 -28.97 5.51 -8.94
CA GLY A 74 -28.86 6.10 -7.62
C GLY A 74 -28.48 5.15 -6.51
N ARG A 75 -28.18 3.90 -6.84
CA ARG A 75 -27.77 2.90 -5.86
C ARG A 75 -26.59 2.11 -6.40
N PRO A 76 -25.74 1.58 -5.53
CA PRO A 76 -24.56 0.84 -6.01
C PRO A 76 -24.95 -0.43 -6.76
N GLN A 77 -24.41 -0.57 -7.97
CA GLN A 77 -24.59 -1.76 -8.78
C GLN A 77 -23.29 -2.57 -8.79
N ALA A 78 -23.40 -3.81 -9.26
CA ALA A 78 -22.37 -4.82 -9.02
C ALA A 78 -21.53 -5.07 -10.27
N CYS A 79 -20.24 -5.29 -10.05
CA CYS A 79 -19.33 -5.82 -11.06
C CYS A 79 -18.73 -7.10 -10.52
N LEU A 80 -18.87 -8.20 -11.27
CA LEU A 80 -18.44 -9.53 -10.84
C LEU A 80 -17.28 -9.99 -11.71
N VAL A 81 -16.12 -10.22 -11.08
CA VAL A 81 -14.92 -10.64 -11.79
C VAL A 81 -14.33 -11.86 -11.10
N VAL A 82 -13.46 -12.56 -11.83
CA VAL A 82 -12.80 -13.75 -11.31
C VAL A 82 -11.58 -13.33 -10.49
N SER A 83 -10.90 -14.29 -9.89
CA SER A 83 -9.72 -14.01 -9.10
C SER A 83 -8.56 -13.55 -9.99
N GLY A 84 -7.51 -13.06 -9.35
CA GLY A 84 -6.30 -12.66 -10.02
C GLY A 84 -6.50 -11.60 -11.09
N PRO A 85 -6.27 -11.97 -12.36
CA PRO A 85 -6.37 -10.98 -13.44
C PRO A 85 -7.76 -10.41 -13.61
N GLY A 86 -8.80 -11.10 -13.16
CA GLY A 86 -10.14 -10.53 -13.23
C GLY A 86 -10.27 -9.27 -12.39
N VAL A 87 -9.67 -9.28 -11.19
CA VAL A 87 -9.72 -8.11 -10.32
C VAL A 87 -8.81 -7.01 -10.84
N VAL A 88 -7.62 -7.39 -11.33
CA VAL A 88 -6.68 -6.39 -11.84
C VAL A 88 -7.26 -5.69 -13.07
N HIS A 89 -7.90 -6.45 -13.96
CA HIS A 89 -8.58 -5.83 -15.09
C HIS A 89 -9.66 -4.86 -14.63
N ALA A 90 -10.26 -5.11 -13.47
CA ALA A 90 -11.35 -4.28 -12.95
C ALA A 90 -10.86 -3.10 -12.11
N LEU A 91 -9.55 -3.02 -11.83
CA LEU A 91 -9.03 -1.85 -11.13
C LEU A 91 -9.25 -0.57 -11.92
N ALA A 92 -9.46 -0.67 -13.24
CA ALA A 92 -9.74 0.52 -14.03
C ALA A 92 -11.00 1.22 -13.55
N GLY A 93 -12.09 0.45 -13.38
CA GLY A 93 -13.34 1.06 -12.97
C GLY A 93 -13.32 1.61 -11.56
N LEU A 94 -12.57 0.96 -10.67
CA LEU A 94 -12.45 1.46 -9.30
C LEU A 94 -11.83 2.84 -9.28
N ALA A 95 -10.69 3.00 -9.95
CA ALA A 95 -10.02 4.30 -9.99
C ALA A 95 -10.90 5.35 -10.65
N ASN A 96 -11.63 4.97 -11.69
CA ASN A 96 -12.52 5.92 -12.34
C ASN A 96 -13.70 6.28 -11.45
N ALA A 97 -14.27 5.29 -10.75
CA ALA A 97 -15.39 5.58 -9.86
C ALA A 97 -14.97 6.44 -8.69
N GLN A 98 -13.72 6.27 -8.21
CA GLN A 98 -13.24 7.11 -7.12
C GLN A 98 -13.05 8.55 -7.57
N VAL A 99 -12.53 8.75 -8.78
CA VAL A 99 -12.25 10.10 -9.26
C VAL A 99 -13.54 10.86 -9.54
N ASN A 100 -14.61 10.17 -9.93
CA ASN A 100 -15.88 10.80 -10.22
C ASN A 100 -16.83 10.82 -9.03
N CYS A 101 -16.42 10.30 -7.87
CA CYS A 101 -17.28 10.20 -6.69
C CYS A 101 -18.57 9.45 -7.02
N TRP A 102 -18.42 8.29 -7.68
CA TRP A 102 -19.55 7.46 -8.06
C TRP A 102 -19.55 6.16 -7.29
N PRO A 103 -20.71 5.69 -6.85
CA PRO A 103 -20.76 4.41 -6.13
C PRO A 103 -20.55 3.24 -7.09
N MET A 104 -20.07 2.14 -6.51
CA MET A 104 -19.74 0.95 -7.29
C MET A 104 -19.43 -0.19 -6.34
N LEU A 105 -19.95 -1.37 -6.65
CA LEU A 105 -19.69 -2.57 -5.87
C LEU A 105 -18.98 -3.59 -6.76
N LEU A 106 -17.68 -3.75 -6.55
CA LEU A 106 -16.91 -4.78 -7.23
C LEU A 106 -16.86 -6.04 -6.36
N ILE A 107 -17.32 -7.15 -6.91
CA ILE A 107 -17.29 -8.44 -6.23
C ILE A 107 -16.25 -9.29 -6.96
N GLY A 108 -15.15 -9.59 -6.28
CA GLY A 108 -14.04 -10.31 -6.86
C GLY A 108 -13.90 -11.70 -6.25
N GLY A 109 -13.84 -12.70 -7.12
CA GLY A 109 -13.53 -14.04 -6.67
C GLY A 109 -12.11 -14.14 -6.16
N ALA A 110 -11.86 -15.19 -5.37
CA ALA A 110 -10.53 -15.42 -4.83
C ALA A 110 -10.30 -16.92 -4.68
N SER A 111 -9.03 -17.31 -4.69
CA SER A 111 -8.70 -18.71 -4.50
C SER A 111 -9.04 -19.14 -3.07
N ALA A 112 -9.10 -20.46 -2.88
CA ALA A 112 -9.49 -21.01 -1.59
C ALA A 112 -8.54 -20.55 -0.48
N ILE A 113 -9.13 -20.26 0.69
CA ILE A 113 -8.33 -19.79 1.83
C ILE A 113 -7.35 -20.87 2.28
N GLU A 114 -7.79 -22.14 2.24
CA GLU A 114 -6.93 -23.24 2.67
C GLU A 114 -5.74 -23.45 1.75
N GLN A 115 -5.69 -22.79 0.59
CA GLN A 115 -4.56 -22.90 -0.31
C GLN A 115 -3.67 -21.66 -0.34
N ASN A 116 -3.92 -20.67 0.53
CA ASN A 116 -3.08 -19.48 0.53
C ASN A 116 -1.64 -19.84 0.87
N GLY A 117 -0.70 -19.14 0.24
CA GLY A 117 0.71 -19.41 0.42
C GLY A 117 1.27 -20.53 -0.43
N MET A 118 0.42 -21.35 -1.05
CA MET A 118 0.87 -22.51 -1.81
C MET A 118 1.11 -22.20 -3.29
N GLY A 119 0.83 -20.98 -3.73
CA GLY A 119 0.88 -20.67 -5.15
C GLY A 119 -0.33 -21.22 -5.87
N ALA A 120 -1.51 -20.98 -5.33
CA ALA A 120 -2.74 -21.48 -5.90
C ALA A 120 -3.07 -20.75 -7.20
N PHE A 121 -4.04 -21.30 -7.94
CA PHE A 121 -4.47 -20.73 -9.19
C PHE A 121 -5.08 -19.35 -8.96
N GLN A 122 -4.42 -18.32 -9.54
CA GLN A 122 -4.88 -16.93 -9.45
C GLN A 122 -4.93 -16.43 -8.02
N GLU A 123 -4.04 -16.94 -7.17
CA GLU A 123 -3.87 -16.40 -5.83
C GLU A 123 -3.27 -15.00 -5.91
N GLU A 124 -3.88 -14.05 -5.19
CA GLU A 124 -3.45 -12.66 -5.28
C GLU A 124 -3.90 -11.90 -4.04
N ARG A 125 -3.12 -10.89 -3.67
CA ARG A 125 -3.47 -9.98 -2.57
C ARG A 125 -4.48 -8.95 -3.08
N GLN A 126 -5.71 -9.43 -3.25
CA GLN A 126 -6.70 -8.65 -3.98
C GLN A 126 -7.27 -7.49 -3.16
N VAL A 127 -7.43 -7.68 -1.84
CA VAL A 127 -7.81 -6.56 -0.99
C VAL A 127 -6.72 -5.50 -0.97
N LEU A 128 -5.45 -5.93 -0.96
CA LEU A 128 -4.35 -4.98 -0.86
C LEU A 128 -4.22 -4.15 -2.14
N LEU A 129 -4.42 -4.76 -3.30
CA LEU A 129 -4.33 -4.02 -4.56
C LEU A 129 -5.50 -3.06 -4.73
N ALA A 130 -6.70 -3.48 -4.31
CA ALA A 130 -7.89 -2.67 -4.55
C ALA A 130 -8.08 -1.57 -3.52
N SER A 131 -7.49 -1.68 -2.33
CA SER A 131 -7.76 -0.74 -1.25
C SER A 131 -7.48 0.71 -1.63
N PRO A 132 -6.32 1.08 -2.21
CA PRO A 132 -6.06 2.51 -2.47
C PRO A 132 -7.00 3.12 -3.51
N LEU A 133 -7.95 2.35 -4.03
CA LEU A 133 -8.90 2.84 -5.01
C LEU A 133 -10.35 2.73 -4.54
N CYS A 134 -10.59 2.36 -3.29
CA CYS A 134 -11.94 2.12 -2.78
C CYS A 134 -12.18 2.91 -1.50
N LYS A 135 -13.44 3.29 -1.29
CA LYS A 135 -13.86 3.73 0.04
C LYS A 135 -13.92 2.56 1.00
N TYR A 136 -14.26 1.37 0.50
CA TYR A 136 -14.44 0.19 1.32
C TYR A 136 -13.87 -1.00 0.57
N ALA A 137 -12.98 -1.74 1.22
CA ALA A 137 -12.39 -2.95 0.64
C ALA A 137 -12.20 -3.95 1.77
N HIS A 138 -12.77 -5.14 1.61
CA HIS A 138 -12.68 -6.15 2.65
C HIS A 138 -12.96 -7.52 2.04
N GLN A 139 -12.45 -8.56 2.71
CA GLN A 139 -12.66 -9.94 2.30
C GLN A 139 -13.73 -10.57 3.18
N VAL A 140 -14.67 -11.27 2.56
CA VAL A 140 -15.67 -12.05 3.28
C VAL A 140 -15.01 -13.37 3.69
N GLU A 141 -14.78 -13.55 4.99
CA GLU A 141 -14.02 -14.69 5.47
C GLU A 141 -14.86 -15.93 5.70
N ARG A 142 -16.12 -15.78 6.09
CA ARG A 142 -17.00 -16.91 6.33
C ARG A 142 -18.37 -16.64 5.73
N PRO A 143 -19.07 -17.69 5.29
CA PRO A 143 -20.35 -17.46 4.59
C PRO A 143 -21.43 -16.82 5.46
N GLU A 144 -21.48 -17.15 6.75
CA GLU A 144 -22.55 -16.64 7.61
C GLU A 144 -22.47 -15.13 7.82
N ARG A 145 -21.38 -14.49 7.42
CA ARG A 145 -21.22 -13.05 7.55
C ARG A 145 -21.44 -12.30 6.25
N ILE A 146 -21.94 -12.98 5.21
CA ILE A 146 -22.18 -12.32 3.92
C ILE A 146 -23.22 -11.21 4.03
N PRO A 147 -24.39 -11.41 4.65
CA PRO A 147 -25.33 -10.29 4.77
C PRO A 147 -24.75 -9.08 5.46
N TYR A 148 -23.89 -9.28 6.46
CA TYR A 148 -23.23 -8.17 7.13
C TYR A 148 -22.33 -7.39 6.18
N TYR A 149 -21.43 -8.09 5.47
CA TYR A 149 -20.46 -7.40 4.63
C TYR A 149 -21.12 -6.71 3.44
N VAL A 150 -22.15 -7.35 2.85
CA VAL A 150 -22.83 -6.73 1.74
C VAL A 150 -23.54 -5.44 2.17
N GLU A 151 -24.16 -5.46 3.35
CA GLU A 151 -24.84 -4.27 3.85
C GLU A 151 -23.83 -3.15 4.12
N GLN A 152 -22.71 -3.48 4.76
CA GLN A 152 -21.73 -2.46 5.09
C GLN A 152 -21.03 -1.92 3.86
N ALA A 153 -20.82 -2.77 2.84
CA ALA A 153 -20.16 -2.31 1.61
C ALA A 153 -21.08 -1.38 0.82
N VAL A 154 -22.34 -1.75 0.65
CA VAL A 154 -23.29 -0.89 -0.06
C VAL A 154 -23.45 0.43 0.68
N ARG A 155 -23.51 0.39 2.00
CA ARG A 155 -23.65 1.61 2.78
C ARG A 155 -22.44 2.52 2.61
N SER A 156 -21.23 1.94 2.66
CA SER A 156 -20.02 2.75 2.51
C SER A 156 -19.95 3.37 1.12
N ALA A 157 -20.34 2.63 0.09
CA ALA A 157 -20.29 3.15 -1.27
C ALA A 157 -21.36 4.20 -1.52
N LEU A 158 -22.51 4.09 -0.85
CA LEU A 158 -23.64 4.96 -1.14
C LEU A 158 -23.65 6.22 -0.27
N PHE A 159 -23.36 6.10 1.02
CA PHE A 159 -23.46 7.24 1.93
C PHE A 159 -22.24 8.14 1.81
N GLY A 160 -22.41 9.38 2.27
CA GLY A 160 -21.33 10.36 2.21
C GLY A 160 -20.95 10.67 0.77
N ARG A 161 -19.68 11.04 0.59
CA ARG A 161 -19.14 11.19 -0.75
C ARG A 161 -19.04 9.81 -1.39
N PRO A 162 -19.79 9.54 -2.46
CA PRO A 162 -19.84 8.17 -2.99
C PRO A 162 -18.49 7.72 -3.54
N GLY A 163 -18.32 6.40 -3.56
CA GLY A 163 -17.08 5.84 -4.06
C GLY A 163 -17.19 4.33 -4.22
N ALA A 164 -16.06 3.71 -4.52
CA ALA A 164 -16.04 2.30 -4.86
C ALA A 164 -15.97 1.43 -3.61
N ALA A 165 -16.65 0.28 -3.67
CA ALA A 165 -16.59 -0.74 -2.63
C ALA A 165 -16.14 -2.06 -3.25
N TYR A 166 -15.36 -2.83 -2.49
CA TYR A 166 -14.83 -4.10 -2.97
C TYR A 166 -15.03 -5.18 -1.92
N LEU A 167 -15.59 -6.32 -2.34
CA LEU A 167 -15.78 -7.49 -1.50
C LEU A 167 -15.03 -8.65 -2.12
N ASP A 168 -14.12 -9.25 -1.35
CA ASP A 168 -13.33 -10.39 -1.79
C ASP A 168 -14.05 -11.67 -1.39
N MET A 169 -14.35 -12.53 -2.36
CA MET A 169 -15.12 -13.74 -2.12
C MET A 169 -14.28 -14.98 -2.42
N PRO A 170 -13.66 -15.60 -1.41
CA PRO A 170 -12.89 -16.82 -1.65
C PRO A 170 -13.77 -17.98 -2.10
N ASP A 171 -13.12 -18.98 -2.72
CA ASP A 171 -13.83 -20.12 -3.27
C ASP A 171 -14.57 -20.89 -2.18
N ASP A 172 -13.92 -21.12 -1.03
CA ASP A 172 -14.55 -21.88 0.05
C ASP A 172 -15.66 -21.08 0.74
N VAL A 173 -15.65 -19.76 0.64
CA VAL A 173 -16.77 -18.97 1.15
C VAL A 173 -17.96 -19.06 0.21
N ILE A 174 -17.70 -19.03 -1.10
CA ILE A 174 -18.78 -19.14 -2.08
C ILE A 174 -19.47 -20.49 -1.98
N LEU A 175 -18.70 -21.56 -1.79
CA LEU A 175 -19.25 -22.91 -1.75
C LEU A 175 -19.55 -23.39 -0.33
N GLY A 176 -19.07 -22.69 0.70
CA GLY A 176 -19.36 -23.10 2.06
C GLY A 176 -20.84 -22.97 2.38
N GLU A 177 -21.33 -23.90 3.20
CA GLU A 177 -22.74 -23.97 3.53
C GLU A 177 -22.97 -23.65 5.00
N VAL A 178 -24.16 -23.12 5.28
CA VAL A 178 -24.57 -22.75 6.63
C VAL A 178 -26.08 -22.89 6.71
N GLU A 179 -26.57 -23.26 7.90
CA GLU A 179 -28.01 -23.37 8.11
C GLU A 179 -28.68 -22.00 7.93
N GLU A 180 -29.79 -22.00 7.19
CA GLU A 180 -30.49 -20.74 6.91
C GLU A 180 -30.95 -20.06 8.20
N ALA A 181 -31.51 -20.84 9.13
CA ALA A 181 -32.10 -20.28 10.33
C ALA A 181 -31.07 -19.59 11.22
N ALA A 182 -29.78 -19.88 11.04
CA ALA A 182 -28.74 -19.31 11.87
C ALA A 182 -28.00 -18.15 11.20
N VAL A 183 -28.38 -17.77 9.98
CA VAL A 183 -27.72 -16.68 9.29
C VAL A 183 -28.21 -15.36 9.87
N ARG A 184 -27.28 -14.54 10.36
CA ARG A 184 -27.63 -13.24 10.90
C ARG A 184 -28.21 -12.33 9.81
N PRO A 185 -29.44 -11.86 9.96
CA PRO A 185 -30.00 -10.94 8.96
C PRO A 185 -29.33 -9.58 9.01
N ALA A 186 -29.51 -8.81 7.94
CA ALA A 186 -28.93 -7.49 7.82
C ALA A 186 -30.01 -6.48 7.46
N ALA A 187 -29.85 -5.26 7.97
CA ALA A 187 -30.80 -4.20 7.68
C ALA A 187 -30.63 -3.72 6.25
N THR A 188 -31.72 -3.17 5.70
CA THR A 188 -31.71 -2.68 4.32
C THR A 188 -31.16 -1.26 4.29
N VAL A 189 -30.13 -1.03 3.49
CA VAL A 189 -29.56 0.30 3.34
C VAL A 189 -30.57 1.18 2.63
N GLY A 190 -30.93 2.29 3.25
CA GLY A 190 -31.91 3.21 2.69
C GLY A 190 -31.27 4.26 1.81
N GLU A 191 -31.97 5.39 1.68
CA GLU A 191 -31.45 6.49 0.91
C GLU A 191 -30.26 7.14 1.64
N PRO A 192 -29.29 7.68 0.90
CA PRO A 192 -28.18 8.38 1.53
C PRO A 192 -28.68 9.59 2.30
N PRO A 193 -28.22 9.78 3.53
CA PRO A 193 -28.73 10.90 4.34
C PRO A 193 -28.32 12.25 3.76
N ARG A 194 -29.26 13.17 3.76
CA ARG A 194 -29.02 14.56 3.38
C ARG A 194 -28.84 15.40 4.64
N SER A 195 -28.08 16.48 4.51
CA SER A 195 -27.82 17.33 5.66
C SER A 195 -27.80 18.80 5.22
N LEU A 196 -28.37 19.66 6.05
CA LEU A 196 -28.54 21.06 5.72
C LEU A 196 -27.33 21.88 6.16
N ALA A 197 -27.27 23.13 5.66
CA ALA A 197 -26.30 24.15 6.03
C ALA A 197 -26.87 25.05 7.11
N PRO A 198 -26.03 25.63 7.97
CA PRO A 198 -26.53 26.56 8.99
C PRO A 198 -27.22 27.76 8.36
N GLN A 199 -28.20 28.30 9.07
CA GLN A 199 -29.02 29.37 8.52
C GLN A 199 -28.19 30.62 8.23
N GLU A 200 -27.21 30.92 9.08
CA GLU A 200 -26.39 32.10 8.86
C GLU A 200 -25.50 31.96 7.63
N ASN A 201 -25.17 30.73 7.24
CA ASN A 201 -24.48 30.52 5.98
C ASN A 201 -25.41 30.65 4.79
N ILE A 202 -26.68 30.29 4.97
CA ILE A 202 -27.67 30.45 3.90
C ILE A 202 -27.89 31.92 3.60
N GLU A 203 -28.04 32.73 4.65
CA GLU A 203 -28.28 34.16 4.45
C GLU A 203 -27.03 34.86 3.91
N ALA A 204 -25.84 34.43 4.37
CA ALA A 204 -24.62 35.03 3.86
C ALA A 204 -24.45 34.75 2.37
N ALA A 205 -24.87 33.57 1.92
CA ALA A 205 -24.79 33.24 0.50
C ALA A 205 -25.66 34.17 -0.34
N LEU A 206 -26.89 34.40 0.11
CA LEU A 206 -27.76 35.33 -0.61
C LEU A 206 -27.25 36.76 -0.54
N ASP A 207 -26.63 37.14 0.58
CA ASP A 207 -25.99 38.45 0.67
C ASP A 207 -24.94 38.64 -0.41
N ALA A 208 -24.11 37.61 -0.62
CA ALA A 208 -23.06 37.71 -1.64
C ALA A 208 -23.64 37.80 -3.04
N LEU A 209 -24.72 37.05 -3.31
CA LEU A 209 -25.33 37.08 -4.62
C LEU A 209 -25.90 38.46 -4.95
N GLN A 210 -26.48 39.13 -3.96
CA GLN A 210 -27.06 40.45 -4.20
C GLN A 210 -25.99 41.50 -4.44
N SER A 211 -24.81 41.33 -3.87
CA SER A 211 -23.74 42.31 -4.02
C SER A 211 -22.92 42.12 -5.28
N ALA A 212 -23.06 40.99 -5.96
CA ALA A 212 -22.21 40.68 -7.11
C ALA A 212 -22.73 41.39 -8.36
N LYS A 213 -21.81 42.05 -9.08
CA LYS A 213 -22.19 42.71 -10.32
C LYS A 213 -22.15 41.76 -11.51
N ARG A 214 -21.31 40.73 -11.46
CA ARG A 214 -21.18 39.74 -12.53
C ARG A 214 -21.19 38.34 -11.92
N PRO A 215 -22.34 37.89 -11.43
CA PRO A 215 -22.42 36.56 -10.81
C PRO A 215 -22.53 35.46 -11.85
N LEU A 216 -22.10 34.26 -11.45
CA LEU A 216 -22.18 33.09 -12.31
C LEU A 216 -22.40 31.86 -11.45
N VAL A 217 -23.46 31.11 -11.78
CA VAL A 217 -23.74 29.82 -11.15
C VAL A 217 -23.16 28.72 -12.02
N ILE A 218 -22.52 27.74 -11.39
CA ILE A 218 -21.96 26.59 -12.09
C ILE A 218 -22.64 25.34 -11.54
N VAL A 219 -23.31 24.60 -12.42
CA VAL A 219 -24.08 23.42 -12.05
C VAL A 219 -23.23 22.20 -12.37
N GLY A 220 -22.67 21.57 -11.33
CA GLY A 220 -21.87 20.37 -11.50
C GLY A 220 -22.70 19.09 -11.43
N LYS A 221 -22.05 17.98 -11.76
CA LYS A 221 -22.75 16.70 -11.77
C LYS A 221 -23.02 16.17 -10.37
N GLY A 222 -22.43 16.77 -9.33
CA GLY A 222 -22.81 16.41 -7.97
C GLY A 222 -24.26 16.75 -7.67
N MET A 223 -24.81 17.76 -8.35
CA MET A 223 -26.22 18.07 -8.19
C MET A 223 -27.10 17.04 -8.90
N ALA A 224 -26.63 16.54 -10.04
CA ALA A 224 -27.37 15.48 -10.74
C ALA A 224 -27.41 14.21 -9.92
N TRP A 225 -26.31 13.86 -9.26
CA TRP A 225 -26.30 12.70 -8.37
C TRP A 225 -27.26 12.89 -7.20
N SER A 226 -27.29 14.10 -6.63
CA SER A 226 -28.17 14.41 -5.53
C SER A 226 -29.64 14.44 -5.92
N ARG A 227 -29.96 14.29 -7.22
CA ARG A 227 -31.33 14.35 -7.72
C ARG A 227 -31.97 15.70 -7.38
N ALA A 228 -31.23 16.77 -7.65
CA ALA A 228 -31.62 18.12 -7.24
C ALA A 228 -32.10 18.97 -8.41
N GLU A 229 -32.53 18.35 -9.52
CA GLU A 229 -32.89 19.13 -10.70
C GLU A 229 -34.09 20.04 -10.44
N ASN A 230 -35.04 19.60 -9.62
CA ASN A 230 -36.20 20.44 -9.31
C ASN A 230 -35.78 21.72 -8.60
N GLU A 231 -34.95 21.60 -7.57
CA GLU A 231 -34.57 22.75 -6.76
C GLU A 231 -33.63 23.68 -7.51
N VAL A 232 -32.73 23.14 -8.34
CA VAL A 232 -31.84 23.97 -9.12
C VAL A 232 -32.61 24.75 -10.17
N ARG A 233 -33.59 24.11 -10.83
CA ARG A 233 -34.40 24.82 -11.81
C ARG A 233 -35.27 25.89 -11.15
N GLN A 234 -35.70 25.66 -9.90
CA GLN A 234 -36.47 26.69 -9.20
C GLN A 234 -35.56 27.84 -8.77
N PHE A 235 -34.36 27.53 -8.30
CA PHE A 235 -33.43 28.57 -7.86
C PHE A 235 -33.04 29.49 -9.02
N ILE A 236 -32.70 28.90 -10.17
CA ILE A 236 -32.29 29.70 -11.32
C ILE A 236 -33.44 30.55 -11.83
N GLU A 237 -34.65 29.98 -11.88
CA GLU A 237 -35.78 30.70 -12.43
C GLU A 237 -36.18 31.89 -11.57
N ARG A 238 -36.08 31.75 -10.24
CA ARG A 238 -36.49 32.84 -9.35
C ARG A 238 -35.38 33.87 -9.16
N THR A 239 -34.11 33.45 -9.25
CA THR A 239 -32.99 34.39 -9.15
C THR A 239 -32.64 35.03 -10.47
N ARG A 240 -33.05 34.42 -11.60
N ARG A 240 -33.01 34.41 -11.60
CA ARG A 240 -32.72 34.89 -12.94
CA ARG A 240 -32.70 34.95 -12.93
C ARG A 240 -31.21 35.08 -13.10
C ARG A 240 -31.20 35.05 -13.14
N LEU A 241 -30.45 34.12 -12.56
CA LEU A 241 -29.00 34.16 -12.62
C LEU A 241 -28.47 33.40 -13.82
N PRO A 242 -27.42 33.90 -14.47
CA PRO A 242 -26.76 33.12 -15.52
C PRO A 242 -26.07 31.90 -14.92
N PHE A 243 -26.14 30.78 -15.64
CA PHE A 243 -25.55 29.53 -15.17
C PHE A 243 -24.68 28.90 -16.26
N LEU A 244 -23.70 28.12 -15.82
CA LEU A 244 -22.82 27.37 -16.71
C LEU A 244 -22.83 25.91 -16.28
N ALA A 245 -23.24 25.02 -17.19
CA ALA A 245 -23.26 23.60 -16.89
C ALA A 245 -21.90 22.99 -17.16
N THR A 246 -21.47 22.10 -16.27
CA THR A 246 -20.26 21.32 -16.47
C THR A 246 -20.55 20.21 -17.48
N PRO A 247 -19.50 19.49 -17.96
CA PRO A 247 -19.74 18.45 -18.99
C PRO A 247 -20.88 17.50 -18.68
N MET A 248 -20.85 16.82 -17.54
CA MET A 248 -21.94 15.92 -17.18
C MET A 248 -22.97 16.57 -16.26
N GLY A 249 -22.75 17.83 -15.87
CA GLY A 249 -23.81 18.60 -15.26
C GLY A 249 -24.85 19.08 -16.24
N LYS A 250 -24.55 19.02 -17.53
CA LYS A 250 -25.54 19.28 -18.57
C LYS A 250 -26.77 18.42 -18.36
N GLY A 251 -27.94 19.06 -18.39
CA GLY A 251 -29.21 18.37 -18.21
C GLY A 251 -29.91 18.73 -16.91
N VAL A 252 -29.16 18.99 -15.84
CA VAL A 252 -29.77 19.46 -14.60
C VAL A 252 -30.61 20.70 -14.89
N MET A 253 -29.98 21.71 -15.47
CA MET A 253 -30.71 22.75 -16.17
C MET A 253 -30.79 22.39 -17.65
N PRO A 254 -31.93 22.61 -18.30
CA PRO A 254 -32.01 22.34 -19.75
C PRO A 254 -31.00 23.18 -20.51
N ASP A 255 -30.30 22.54 -21.44
CA ASP A 255 -29.27 23.23 -22.21
C ASP A 255 -29.83 24.35 -23.08
N ASP A 256 -31.14 24.34 -23.34
CA ASP A 256 -31.78 25.39 -24.12
C ASP A 256 -32.36 26.50 -23.25
N HIS A 257 -31.98 26.57 -21.98
CA HIS A 257 -32.48 27.62 -21.12
C HIS A 257 -31.82 28.95 -21.49
N PRO A 258 -32.59 30.04 -21.58
CA PRO A 258 -32.01 31.31 -22.03
C PRO A 258 -30.96 31.89 -21.11
N LEU A 259 -30.86 31.41 -19.87
CA LEU A 259 -29.87 31.92 -18.94
C LEU A 259 -28.54 31.19 -19.02
N SER A 260 -28.40 30.23 -19.94
CA SER A 260 -27.16 29.49 -20.07
C SER A 260 -26.06 30.34 -20.68
N VAL A 261 -24.85 30.23 -20.13
CA VAL A 261 -23.68 30.90 -20.67
C VAL A 261 -22.75 29.92 -21.37
N GLY A 262 -23.30 28.75 -21.77
CA GLY A 262 -22.46 27.76 -22.42
C GLY A 262 -21.79 28.27 -23.68
N GLY A 263 -22.47 29.16 -24.40
CA GLY A 263 -21.89 29.74 -25.61
C GLY A 263 -20.85 30.82 -25.36
N ALA A 264 -20.63 31.19 -24.10
CA ALA A 264 -19.61 32.17 -23.74
C ALA A 264 -18.90 31.70 -22.48
N ARG A 265 -18.40 30.47 -22.49
CA ARG A 265 -17.88 29.84 -21.29
C ARG A 265 -16.62 30.56 -20.79
N SER A 266 -15.70 30.86 -21.71
CA SER A 266 -14.43 31.45 -21.28
C SER A 266 -14.63 32.86 -20.75
N HIS A 267 -15.45 33.67 -21.43
CA HIS A 267 -15.70 35.03 -20.98
C HIS A 267 -16.40 35.03 -19.63
N ALA A 268 -17.36 34.13 -19.43
CA ALA A 268 -18.10 34.10 -18.17
C ALA A 268 -17.19 33.77 -17.00
N LEU A 269 -16.25 32.86 -17.18
CA LEU A 269 -15.35 32.48 -16.10
C LEU A 269 -14.36 33.60 -15.79
N GLN A 270 -13.82 34.24 -16.84
CA GLN A 270 -12.73 35.19 -16.62
C GLN A 270 -13.23 36.51 -16.04
N GLU A 271 -14.47 36.89 -16.32
CA GLU A 271 -15.00 38.19 -15.92
C GLU A 271 -15.92 38.14 -14.71
N ALA A 272 -16.31 36.95 -14.25
CA ALA A 272 -17.22 36.86 -13.11
C ALA A 272 -16.51 37.34 -11.85
N ASP A 273 -17.21 38.18 -11.08
CA ASP A 273 -16.71 38.59 -9.77
C ASP A 273 -17.21 37.70 -8.64
N LEU A 274 -18.13 36.79 -8.93
CA LEU A 274 -18.62 35.81 -7.96
C LEU A 274 -19.01 34.54 -8.68
N VAL A 275 -18.58 33.40 -8.15
CA VAL A 275 -18.90 32.09 -8.71
C VAL A 275 -19.58 31.25 -7.65
N PHE A 276 -20.73 30.67 -8.01
CA PHE A 276 -21.52 29.83 -7.12
C PHE A 276 -21.37 28.38 -7.59
N LEU A 277 -20.47 27.64 -6.94
CA LEU A 277 -20.27 26.24 -7.27
C LEU A 277 -21.40 25.40 -6.68
N LEU A 278 -22.16 24.74 -7.55
CA LEU A 278 -23.21 23.81 -7.16
C LEU A 278 -22.74 22.40 -7.47
N GLY A 279 -22.20 21.71 -6.45
CA GLY A 279 -21.72 20.35 -6.66
C GLY A 279 -20.67 20.23 -7.74
N ALA A 280 -19.74 21.19 -7.79
CA ALA A 280 -18.69 21.21 -8.79
C ALA A 280 -17.37 21.53 -8.10
N ARG A 281 -16.30 20.88 -8.56
CA ARG A 281 -14.98 21.05 -7.98
C ARG A 281 -14.16 22.04 -8.79
N PHE A 282 -13.26 22.74 -8.11
CA PHE A 282 -12.28 23.60 -8.76
C PHE A 282 -11.03 22.79 -9.13
N ASN A 283 -11.26 21.73 -9.90
CA ASN A 283 -10.19 20.90 -10.43
C ASN A 283 -9.92 21.31 -11.88
N TRP A 284 -9.31 20.41 -12.66
CA TRP A 284 -8.89 20.77 -14.01
C TRP A 284 -10.09 21.08 -14.91
N ILE A 285 -11.25 20.49 -14.63
CA ILE A 285 -12.42 20.72 -15.48
C ILE A 285 -12.85 22.18 -15.41
N LEU A 286 -12.86 22.76 -14.20
CA LEU A 286 -13.20 24.17 -14.03
C LEU A 286 -11.95 25.04 -13.94
N HIS A 287 -10.80 24.54 -14.40
CA HIS A 287 -9.57 25.33 -14.54
C HIS A 287 -9.09 25.89 -13.20
N PHE A 288 -9.33 25.15 -12.11
CA PHE A 288 -8.80 25.39 -10.77
C PHE A 288 -9.32 26.68 -10.13
N GLY A 289 -10.27 27.36 -10.76
CA GLY A 289 -10.77 28.61 -10.21
C GLY A 289 -9.71 29.68 -10.03
N LEU A 290 -8.66 29.63 -10.84
CA LEU A 290 -7.48 30.48 -10.70
C LEU A 290 -7.15 31.13 -12.03
N PRO A 291 -6.33 32.19 -12.02
CA PRO A 291 -5.83 32.73 -13.28
C PRO A 291 -5.03 31.68 -14.03
N PRO A 292 -4.95 31.80 -15.36
CA PRO A 292 -5.47 32.87 -16.23
C PRO A 292 -6.92 32.69 -16.65
N ARG A 293 -7.69 31.85 -15.97
CA ARG A 293 -9.07 31.59 -16.36
C ARG A 293 -10.09 32.30 -15.48
N TYR A 294 -9.69 32.82 -14.33
CA TYR A 294 -10.58 33.53 -13.43
C TYR A 294 -9.92 34.85 -13.01
N SER A 295 -10.72 35.70 -12.37
CA SER A 295 -10.18 36.91 -11.76
C SER A 295 -9.38 36.54 -10.51
N LYS A 296 -8.34 37.34 -10.24
CA LYS A 296 -7.54 37.13 -9.04
C LYS A 296 -8.41 37.16 -7.79
N ASP A 297 -9.36 38.09 -7.73
CA ASP A 297 -10.15 38.36 -6.53
C ASP A 297 -11.57 37.86 -6.67
N VAL A 298 -11.76 36.70 -7.32
CA VAL A 298 -13.10 36.17 -7.52
C VAL A 298 -13.64 35.63 -6.20
N ARG A 299 -14.92 35.88 -5.95
CA ARG A 299 -15.59 35.43 -4.74
C ARG A 299 -16.32 34.13 -5.03
N VAL A 300 -16.31 33.20 -4.07
CA VAL A 300 -16.81 31.85 -4.30
C VAL A 300 -17.80 31.48 -3.20
N ILE A 301 -19.01 31.10 -3.62
CA ILE A 301 -19.94 30.35 -2.78
C ILE A 301 -19.87 28.90 -3.25
N GLN A 302 -19.47 28.00 -2.36
CA GLN A 302 -19.21 26.61 -2.74
C GLN A 302 -20.16 25.68 -2.01
N LEU A 303 -20.99 24.96 -2.77
CA LEU A 303 -21.91 23.98 -2.23
C LEU A 303 -21.35 22.59 -2.55
N ASP A 304 -20.84 21.91 -1.54
CA ASP A 304 -20.31 20.57 -1.73
C ASP A 304 -20.67 19.72 -0.52
N LEU A 305 -20.75 18.40 -0.74
CA LEU A 305 -21.01 17.48 0.36
C LEU A 305 -19.74 17.22 1.18
N SER A 306 -18.58 17.20 0.54
CA SER A 306 -17.31 16.99 1.23
C SER A 306 -16.83 18.31 1.82
N ALA A 307 -16.71 18.35 3.16
CA ALA A 307 -16.21 19.56 3.80
C ALA A 307 -14.74 19.80 3.46
N GLU A 308 -13.97 18.75 3.22
CA GLU A 308 -12.55 18.91 2.91
C GLU A 308 -12.35 19.58 1.55
N GLU A 309 -13.33 19.47 0.66
CA GLU A 309 -13.20 20.06 -0.68
C GLU A 309 -13.36 21.57 -0.65
N ILE A 310 -13.92 22.12 0.42
CA ILE A 310 -14.20 23.55 0.48
C ILE A 310 -12.90 24.35 0.45
N GLY A 311 -12.86 25.37 -0.39
CA GLY A 311 -11.74 26.27 -0.47
C GLY A 311 -10.50 25.71 -1.17
N ASN A 312 -10.63 24.62 -1.90
CA ASN A 312 -9.48 24.05 -2.60
C ASN A 312 -9.09 24.92 -3.79
N ASN A 313 -7.78 25.16 -3.93
CA ASN A 313 -7.21 26.04 -4.95
C ASN A 313 -7.63 27.49 -4.75
N ARG A 314 -8.93 27.76 -4.73
CA ARG A 314 -9.46 29.10 -4.53
C ARG A 314 -10.33 29.13 -3.28
N GLN A 315 -10.04 30.07 -2.39
CA GLN A 315 -10.76 30.19 -1.13
C GLN A 315 -12.25 30.36 -1.35
N ALA A 316 -13.04 29.81 -0.44
CA ALA A 316 -14.49 29.90 -0.48
C ALA A 316 -14.95 30.99 0.48
N GLU A 317 -15.62 32.01 -0.05
CA GLU A 317 -16.10 33.10 0.79
C GLU A 317 -17.27 32.65 1.66
N VAL A 318 -18.16 31.82 1.11
CA VAL A 318 -19.29 31.26 1.85
C VAL A 318 -19.30 29.76 1.58
N ALA A 319 -19.08 28.98 2.64
CA ALA A 319 -19.10 27.52 2.54
C ALA A 319 -20.49 27.00 2.85
N LEU A 320 -21.00 26.14 1.96
CA LEU A 320 -22.28 25.48 2.13
C LEU A 320 -22.03 23.96 2.08
N VAL A 321 -21.67 23.40 3.23
CA VAL A 321 -21.37 21.98 3.34
C VAL A 321 -22.65 21.21 3.60
N GLY A 322 -22.97 20.27 2.73
CA GLY A 322 -24.13 19.43 2.89
C GLY A 322 -24.59 18.90 1.54
N ASP A 323 -25.84 18.44 1.51
CA ASP A 323 -26.42 17.86 0.30
C ASP A 323 -26.93 18.95 -0.63
N GLY A 324 -26.78 18.72 -1.93
CA GLY A 324 -27.20 19.68 -2.93
C GLY A 324 -28.68 20.00 -2.92
N LYS A 325 -29.51 18.96 -3.05
CA LYS A 325 -30.96 19.15 -3.05
C LYS A 325 -31.43 19.84 -1.77
N ALA A 326 -30.84 19.47 -0.63
CA ALA A 326 -31.29 20.01 0.64
C ALA A 326 -30.88 21.48 0.80
N ILE A 327 -29.64 21.83 0.45
CA ILE A 327 -29.17 23.19 0.67
C ILE A 327 -29.83 24.16 -0.31
N VAL A 328 -30.01 23.75 -1.56
CA VAL A 328 -30.73 24.60 -2.52
C VAL A 328 -32.18 24.77 -2.09
N GLY A 329 -32.77 23.73 -1.48
CA GLY A 329 -34.09 23.89 -0.89
C GLY A 329 -34.12 24.97 0.18
N GLN A 330 -33.07 25.02 1.00
CA GLN A 330 -32.95 26.10 1.99
C GLN A 330 -32.86 27.46 1.29
N LEU A 331 -32.05 27.55 0.23
CA LEU A 331 -31.90 28.80 -0.50
C LEU A 331 -33.21 29.24 -1.14
N ASN A 332 -34.04 28.30 -1.59
CA ASN A 332 -35.34 28.68 -2.14
C ASN A 332 -36.27 29.17 -1.04
N GLN A 333 -36.20 28.57 0.15
CA GLN A 333 -37.00 29.05 1.27
C GLN A 333 -36.56 30.45 1.70
N ALA A 334 -35.25 30.68 1.77
CA ALA A 334 -34.74 31.99 2.19
C ALA A 334 -35.01 33.06 1.14
N LEU A 335 -35.07 32.66 -0.14
CA LEU A 335 -35.42 33.61 -1.19
C LEU A 335 -36.83 34.18 -1.02
N SER A 336 -37.70 33.47 -0.30
CA SER A 336 -39.05 33.98 -0.08
C SER A 336 -39.05 35.13 0.92
N SER A 337 -38.23 35.03 1.97
CA SER A 337 -38.10 36.12 2.93
C SER A 337 -37.49 37.35 2.29
N ARG A 338 -36.69 37.16 1.25
CA ARG A 338 -36.20 38.27 0.44
C ARG A 338 -37.10 38.46 -0.77
N GLN A 339 -36.85 39.51 -1.52
CA GLN A 339 -37.60 39.79 -2.74
C GLN A 339 -36.64 40.27 -3.81
N TRP A 340 -35.58 39.49 -4.04
CA TRP A 340 -34.51 39.88 -4.93
C TRP A 340 -34.42 38.93 -6.11
N PHE A 341 -34.14 39.50 -7.28
CA PHE A 341 -33.74 38.77 -8.46
C PHE A 341 -32.63 39.57 -9.13
N TYR A 342 -31.78 38.88 -9.88
CA TYR A 342 -30.76 39.58 -10.64
C TYR A 342 -31.44 40.45 -11.70
N PRO A 343 -31.13 41.76 -11.76
CA PRO A 343 -31.90 42.66 -12.63
C PRO A 343 -31.88 42.22 -14.09
N ALA A 344 -32.93 42.61 -14.81
CA ALA A 344 -33.14 42.11 -16.16
C ALA A 344 -32.11 42.67 -17.14
N GLU A 345 -31.69 43.93 -16.94
CA GLU A 345 -30.75 44.59 -17.82
C GLU A 345 -29.54 45.03 -17.02
N THR A 346 -28.42 44.34 -17.20
CA THR A 346 -27.13 44.68 -16.63
C THR A 346 -26.07 44.59 -17.71
N PRO A 347 -24.96 45.32 -17.56
CA PRO A 347 -23.85 45.14 -18.51
C PRO A 347 -23.34 43.71 -18.56
N TRP A 348 -23.47 42.96 -17.46
CA TRP A 348 -23.02 41.58 -17.43
C TRP A 348 -23.85 40.71 -18.36
N ARG A 349 -25.15 40.99 -18.48
CA ARG A 349 -25.99 40.22 -19.39
C ARG A 349 -25.75 40.60 -20.85
N GLU A 350 -25.37 41.85 -21.12
CA GLU A 350 -25.11 42.26 -22.49
C GLU A 350 -23.78 41.71 -22.99
N ALA A 351 -22.78 41.59 -22.11
CA ALA A 351 -21.50 41.01 -22.52
C ALA A 351 -21.64 39.52 -22.77
N ILE A 352 -22.46 38.84 -21.97
CA ILE A 352 -22.69 37.40 -22.16
C ILE A 352 -23.38 37.15 -23.49
N ALA A 353 -24.42 37.94 -23.78
CA ALA A 353 -25.18 37.76 -25.03
C ALA A 353 -24.32 38.06 -26.24
N ALA A 354 -23.45 39.07 -26.15
CA ALA A 354 -22.61 39.42 -27.29
C ALA A 354 -21.57 38.35 -27.56
N LYS A 355 -21.01 37.76 -26.51
CA LYS A 355 -20.00 36.73 -26.71
C LYS A 355 -20.61 35.42 -27.17
N ILE A 356 -21.85 35.13 -26.77
CA ILE A 356 -22.54 33.95 -27.29
C ILE A 356 -22.82 34.11 -28.77
N ALA A 357 -23.27 35.29 -29.19
CA ALA A 357 -23.53 35.53 -30.60
C ALA A 357 -22.24 35.54 -31.43
N GLY A 358 -21.12 35.93 -30.82
CA GLY A 358 -19.86 35.89 -31.53
C GLY A 358 -19.38 34.48 -31.78
N ASN A 359 -19.49 33.62 -30.77
CA ASN A 359 -19.05 32.23 -30.93
C ASN A 359 -19.94 31.46 -31.89
N GLN A 360 -21.22 31.83 -32.00
CA GLN A 360 -22.09 31.17 -32.96
C GLN A 360 -21.75 31.57 -34.39
N ALA A 361 -21.38 32.84 -34.59
CA ALA A 361 -20.95 33.28 -35.92
C ALA A 361 -19.60 32.70 -36.30
N ALA A 362 -18.78 32.31 -35.33
CA ALA A 362 -17.49 31.70 -35.63
C ALA A 362 -17.62 30.25 -36.07
N VAL A 363 -18.67 29.56 -35.63
CA VAL A 363 -18.86 28.16 -36.01
C VAL A 363 -19.96 27.98 -37.06
N ALA A 364 -20.75 29.01 -37.34
CA ALA A 364 -21.82 28.88 -38.33
C ALA A 364 -21.32 28.46 -39.71
N PRO A 365 -20.21 29.00 -40.25
CA PRO A 365 -19.75 28.49 -41.55
C PRO A 365 -19.35 27.02 -41.53
N MET A 366 -18.86 26.52 -40.40
CA MET A 366 -18.47 25.12 -40.33
C MET A 366 -19.69 24.21 -40.23
N ILE A 367 -20.73 24.63 -39.50
CA ILE A 367 -21.95 23.84 -39.42
C ILE A 367 -22.62 23.74 -40.79
N ALA A 368 -22.49 24.78 -41.62
CA ALA A 368 -23.16 24.84 -42.90
C ALA A 368 -22.34 24.24 -44.05
N ASP A 369 -21.05 24.00 -43.85
CA ASP A 369 -20.19 23.52 -44.92
C ASP A 369 -20.55 22.09 -45.29
N ASN A 370 -21.09 21.90 -46.49
CA ASN A 370 -21.52 20.59 -46.96
C ASN A 370 -20.43 19.84 -47.72
N THR A 371 -19.24 20.40 -47.84
CA THR A 371 -18.19 19.76 -48.61
C THR A 371 -17.66 18.53 -47.89
N SER A 372 -17.30 17.50 -48.68
CA SER A 372 -16.81 16.23 -48.16
C SER A 372 -15.33 16.05 -48.50
N PRO A 373 -14.52 15.49 -47.58
CA PRO A 373 -14.87 15.00 -46.24
C PRO A 373 -15.31 16.09 -45.27
N MET A 374 -16.19 15.76 -44.33
CA MET A 374 -16.84 16.73 -43.47
C MET A 374 -16.00 17.07 -42.26
N ASN A 375 -16.23 18.28 -41.74
CA ASN A 375 -15.67 18.68 -40.45
C ASN A 375 -16.60 18.22 -39.32
N TYR A 376 -16.14 18.43 -38.08
CA TYR A 376 -16.88 17.93 -36.92
C TYR A 376 -18.26 18.57 -36.81
N TYR A 377 -18.35 19.88 -37.04
CA TYR A 377 -19.62 20.59 -36.83
C TYR A 377 -20.64 20.24 -37.90
N ARG A 378 -20.20 19.94 -39.12
CA ARG A 378 -21.15 19.50 -40.15
C ARG A 378 -21.72 18.13 -39.82
N VAL A 379 -20.89 17.22 -39.30
CA VAL A 379 -21.37 15.89 -38.93
C VAL A 379 -22.39 15.99 -37.81
N TYR A 380 -22.10 16.80 -36.79
CA TYR A 380 -23.01 16.93 -35.66
C TYR A 380 -24.31 17.65 -36.03
N ARG A 381 -24.34 18.36 -37.16
CA ARG A 381 -25.57 19.00 -37.59
C ARG A 381 -26.66 17.96 -37.82
N ASP A 382 -26.34 16.90 -38.55
CA ASP A 382 -27.30 15.83 -38.79
C ASP A 382 -27.47 14.91 -37.58
N ILE A 383 -26.47 14.82 -36.70
CA ILE A 383 -26.59 13.99 -35.51
C ILE A 383 -27.54 14.66 -34.51
N ALA A 384 -27.36 15.96 -34.27
CA ALA A 384 -28.16 16.66 -33.28
C ALA A 384 -29.63 16.70 -33.70
N ALA A 385 -29.90 16.91 -34.99
CA ALA A 385 -31.27 16.98 -35.47
C ALA A 385 -32.01 15.66 -35.34
N ARG A 386 -31.31 14.56 -35.05
CA ARG A 386 -31.94 13.24 -34.96
C ARG A 386 -31.83 12.64 -33.56
N LEU A 387 -31.47 13.45 -32.55
CA LEU A 387 -31.44 12.97 -31.17
C LEU A 387 -32.79 13.22 -30.51
N PRO A 388 -33.50 12.19 -30.06
CA PRO A 388 -34.71 12.43 -29.26
C PRO A 388 -34.36 13.16 -27.97
N ARG A 389 -35.34 13.93 -27.48
CA ARG A 389 -35.11 14.71 -26.26
C ARG A 389 -34.89 13.83 -25.04
N ASN A 390 -35.35 12.58 -25.06
CA ASN A 390 -35.17 11.65 -23.94
C ASN A 390 -34.01 10.70 -24.17
N ALA A 391 -33.06 11.06 -25.03
CA ALA A 391 -31.96 10.16 -25.35
C ALA A 391 -30.88 10.20 -24.26
N ILE A 392 -30.05 9.16 -24.26
CA ILE A 392 -28.87 9.09 -23.40
C ILE A 392 -27.66 9.14 -24.31
N ILE A 393 -26.83 10.17 -24.13
CA ILE A 393 -25.69 10.41 -25.01
C ILE A 393 -24.42 9.95 -24.31
N VAL A 394 -23.66 9.08 -24.97
CA VAL A 394 -22.35 8.66 -24.51
C VAL A 394 -21.30 9.31 -25.42
N GLY A 395 -20.40 10.07 -24.81
CA GLY A 395 -19.37 10.76 -25.58
C GLY A 395 -17.97 10.32 -25.21
N GLU A 396 -17.14 10.04 -26.21
CA GLU A 396 -15.79 9.56 -25.94
C GLU A 396 -14.87 9.96 -27.08
N GLY A 397 -13.65 10.36 -26.71
CA GLY A 397 -12.64 10.82 -27.64
C GLY A 397 -12.09 12.17 -27.21
N ALA A 398 -11.36 12.81 -28.11
CA ALA A 398 -10.85 14.15 -27.84
C ALA A 398 -11.70 15.18 -28.54
N ASN A 399 -11.43 15.43 -29.82
CA ASN A 399 -12.25 16.37 -30.58
C ASN A 399 -13.68 15.88 -30.71
N THR A 400 -13.87 14.58 -30.87
CA THR A 400 -15.22 14.03 -31.00
C THR A 400 -16.06 14.32 -29.76
N MET A 401 -15.49 14.08 -28.58
CA MET A 401 -16.25 14.27 -27.34
C MET A 401 -16.42 15.74 -27.00
N ASP A 402 -15.34 16.53 -27.14
CA ASP A 402 -15.40 17.94 -26.75
C ASP A 402 -16.35 18.72 -27.64
N ILE A 403 -16.24 18.54 -28.95
CA ILE A 403 -17.16 19.21 -29.88
C ILE A 403 -18.58 18.66 -29.72
N GLY A 404 -18.71 17.36 -29.43
CA GLY A 404 -20.03 16.81 -29.21
C GLY A 404 -20.69 17.33 -27.95
N ARG A 405 -19.90 17.72 -26.96
CA ARG A 405 -20.46 18.28 -25.74
C ARG A 405 -21.17 19.60 -26.01
N THR A 406 -20.63 20.43 -26.90
CA THR A 406 -21.23 21.71 -27.21
C THR A 406 -22.29 21.63 -28.29
N GLN A 407 -22.36 20.53 -29.03
CA GLN A 407 -23.31 20.40 -30.13
C GLN A 407 -24.43 19.42 -29.85
N MET A 408 -24.33 18.60 -28.80
CA MET A 408 -25.40 17.69 -28.41
C MET A 408 -26.00 18.16 -27.09
N PRO A 409 -27.14 18.84 -27.10
CA PRO A 409 -27.72 19.33 -25.85
C PRO A 409 -28.45 18.24 -25.09
N ASN A 410 -28.47 18.40 -23.76
CA ASN A 410 -29.22 17.54 -22.88
C ASN A 410 -30.29 18.36 -22.17
N PHE A 411 -31.52 17.87 -22.19
CA PHE A 411 -32.65 18.58 -21.59
C PHE A 411 -33.13 17.97 -20.29
N GLU A 412 -32.67 16.78 -19.94
CA GLU A 412 -32.97 16.14 -18.67
C GLU A 412 -31.67 15.68 -18.02
N PRO A 413 -31.61 15.64 -16.70
CA PRO A 413 -30.34 15.33 -16.02
C PRO A 413 -29.99 13.86 -16.13
N ARG A 414 -28.71 13.57 -15.83
CA ARG A 414 -28.18 12.22 -15.83
C ARG A 414 -28.44 11.51 -17.16
N SER A 415 -28.35 12.28 -18.25
CA SER A 415 -28.56 11.75 -19.59
C SER A 415 -27.32 11.89 -20.47
N ARG A 416 -26.16 12.18 -19.88
CA ARG A 416 -24.91 12.25 -20.62
C ARG A 416 -23.81 11.59 -19.82
N LEU A 417 -23.05 10.72 -20.48
CA LEU A 417 -21.93 10.01 -19.87
C LEU A 417 -20.72 10.14 -20.79
N ASP A 418 -19.62 10.67 -20.27
CA ASP A 418 -18.43 10.87 -21.08
C ASP A 418 -17.21 10.48 -20.25
N ALA A 419 -16.03 10.93 -20.69
CA ALA A 419 -14.77 10.50 -20.08
C ALA A 419 -14.66 10.90 -18.62
N GLY A 420 -15.42 11.89 -18.18
CA GLY A 420 -15.48 12.21 -16.77
C GLY A 420 -14.24 12.93 -16.25
N SER A 421 -14.13 12.92 -14.91
CA SER A 421 -13.06 13.63 -14.22
C SER A 421 -11.70 12.95 -14.37
N TYR A 422 -11.68 11.70 -14.85
CA TYR A 422 -10.43 10.98 -15.07
C TYR A 422 -9.93 11.08 -16.50
N GLY A 423 -10.77 11.58 -17.42
CA GLY A 423 -10.41 11.64 -18.83
C GLY A 423 -10.13 10.27 -19.41
N THR A 424 -11.00 9.31 -19.11
CA THR A 424 -10.75 7.91 -19.43
C THR A 424 -11.25 7.57 -20.83
N MET A 425 -10.39 6.94 -21.62
CA MET A 425 -10.78 6.27 -22.85
C MET A 425 -11.01 4.79 -22.54
N GLY A 426 -12.18 4.29 -22.92
CA GLY A 426 -12.51 2.90 -22.65
C GLY A 426 -13.83 2.74 -21.94
N ILE A 427 -14.51 3.85 -21.69
CA ILE A 427 -15.81 3.83 -21.02
C ILE A 427 -16.98 3.82 -22.00
N GLY A 428 -16.72 4.01 -23.28
CA GLY A 428 -17.77 4.15 -24.29
C GLY A 428 -18.83 3.09 -24.30
N LEU A 429 -18.51 1.91 -24.81
CA LEU A 429 -19.52 0.86 -24.95
C LEU A 429 -19.95 0.28 -23.60
N GLY A 430 -19.10 0.36 -22.58
CA GLY A 430 -19.52 -0.05 -21.25
C GLY A 430 -20.62 0.83 -20.69
N PHE A 431 -20.48 2.15 -20.86
CA PHE A 431 -21.53 3.06 -20.41
C PHE A 431 -22.81 2.88 -21.22
N ALA A 432 -22.67 2.61 -22.52
CA ALA A 432 -23.84 2.41 -23.37
C ALA A 432 -24.61 1.16 -22.97
N VAL A 433 -23.91 0.06 -22.70
CA VAL A 433 -24.59 -1.15 -22.25
C VAL A 433 -25.27 -0.92 -20.91
N ALA A 434 -24.62 -0.14 -20.03
CA ALA A 434 -25.22 0.16 -18.74
C ALA A 434 -26.49 0.99 -18.90
N ALA A 435 -26.43 2.03 -19.75
CA ALA A 435 -27.60 2.87 -19.98
C ALA A 435 -28.71 2.07 -20.66
N ALA A 436 -28.37 1.20 -21.61
CA ALA A 436 -29.37 0.39 -22.28
C ALA A 436 -29.98 -0.64 -21.33
N ALA A 437 -29.23 -1.09 -20.34
CA ALA A 437 -29.75 -2.04 -19.37
C ALA A 437 -30.65 -1.36 -18.34
N VAL A 438 -30.30 -0.14 -17.94
CA VAL A 438 -31.05 0.56 -16.90
C VAL A 438 -32.28 1.26 -17.48
N HIS A 439 -32.16 1.84 -18.67
CA HIS A 439 -33.25 2.56 -19.33
C HIS A 439 -33.53 1.94 -20.69
N PRO A 440 -34.16 0.76 -20.71
CA PRO A 440 -34.42 0.11 -22.01
C PRO A 440 -35.44 0.83 -22.87
N GLY A 441 -36.31 1.66 -22.29
CA GLY A 441 -37.30 2.40 -23.03
C GLY A 441 -36.84 3.74 -23.57
N ARG A 442 -35.55 4.06 -23.42
CA ARG A 442 -35.00 5.31 -23.93
C ARG A 442 -33.93 5.03 -24.98
N PRO A 443 -33.81 5.89 -25.99
CA PRO A 443 -32.74 5.71 -26.98
C PRO A 443 -31.37 5.90 -26.36
N VAL A 444 -30.42 5.09 -26.79
CA VAL A 444 -29.04 5.14 -26.33
C VAL A 444 -28.16 5.36 -27.55
N ILE A 445 -27.59 6.56 -27.66
CA ILE A 445 -26.70 6.91 -28.76
C ILE A 445 -25.32 7.15 -28.20
N ALA A 446 -24.32 6.47 -28.76
CA ALA A 446 -22.93 6.64 -28.37
C ALA A 446 -22.16 7.20 -29.55
N VAL A 447 -21.48 8.32 -29.33
CA VAL A 447 -20.70 9.00 -30.38
C VAL A 447 -19.25 8.97 -29.94
N GLN A 448 -18.42 8.18 -30.64
CA GLN A 448 -17.04 7.97 -30.28
C GLN A 448 -16.12 8.34 -31.44
N GLY A 449 -14.87 8.68 -31.09
CA GLY A 449 -13.82 8.76 -32.08
C GLY A 449 -13.29 7.39 -32.43
N ASP A 450 -12.51 7.32 -33.52
CA ASP A 450 -11.99 6.03 -33.96
C ASP A 450 -11.06 5.41 -32.91
N SER A 451 -10.27 6.26 -32.23
CA SER A 451 -9.39 5.74 -31.19
C SER A 451 -10.18 5.24 -29.99
N ALA A 452 -11.19 6.01 -29.56
CA ALA A 452 -11.97 5.62 -28.40
C ALA A 452 -12.77 4.34 -28.63
N PHE A 453 -13.23 4.12 -29.87
CA PHE A 453 -13.99 2.92 -30.16
C PHE A 453 -13.13 1.66 -30.04
N GLY A 454 -11.83 1.77 -30.29
CA GLY A 454 -10.94 0.63 -30.20
C GLY A 454 -10.72 0.11 -28.79
N PHE A 455 -11.01 0.93 -27.77
CA PHE A 455 -10.80 0.49 -26.41
C PHE A 455 -11.85 -0.53 -25.97
N SER A 456 -13.09 -0.34 -26.39
CA SER A 456 -14.19 -1.18 -25.92
C SER A 456 -15.11 -1.64 -27.04
N GLY A 457 -14.68 -1.54 -28.30
CA GLY A 457 -15.56 -1.85 -29.42
C GLY A 457 -16.04 -3.29 -29.44
N MET A 458 -15.30 -4.20 -28.79
CA MET A 458 -15.72 -5.59 -28.78
C MET A 458 -16.99 -5.81 -27.97
N GLU A 459 -17.36 -4.84 -27.14
CA GLU A 459 -18.59 -4.94 -26.34
C GLU A 459 -19.85 -4.77 -27.18
N PHE A 460 -19.71 -4.48 -28.49
CA PHE A 460 -20.90 -4.44 -29.34
C PHE A 460 -21.57 -5.80 -29.41
N GLU A 461 -20.81 -6.88 -29.29
CA GLU A 461 -21.40 -8.22 -29.27
C GLU A 461 -22.29 -8.39 -28.05
N THR A 462 -21.87 -7.83 -26.91
CA THR A 462 -22.72 -7.87 -25.71
C THR A 462 -24.06 -7.20 -25.96
N ALA A 463 -24.05 -6.04 -26.61
CA ALA A 463 -25.29 -5.33 -26.89
C ALA A 463 -26.21 -6.17 -27.78
N ALA A 464 -25.67 -6.79 -28.83
CA ALA A 464 -26.50 -7.62 -29.69
C ALA A 464 -26.96 -8.88 -28.99
N ARG A 465 -26.14 -9.42 -28.08
CA ARG A 465 -26.51 -10.63 -27.36
C ARG A 465 -27.67 -10.39 -26.40
N TYR A 466 -27.83 -9.17 -25.90
CA TYR A 466 -28.91 -8.84 -24.98
C TYR A 466 -29.99 -7.98 -25.61
N GLY A 467 -29.98 -7.82 -26.94
CA GLY A 467 -31.01 -7.03 -27.61
C GLY A 467 -31.02 -5.56 -27.26
N MET A 468 -29.86 -4.98 -26.97
CA MET A 468 -29.79 -3.55 -26.66
C MET A 468 -29.58 -2.77 -27.95
N PRO A 469 -30.57 -1.98 -28.40
CA PRO A 469 -30.45 -1.27 -29.68
C PRO A 469 -29.53 -0.05 -29.58
N ILE A 470 -28.29 -0.29 -29.15
CA ILE A 470 -27.32 0.79 -28.99
C ILE A 470 -26.93 1.34 -30.35
N LYS A 471 -26.99 2.66 -30.49
CA LYS A 471 -26.61 3.34 -31.72
C LYS A 471 -25.20 3.89 -31.54
N VAL A 472 -24.24 3.31 -32.25
CA VAL A 472 -22.83 3.69 -32.15
C VAL A 472 -22.47 4.50 -33.38
N ILE A 473 -22.03 5.74 -33.16
CA ILE A 473 -21.60 6.63 -34.23
C ILE A 473 -20.12 6.90 -34.07
N ILE A 474 -19.32 6.45 -35.03
CA ILE A 474 -17.87 6.63 -35.00
C ILE A 474 -17.49 7.79 -35.90
N LEU A 475 -16.73 8.73 -35.36
CA LEU A 475 -16.14 9.81 -36.14
C LEU A 475 -14.67 9.46 -36.35
N ASN A 476 -14.36 8.90 -37.51
CA ASN A 476 -13.03 8.35 -37.80
C ASN A 476 -12.23 9.35 -38.62
N ASN A 477 -11.29 10.02 -37.96
CA ASN A 477 -10.33 10.86 -38.64
C ASN A 477 -9.00 10.14 -38.88
N GLY A 478 -8.91 8.87 -38.49
CA GLY A 478 -7.72 8.09 -38.77
C GLY A 478 -6.58 8.28 -37.79
N GLY A 479 -6.87 8.69 -36.56
CA GLY A 479 -5.81 8.88 -35.59
C GLY A 479 -6.35 9.37 -34.27
N ILE A 480 -5.44 9.54 -33.33
CA ILE A 480 -5.74 10.02 -31.99
C ILE A 480 -5.78 11.54 -32.03
N GLY A 481 -6.99 12.11 -31.92
CA GLY A 481 -7.17 13.55 -31.91
C GLY A 481 -6.94 14.23 -33.24
N MET A 482 -6.35 13.56 -34.21
CA MET A 482 -5.88 14.20 -35.44
C MET A 482 -5.41 13.11 -36.40
N GLY A 483 -5.79 13.25 -37.66
CA GLY A 483 -5.37 12.32 -38.69
C GLY A 483 -3.88 12.42 -38.98
N SER A 484 -3.48 11.74 -40.06
CA SER A 484 -2.08 11.72 -40.45
C SER A 484 -1.95 11.36 -41.92
N PRO A 485 -1.00 11.95 -42.64
CA PRO A 485 -0.67 11.44 -43.98
C PRO A 485 -0.03 10.06 -43.86
N ALA A 486 -0.33 9.21 -44.84
CA ALA A 486 0.20 7.86 -44.82
C ALA A 486 1.72 7.88 -44.87
N PRO A 487 2.39 6.97 -44.16
CA PRO A 487 3.86 7.00 -44.13
C PRO A 487 4.47 6.77 -45.50
N ARG A 488 5.56 7.47 -45.77
CA ARG A 488 6.28 7.36 -47.04
C ARG A 488 7.77 7.35 -46.76
N ASP A 489 8.55 7.10 -47.82
CA ASP A 489 10.01 7.12 -47.75
C ASP A 489 10.54 6.09 -46.76
N GLY A 490 9.81 4.99 -46.57
CA GLY A 490 10.21 3.97 -45.62
C GLY A 490 10.15 4.38 -44.16
N GLN A 491 9.53 5.51 -43.86
CA GLN A 491 9.46 6.01 -42.49
C GLN A 491 8.36 5.25 -41.71
N PRO A 492 8.54 5.10 -40.40
CA PRO A 492 7.55 4.38 -39.60
C PRO A 492 6.26 5.19 -39.46
N GLY A 493 5.21 4.51 -39.03
CA GLY A 493 3.93 5.17 -38.82
C GLY A 493 3.97 6.12 -37.65
N MET A 494 3.22 7.21 -37.78
CA MET A 494 3.13 8.17 -36.69
C MET A 494 2.49 7.51 -35.48
N PRO A 495 3.00 7.77 -34.27
CA PRO A 495 2.48 7.08 -33.08
C PRO A 495 1.00 7.34 -32.81
N HIS A 496 0.46 8.45 -33.29
CA HIS A 496 -0.95 8.76 -33.09
C HIS A 496 -1.84 8.30 -34.22
N ALA A 497 -1.27 7.76 -35.30
CA ALA A 497 -2.04 7.43 -36.48
C ALA A 497 -2.76 6.09 -36.32
N LEU A 498 -3.92 5.98 -36.97
CA LEU A 498 -4.66 4.73 -37.03
C LEU A 498 -5.02 4.43 -38.47
N SER A 499 -6.15 3.74 -38.69
CA SER A 499 -6.59 3.38 -40.04
C SER A 499 -7.71 4.32 -40.46
N HIS A 500 -7.39 5.27 -41.34
CA HIS A 500 -8.39 6.21 -41.82
C HIS A 500 -9.41 5.53 -42.74
N ASP A 501 -8.99 4.47 -43.43
CA ASP A 501 -9.87 3.73 -44.33
C ASP A 501 -10.50 2.51 -43.65
N ALA A 502 -10.41 2.41 -42.33
CA ALA A 502 -10.99 1.28 -41.62
C ALA A 502 -12.50 1.26 -41.77
N ARG A 503 -13.07 0.07 -41.89
CA ARG A 503 -14.51 -0.13 -42.03
C ARG A 503 -15.07 -0.71 -40.73
N TYR A 504 -15.10 0.13 -39.69
CA TYR A 504 -15.51 -0.32 -38.37
C TYR A 504 -16.95 -0.85 -38.36
N GLU A 505 -17.78 -0.38 -39.29
CA GLU A 505 -19.18 -0.78 -39.29
C GLU A 505 -19.36 -2.26 -39.59
N ARG A 506 -18.33 -2.93 -40.11
CA ARG A 506 -18.43 -4.36 -40.36
C ARG A 506 -18.37 -5.17 -39.07
N ILE A 507 -17.93 -4.55 -37.97
CA ILE A 507 -17.99 -5.22 -36.68
C ILE A 507 -19.43 -5.40 -36.23
N ALA A 508 -20.30 -4.45 -36.58
CA ALA A 508 -21.72 -4.62 -36.30
C ALA A 508 -22.30 -5.78 -37.07
N GLU A 509 -21.86 -5.98 -38.31
CA GLU A 509 -22.36 -7.09 -39.12
C GLU A 509 -21.83 -8.43 -38.63
N ALA A 510 -20.77 -8.42 -37.81
CA ALA A 510 -20.28 -9.67 -37.24
C ALA A 510 -21.22 -10.23 -36.19
N PHE A 511 -22.09 -9.40 -35.61
CA PHE A 511 -22.96 -9.85 -34.53
C PHE A 511 -24.43 -9.55 -34.82
N GLY A 512 -24.81 -9.41 -36.08
CA GLY A 512 -26.20 -9.23 -36.44
C GLY A 512 -26.68 -7.79 -36.45
N GLY A 513 -25.86 -6.85 -35.99
CA GLY A 513 -26.22 -5.45 -36.03
C GLY A 513 -26.16 -4.90 -37.45
N ALA A 514 -26.50 -3.61 -37.55
CA ALA A 514 -26.50 -2.91 -38.83
C ALA A 514 -25.29 -2.01 -38.92
N GLY A 515 -24.66 -2.01 -40.09
CA GLY A 515 -23.47 -1.20 -40.33
C GLY A 515 -23.69 -0.24 -41.48
N PHE A 516 -23.17 0.98 -41.31
CA PHE A 516 -23.31 2.02 -42.32
C PHE A 516 -21.98 2.75 -42.45
N TYR A 517 -21.56 3.00 -43.68
CA TYR A 517 -20.33 3.72 -43.97
C TYR A 517 -20.67 5.02 -44.67
N VAL A 518 -20.06 6.11 -44.23
CA VAL A 518 -20.36 7.44 -44.74
C VAL A 518 -19.05 8.16 -45.04
N THR A 519 -18.92 8.66 -46.28
CA THR A 519 -17.79 9.49 -46.66
C THR A 519 -18.21 10.85 -47.21
N ASP A 520 -19.45 11.02 -47.65
CA ASP A 520 -19.95 12.26 -48.20
C ASP A 520 -21.14 12.75 -47.38
N SER A 521 -21.34 14.08 -47.38
CA SER A 521 -22.43 14.67 -46.61
C SER A 521 -23.80 14.26 -47.12
N ALA A 522 -23.90 13.82 -48.37
CA ALA A 522 -25.19 13.36 -48.90
C ALA A 522 -25.60 12.01 -48.33
N GLU A 523 -24.66 11.24 -47.79
CA GLU A 523 -24.97 9.94 -47.21
C GLU A 523 -25.27 10.00 -45.72
N LEU A 524 -24.88 11.08 -45.05
CA LEU A 524 -24.94 11.13 -43.59
C LEU A 524 -26.38 11.03 -43.09
N GLY A 525 -27.27 11.86 -43.65
CA GLY A 525 -28.66 11.89 -43.25
C GLY A 525 -29.35 10.55 -43.38
N PRO A 526 -29.41 10.01 -44.60
CA PRO A 526 -30.09 8.73 -44.79
C PRO A 526 -29.48 7.59 -43.99
N ALA A 527 -28.17 7.61 -43.75
CA ALA A 527 -27.55 6.56 -42.95
C ALA A 527 -27.93 6.68 -41.49
N LEU A 528 -28.02 7.91 -40.97
CA LEU A 528 -28.42 8.10 -39.59
C LEU A 528 -29.89 7.72 -39.39
N ASP A 529 -30.75 8.04 -40.37
CA ASP A 529 -32.15 7.67 -40.25
C ASP A 529 -32.32 6.16 -40.23
N ALA A 530 -31.60 5.45 -41.11
CA ALA A 530 -31.75 4.00 -41.19
C ALA A 530 -31.17 3.31 -39.95
N ALA A 531 -30.20 3.93 -39.29
CA ALA A 531 -29.63 3.33 -38.08
C ALA A 531 -30.56 3.53 -36.88
N MET A 532 -31.18 4.71 -36.76
CA MET A 532 -32.11 4.95 -35.67
C MET A 532 -33.36 4.09 -35.80
N ALA A 533 -33.81 3.83 -37.03
CA ALA A 533 -35.03 3.04 -37.24
C ALA A 533 -34.77 1.55 -37.14
N PHE A 534 -33.55 1.11 -37.41
CA PHE A 534 -33.22 -0.32 -37.34
C PHE A 534 -33.45 -0.85 -35.93
N LYS A 535 -34.38 -1.80 -35.81
CA LYS A 535 -34.71 -2.40 -34.52
C LYS A 535 -33.58 -3.32 -34.10
N GLY A 536 -32.55 -2.72 -33.51
CA GLY A 536 -31.36 -3.43 -33.09
C GLY A 536 -30.18 -2.49 -33.01
N PRO A 537 -29.06 -2.99 -32.50
CA PRO A 537 -27.85 -2.16 -32.42
C PRO A 537 -27.28 -1.88 -33.81
N ALA A 538 -26.59 -0.75 -33.92
CA ALA A 538 -26.05 -0.35 -35.21
C ALA A 538 -24.76 0.44 -35.01
N ILE A 539 -23.94 0.44 -36.05
CA ILE A 539 -22.72 1.24 -36.10
C ILE A 539 -22.75 2.09 -37.36
N VAL A 540 -22.52 3.39 -37.21
CA VAL A 540 -22.39 4.31 -38.33
C VAL A 540 -20.95 4.81 -38.35
N ASN A 541 -20.19 4.33 -39.32
CA ASN A 541 -18.77 4.67 -39.44
C ASN A 541 -18.63 5.86 -40.38
N ILE A 542 -18.26 7.02 -39.84
CA ILE A 542 -18.18 8.25 -40.59
C ILE A 542 -16.71 8.62 -40.76
N LYS A 543 -16.26 8.70 -42.00
CA LYS A 543 -14.89 9.10 -42.31
C LYS A 543 -14.86 10.61 -42.48
N ILE A 544 -14.16 11.30 -41.58
CA ILE A 544 -14.13 12.75 -41.56
C ILE A 544 -12.76 13.22 -42.03
N ALA A 545 -12.66 14.54 -42.23
CA ALA A 545 -11.39 15.14 -42.66
C ALA A 545 -10.31 14.92 -41.60
N ALA A 546 -9.12 14.54 -42.06
CA ALA A 546 -8.04 14.20 -41.15
C ALA A 546 -7.58 15.39 -40.32
N THR A 547 -7.71 16.61 -40.85
CA THR A 547 -7.26 17.81 -40.18
C THR A 547 -8.39 18.62 -39.56
N ALA A 548 -9.59 18.06 -39.51
CA ALA A 548 -10.71 18.74 -38.86
C ALA A 548 -10.40 18.97 -37.39
N ASP A 549 -10.75 20.15 -36.89
CA ASP A 549 -10.39 20.55 -35.54
C ASP A 549 -11.56 21.29 -34.90
N ARG A 550 -11.37 21.70 -33.65
CA ARG A 550 -12.39 22.42 -32.91
C ARG A 550 -12.25 23.93 -33.14
N LYS A 551 -13.26 24.66 -32.69
CA LYS A 551 -13.26 26.11 -32.82
C LYS A 551 -12.11 26.71 -32.03
N PRO A 552 -11.36 27.67 -32.59
CA PRO A 552 -10.23 28.26 -31.87
C PRO A 552 -10.70 29.00 -30.62
N GLN A 553 -9.91 28.88 -29.56
CA GLN A 553 -10.19 29.53 -28.29
C GLN A 553 -8.95 30.31 -27.84
N GLN A 554 -9.15 31.17 -26.84
CA GLN A 554 -8.01 31.89 -26.27
C GLN A 554 -7.11 30.98 -25.47
N PHE A 555 -7.66 29.94 -24.84
CA PHE A 555 -6.91 29.05 -23.97
C PHE A 555 -7.09 27.61 -24.42
N ASN A 556 -6.02 26.83 -24.28
CA ASN A 556 -6.12 25.39 -24.45
C ASN A 556 -6.92 24.78 -23.30
N TRP A 557 -7.62 23.69 -23.61
CA TRP A 557 -8.49 23.09 -22.60
C TRP A 557 -7.71 22.64 -21.37
N HIS A 558 -6.45 22.27 -21.54
CA HIS A 558 -5.61 21.77 -20.46
C HIS A 558 -4.76 22.87 -19.82
N GLY A 559 -4.05 23.64 -20.63
CA GLY A 559 -3.15 24.66 -20.11
C GLY A 559 -1.91 24.07 -19.48
N SER B 3 15.61 25.90 -42.62
CA SER B 3 16.81 25.80 -43.43
C SER B 3 18.04 25.55 -42.56
N ASN B 4 18.99 24.79 -43.10
CA ASN B 4 20.25 24.56 -42.38
C ASN B 4 21.14 25.78 -42.36
N ALA B 5 20.81 26.82 -43.14
CA ALA B 5 21.61 28.04 -43.17
C ALA B 5 21.37 28.95 -41.96
N MET B 6 20.31 28.71 -41.19
CA MET B 6 20.02 29.57 -40.04
C MET B 6 20.68 29.01 -38.79
N ALA B 7 21.19 29.92 -37.96
CA ALA B 7 21.87 29.54 -36.73
C ALA B 7 20.89 28.85 -35.78
N LYS B 8 21.20 27.63 -35.38
CA LYS B 8 20.39 26.86 -34.44
C LYS B 8 21.13 26.73 -33.11
N SER B 9 20.36 26.58 -32.04
CA SER B 9 20.91 26.32 -30.71
C SER B 9 20.77 24.83 -30.42
N GLU B 10 21.91 24.13 -30.40
CA GLU B 10 21.91 22.67 -30.31
C GLU B 10 22.59 22.16 -29.04
N GLY B 11 22.70 23.00 -28.02
CA GLY B 11 23.28 22.55 -26.77
C GLY B 11 22.31 21.96 -25.77
N LYS B 12 21.02 22.02 -26.05
CA LYS B 12 19.98 21.62 -25.11
C LYS B 12 19.32 20.32 -25.54
N VAL B 13 18.85 19.57 -24.55
CA VAL B 13 18.14 18.31 -24.77
C VAL B 13 17.10 18.18 -23.66
N ASN B 14 15.93 17.62 -24.00
CA ASN B 14 14.85 17.51 -23.03
C ASN B 14 14.73 16.09 -22.50
N GLY B 15 13.76 15.91 -21.59
CA GLY B 15 13.61 14.62 -20.93
C GLY B 15 13.17 13.51 -21.87
N ALA B 16 12.33 13.83 -22.85
CA ALA B 16 11.87 12.81 -23.80
C ALA B 16 13.05 12.26 -24.60
N THR B 17 13.91 13.14 -25.09
CA THR B 17 15.08 12.69 -25.84
C THR B 17 16.04 11.91 -24.96
N LEU B 18 16.26 12.38 -23.73
CA LEU B 18 17.09 11.63 -22.79
C LEU B 18 16.49 10.26 -22.50
N MET B 19 15.17 10.20 -22.35
CA MET B 19 14.51 8.91 -22.15
C MET B 19 14.72 8.00 -23.35
N ALA B 20 14.59 8.53 -24.57
CA ALA B 20 14.75 7.71 -25.77
C ALA B 20 16.19 7.23 -25.92
N ARG B 21 17.16 8.10 -25.71
CA ARG B 21 18.56 7.70 -25.83
C ARG B 21 18.95 6.69 -24.75
N ALA B 22 18.34 6.79 -23.57
CA ALA B 22 18.67 5.87 -22.48
C ALA B 22 18.08 4.49 -22.75
N LEU B 23 16.85 4.43 -23.27
CA LEU B 23 16.23 3.14 -23.56
C LEU B 23 17.00 2.39 -24.66
N GLN B 24 17.32 3.09 -25.75
CA GLN B 24 18.05 2.46 -26.85
C GLN B 24 19.41 1.96 -26.37
N GLN B 25 20.07 2.71 -25.49
CA GLN B 25 21.36 2.26 -24.96
C GLN B 25 21.21 1.01 -24.11
N GLN B 26 20.07 0.84 -23.45
CA GLN B 26 19.83 -0.32 -22.60
C GLN B 26 19.16 -1.48 -23.34
N GLY B 27 19.17 -1.45 -24.67
CA GLY B 27 18.67 -2.57 -25.45
C GLY B 27 17.18 -2.61 -25.66
N VAL B 28 16.46 -1.54 -25.33
CA VAL B 28 15.02 -1.49 -25.58
C VAL B 28 14.81 -1.27 -27.07
N GLN B 29 14.34 -2.29 -27.78
CA GLN B 29 14.10 -2.21 -29.20
C GLN B 29 12.63 -2.05 -29.55
N TYR B 30 11.72 -2.39 -28.65
CA TYR B 30 10.28 -2.39 -28.92
C TYR B 30 9.55 -1.66 -27.82
N MET B 31 8.60 -0.81 -28.22
CA MET B 31 7.80 -0.03 -27.29
C MET B 31 6.35 -0.08 -27.75
N PHE B 32 5.49 -0.66 -26.92
CA PHE B 32 4.06 -0.77 -27.20
C PHE B 32 3.31 0.20 -26.29
N GLY B 33 2.24 0.79 -26.81
CA GLY B 33 1.42 1.64 -25.99
C GLY B 33 0.43 2.47 -26.80
N ILE B 34 -0.17 3.44 -26.12
CA ILE B 34 -1.11 4.37 -26.72
C ILE B 34 -0.73 5.77 -26.26
N VAL B 35 -0.55 6.69 -27.20
CA VAL B 35 -0.04 8.01 -26.89
C VAL B 35 -1.17 8.95 -26.46
N GLY B 36 -0.81 10.18 -26.13
CA GLY B 36 -1.71 11.15 -25.54
C GLY B 36 -0.95 11.95 -24.50
N PHE B 37 -1.61 12.87 -23.83
CA PHE B 37 -0.95 13.63 -22.78
C PHE B 37 -0.45 12.68 -21.69
N PRO B 38 0.81 12.80 -21.26
CA PRO B 38 1.85 13.69 -21.77
C PRO B 38 2.98 12.95 -22.50
N VAL B 39 2.73 11.73 -22.98
CA VAL B 39 3.81 10.86 -23.44
C VAL B 39 4.04 10.94 -24.94
N ILE B 40 3.33 11.82 -25.66
CA ILE B 40 3.53 11.94 -27.10
C ILE B 40 4.99 12.24 -27.47
N PRO B 41 5.70 13.15 -26.80
CA PRO B 41 7.11 13.36 -27.16
C PRO B 41 8.00 12.16 -26.91
N ILE B 42 7.63 11.28 -25.98
CA ILE B 42 8.44 10.10 -25.70
C ILE B 42 8.37 9.13 -26.87
N ALA B 43 7.18 8.90 -27.43
CA ALA B 43 7.06 7.96 -28.53
C ALA B 43 7.72 8.49 -29.79
N ILE B 44 7.61 9.80 -30.03
CA ILE B 44 8.26 10.41 -31.19
C ILE B 44 9.78 10.31 -31.05
N ALA B 45 10.30 10.57 -29.85
CA ALA B 45 11.74 10.51 -29.64
C ALA B 45 12.26 9.08 -29.71
N ALA B 46 11.44 8.10 -29.32
CA ALA B 46 11.86 6.70 -29.40
C ALA B 46 12.06 6.27 -30.85
N GLN B 47 11.12 6.64 -31.73
CA GLN B 47 11.28 6.33 -33.15
C GLN B 47 12.51 7.02 -33.72
N ARG B 48 12.80 8.24 -33.25
CA ARG B 48 13.95 8.99 -33.76
C ARG B 48 15.28 8.34 -33.39
N GLU B 49 15.30 7.45 -32.40
CA GLU B 49 16.51 6.74 -32.01
C GLU B 49 16.59 5.33 -32.58
N GLY B 50 15.59 4.91 -33.35
CA GLY B 50 15.58 3.59 -33.94
C GLY B 50 14.71 2.57 -33.23
N ILE B 51 13.99 2.98 -32.19
CA ILE B 51 13.10 2.07 -31.47
C ILE B 51 11.82 1.90 -32.25
N THR B 52 11.30 0.68 -32.27
CA THR B 52 10.05 0.38 -32.96
C THR B 52 8.88 0.70 -32.02
N TYR B 53 8.07 1.70 -32.39
CA TYR B 53 6.86 2.01 -31.64
C TYR B 53 5.65 1.36 -32.32
N ILE B 54 4.80 0.75 -31.51
CA ILE B 54 3.62 0.04 -31.99
C ILE B 54 2.42 0.52 -31.19
N GLY B 55 1.50 1.21 -31.85
CA GLY B 55 0.32 1.74 -31.19
C GLY B 55 -0.79 0.72 -31.09
N MET B 56 -1.20 0.42 -29.86
CA MET B 56 -2.20 -0.60 -29.61
C MET B 56 -3.58 0.04 -29.50
N ARG B 57 -4.58 -0.77 -29.16
CA ARG B 57 -5.94 -0.29 -28.98
C ARG B 57 -6.37 -0.25 -27.51
N ASN B 58 -5.61 -0.85 -26.61
CA ASN B 58 -5.90 -0.81 -25.19
C ASN B 58 -4.59 -0.99 -24.44
N GLU B 59 -4.39 -0.18 -23.38
CA GLU B 59 -3.19 -0.32 -22.58
C GLU B 59 -3.08 -1.71 -21.98
N GLN B 60 -4.21 -2.39 -21.78
CA GLN B 60 -4.20 -3.76 -21.28
C GLN B 60 -3.40 -4.66 -22.22
N SER B 61 -3.69 -4.59 -23.52
CA SER B 61 -2.95 -5.39 -24.49
C SER B 61 -1.52 -4.88 -24.66
N ALA B 62 -1.33 -3.56 -24.60
CA ALA B 62 0.01 -3.00 -24.72
C ALA B 62 0.93 -3.49 -23.61
N SER B 63 0.41 -3.59 -22.39
CA SER B 63 1.24 -4.08 -21.28
C SER B 63 1.53 -5.56 -21.42
N TYR B 64 0.59 -6.34 -21.98
CA TYR B 64 0.84 -7.75 -22.21
C TYR B 64 1.86 -7.95 -23.33
N ALA B 65 1.81 -7.12 -24.37
CA ALA B 65 2.78 -7.25 -25.46
C ALA B 65 4.20 -6.95 -25.01
N ALA B 66 4.37 -6.02 -24.07
CA ALA B 66 5.71 -5.61 -23.64
C ALA B 66 6.45 -6.76 -22.95
N GLN B 67 5.76 -7.50 -22.08
CA GLN B 67 6.42 -8.59 -21.36
C GLN B 67 6.68 -9.78 -22.25
N ALA B 68 5.79 -10.04 -23.22
CA ALA B 68 6.06 -11.12 -24.19
C ALA B 68 7.29 -10.79 -25.03
N ALA B 69 7.40 -9.54 -25.49
CA ALA B 69 8.61 -9.13 -26.20
C ALA B 69 9.84 -9.24 -25.31
N SER B 70 9.68 -8.97 -24.02
CA SER B 70 10.81 -9.11 -23.10
C SER B 70 11.19 -10.57 -22.92
N TYR B 71 10.21 -11.47 -22.95
CA TYR B 71 10.49 -12.90 -22.82
C TYR B 71 11.11 -13.45 -24.10
N LEU B 72 10.75 -12.90 -25.25
CA LEU B 72 11.28 -13.39 -26.52
C LEU B 72 12.68 -12.83 -26.79
N THR B 73 12.91 -11.55 -26.50
CA THR B 73 14.21 -10.95 -26.79
C THR B 73 15.24 -11.24 -25.70
N GLY B 74 14.79 -11.50 -24.48
CA GLY B 74 15.68 -11.67 -23.36
C GLY B 74 16.13 -10.39 -22.70
N ARG B 75 15.47 -9.27 -22.97
CA ARG B 75 15.76 -7.98 -22.36
C ARG B 75 14.45 -7.25 -22.14
N PRO B 76 14.35 -6.42 -21.09
CA PRO B 76 13.10 -5.70 -20.82
C PRO B 76 12.74 -4.75 -21.95
N GLN B 77 11.55 -4.93 -22.49
CA GLN B 77 10.99 -4.05 -23.50
C GLN B 77 9.97 -3.10 -22.87
N ALA B 78 9.69 -2.01 -23.56
CA ALA B 78 8.97 -0.89 -22.96
C ALA B 78 7.47 -0.96 -23.27
N CYS B 79 6.68 -0.46 -22.31
CA CYS B 79 5.26 -0.18 -22.50
C CYS B 79 5.02 1.26 -22.10
N LEU B 80 4.45 2.06 -23.01
CA LEU B 80 4.26 3.49 -22.82
C LEU B 80 2.77 3.79 -22.72
N VAL B 81 2.35 4.31 -21.56
CA VAL B 81 0.95 4.61 -21.33
C VAL B 81 0.84 6.04 -20.81
N VAL B 82 -0.36 6.61 -20.96
CA VAL B 82 -0.63 7.97 -20.54
C VAL B 82 -0.84 7.99 -19.02
N SER B 83 -0.99 9.19 -18.46
CA SER B 83 -1.23 9.33 -17.04
C SER B 83 -2.63 8.87 -16.67
N GLY B 84 -2.83 8.61 -15.37
CA GLY B 84 -4.12 8.26 -14.85
C GLY B 84 -4.59 6.89 -15.29
N PRO B 85 -5.71 6.84 -16.01
CA PRO B 85 -6.28 5.53 -16.42
C PRO B 85 -5.38 4.76 -17.36
N GLY B 86 -4.43 5.42 -18.04
CA GLY B 86 -3.47 4.68 -18.85
C GLY B 86 -2.60 3.77 -18.02
N VAL B 87 -2.19 4.22 -16.83
CA VAL B 87 -1.40 3.39 -15.93
C VAL B 87 -2.27 2.33 -15.27
N VAL B 88 -3.52 2.69 -14.93
CA VAL B 88 -4.40 1.73 -14.28
C VAL B 88 -4.78 0.61 -15.25
N HIS B 89 -5.03 0.95 -16.52
CA HIS B 89 -5.29 -0.08 -17.52
C HIS B 89 -4.09 -1.00 -17.68
N ALA B 90 -2.88 -0.49 -17.49
CA ALA B 90 -1.65 -1.25 -17.68
C ALA B 90 -1.24 -2.04 -16.44
N LEU B 91 -1.96 -1.89 -15.32
CA LEU B 91 -1.66 -2.71 -14.14
C LEU B 91 -1.88 -4.19 -14.42
N ALA B 92 -2.71 -4.52 -15.42
CA ALA B 92 -2.88 -5.91 -15.82
C ALA B 92 -1.55 -6.56 -16.18
N GLY B 93 -0.75 -5.86 -16.98
CA GLY B 93 0.53 -6.43 -17.41
C GLY B 93 1.51 -6.57 -16.27
N LEU B 94 1.57 -5.59 -15.37
CA LEU B 94 2.49 -5.67 -14.24
C LEU B 94 2.20 -6.90 -13.39
N ALA B 95 0.92 -7.16 -13.11
CA ALA B 95 0.56 -8.32 -12.31
C ALA B 95 0.91 -9.62 -13.01
N ASN B 96 0.65 -9.70 -14.32
CA ASN B 96 0.95 -10.93 -15.05
C ASN B 96 2.46 -11.12 -15.20
N ALA B 97 3.20 -10.03 -15.41
CA ALA B 97 4.65 -10.15 -15.50
C ALA B 97 5.26 -10.57 -14.17
N GLN B 98 4.69 -10.09 -13.06
CA GLN B 98 5.20 -10.46 -11.75
C GLN B 98 4.97 -11.94 -11.47
N VAL B 99 3.82 -12.47 -11.86
CA VAL B 99 3.49 -13.87 -11.56
C VAL B 99 4.35 -14.82 -12.39
N ASN B 100 4.62 -14.47 -13.64
CA ASN B 100 5.38 -15.32 -14.55
C ASN B 100 6.89 -15.12 -14.44
N CYS B 101 7.35 -14.17 -13.61
CA CYS B 101 8.77 -13.86 -13.49
C CYS B 101 9.35 -13.39 -14.82
N TRP B 102 8.59 -12.53 -15.51
CA TRP B 102 9.02 -11.97 -16.78
C TRP B 102 9.40 -10.50 -16.61
N PRO B 103 10.49 -10.05 -17.22
CA PRO B 103 10.88 -8.64 -17.13
C PRO B 103 9.94 -7.77 -17.94
N MET B 104 9.91 -6.49 -17.58
CA MET B 104 9.01 -5.53 -18.21
C MET B 104 9.36 -4.14 -17.73
N LEU B 105 9.27 -3.16 -18.62
CA LEU B 105 9.50 -1.76 -18.29
C LEU B 105 8.27 -0.95 -18.70
N LEU B 106 7.45 -0.59 -17.71
CA LEU B 106 6.29 0.27 -17.95
C LEU B 106 6.67 1.72 -17.68
N ILE B 107 6.57 2.55 -18.71
CA ILE B 107 6.87 3.97 -18.61
C ILE B 107 5.55 4.72 -18.61
N GLY B 108 5.18 5.24 -17.45
CA GLY B 108 3.89 5.87 -17.25
C GLY B 108 4.05 7.37 -17.09
N GLY B 109 3.34 8.11 -17.93
CA GLY B 109 3.34 9.55 -17.80
C GLY B 109 2.56 10.00 -16.59
N ALA B 110 2.83 11.24 -16.17
CA ALA B 110 2.18 11.82 -15.01
C ALA B 110 1.91 13.28 -15.27
N SER B 111 0.94 13.82 -14.53
CA SER B 111 0.65 15.24 -14.62
C SER B 111 1.82 16.06 -14.07
N ALA B 112 1.81 17.35 -14.39
CA ALA B 112 2.90 18.22 -14.01
C ALA B 112 3.05 18.27 -12.49
N ILE B 113 4.31 18.22 -12.03
CA ILE B 113 4.58 18.18 -10.60
C ILE B 113 4.04 19.43 -9.91
N GLU B 114 4.20 20.60 -10.55
CA GLU B 114 3.77 21.85 -9.94
C GLU B 114 2.26 21.91 -9.72
N GLN B 115 1.49 21.02 -10.31
CA GLN B 115 0.05 21.01 -10.16
C GLN B 115 -0.45 19.95 -9.19
N ASN B 116 0.46 19.23 -8.52
CA ASN B 116 0.05 18.21 -7.57
C ASN B 116 -0.78 18.82 -6.45
N GLY B 117 -1.82 18.10 -6.05
CA GLY B 117 -2.74 18.56 -5.02
C GLY B 117 -3.87 19.43 -5.51
N MET B 118 -3.78 19.94 -6.74
CA MET B 118 -4.80 20.83 -7.30
C MET B 118 -5.96 20.09 -7.93
N GLY B 119 -5.89 18.77 -8.06
CA GLY B 119 -6.87 18.05 -8.85
C GLY B 119 -6.60 18.18 -10.33
N ALA B 120 -5.35 18.06 -10.75
CA ALA B 120 -4.98 18.26 -12.15
C ALA B 120 -5.53 17.13 -13.00
N PHE B 121 -5.43 17.32 -14.32
CA PHE B 121 -5.87 16.33 -15.28
C PHE B 121 -5.10 15.02 -15.10
N GLN B 122 -5.79 13.99 -14.61
CA GLN B 122 -5.23 12.64 -14.44
C GLN B 122 -4.11 12.59 -13.40
N GLU B 123 -4.23 13.40 -12.35
CA GLU B 123 -3.34 13.29 -11.21
C GLU B 123 -3.66 12.00 -10.45
N GLU B 124 -2.62 11.25 -10.08
CA GLU B 124 -2.84 9.94 -9.48
C GLU B 124 -1.59 9.48 -8.74
N ARG B 125 -1.80 8.77 -7.62
CA ARG B 125 -0.73 8.10 -6.91
C ARG B 125 -0.22 6.92 -7.73
N GLN B 126 0.45 7.20 -8.85
CA GLN B 126 0.76 6.14 -9.80
C GLN B 126 1.84 5.20 -9.27
N VAL B 127 2.91 5.75 -8.67
CA VAL B 127 3.95 4.90 -8.11
C VAL B 127 3.38 4.03 -7.00
N LEU B 128 2.44 4.57 -6.22
CA LEU B 128 1.84 3.80 -5.13
C LEU B 128 1.01 2.64 -5.67
N LEU B 129 0.25 2.86 -6.73
CA LEU B 129 -0.60 1.80 -7.27
C LEU B 129 0.21 0.69 -7.90
N ALA B 130 1.35 1.01 -8.50
CA ALA B 130 2.15 0.01 -9.20
C ALA B 130 3.13 -0.72 -8.29
N SER B 131 3.48 -0.13 -7.14
CA SER B 131 4.50 -0.71 -6.26
C SER B 131 4.23 -2.15 -5.86
N PRO B 132 3.02 -2.55 -5.43
CA PRO B 132 2.81 -3.96 -5.05
C PRO B 132 2.86 -4.93 -6.22
N LEU B 133 2.92 -4.46 -7.47
CA LEU B 133 2.99 -5.33 -8.64
C LEU B 133 4.33 -5.26 -9.35
N CYS B 134 5.34 -4.61 -8.76
CA CYS B 134 6.60 -4.38 -9.43
C CYS B 134 7.78 -4.77 -8.54
N LYS B 135 8.86 -5.20 -9.18
CA LYS B 135 10.14 -5.29 -8.49
C LYS B 135 10.73 -3.91 -8.23
N TYR B 136 10.42 -2.95 -9.10
CA TYR B 136 11.05 -1.63 -9.06
C TYR B 136 10.03 -0.60 -9.51
N ALA B 137 9.82 0.41 -8.68
CA ALA B 137 8.88 1.49 -9.00
C ALA B 137 9.41 2.79 -8.43
N HIS B 138 9.58 3.78 -9.29
CA HIS B 138 10.13 5.07 -8.86
C HIS B 138 9.72 6.13 -9.86
N GLN B 139 9.60 7.36 -9.38
CA GLN B 139 9.33 8.51 -10.24
C GLN B 139 10.62 9.24 -10.57
N VAL B 140 10.73 9.72 -11.80
CA VAL B 140 11.86 10.53 -12.24
C VAL B 140 11.53 11.98 -11.97
N GLU B 141 12.21 12.57 -10.98
CA GLU B 141 11.85 13.91 -10.53
C GLU B 141 12.48 15.01 -11.38
N ARG B 142 13.70 14.79 -11.87
CA ARG B 142 14.38 15.79 -12.68
C ARG B 142 14.91 15.15 -13.96
N PRO B 143 14.89 15.89 -15.07
CA PRO B 143 15.29 15.29 -16.35
C PRO B 143 16.74 14.84 -16.39
N GLU B 144 17.64 15.50 -15.67
CA GLU B 144 19.06 15.16 -15.73
C GLU B 144 19.38 13.81 -15.11
N ARG B 145 18.45 13.20 -14.37
CA ARG B 145 18.66 11.91 -13.75
C ARG B 145 17.99 10.78 -14.52
N ILE B 146 17.49 11.04 -15.73
CA ILE B 146 16.83 10.01 -16.51
C ILE B 146 17.77 8.85 -16.84
N PRO B 147 19.00 9.07 -17.32
CA PRO B 147 19.89 7.92 -17.56
C PRO B 147 20.13 7.08 -16.32
N TYR B 148 20.16 7.69 -15.14
CA TYR B 148 20.36 6.93 -13.91
C TYR B 148 19.18 5.99 -13.66
N TYR B 149 17.95 6.48 -13.80
CA TYR B 149 16.77 5.68 -13.48
C TYR B 149 16.53 4.60 -14.53
N VAL B 150 16.70 4.95 -15.81
CA VAL B 150 16.51 3.95 -16.86
C VAL B 150 17.49 2.80 -16.68
N GLU B 151 18.74 3.10 -16.33
CA GLU B 151 19.71 2.05 -16.07
C GLU B 151 19.30 1.21 -14.87
N GLN B 152 18.86 1.85 -13.79
CA GLN B 152 18.51 1.13 -12.57
C GLN B 152 17.24 0.30 -12.77
N ALA B 153 16.28 0.82 -13.53
CA ALA B 153 15.03 0.10 -13.74
C ALA B 153 15.25 -1.15 -14.60
N VAL B 154 15.97 -1.01 -15.71
CA VAL B 154 16.26 -2.15 -16.55
C VAL B 154 17.07 -3.19 -15.79
N ARG B 155 18.07 -2.74 -15.04
CA ARG B 155 18.88 -3.66 -14.24
C ARG B 155 18.02 -4.38 -13.21
N SER B 156 17.02 -3.70 -12.64
CA SER B 156 16.16 -4.34 -11.65
C SER B 156 15.21 -5.33 -12.29
N ALA B 157 14.69 -5.01 -13.48
CA ALA B 157 13.77 -5.91 -14.15
C ALA B 157 14.48 -7.15 -14.69
N LEU B 158 15.76 -7.02 -15.06
CA LEU B 158 16.46 -8.09 -15.77
C LEU B 158 17.22 -9.02 -14.82
N PHE B 159 17.92 -8.46 -13.84
CA PHE B 159 18.79 -9.27 -12.98
C PHE B 159 17.96 -10.05 -11.95
N GLY B 160 18.58 -11.09 -11.40
CA GLY B 160 17.92 -11.92 -10.40
C GLY B 160 16.68 -12.59 -10.95
N ARG B 161 15.71 -12.80 -10.08
CA ARG B 161 14.39 -13.26 -10.51
C ARG B 161 13.70 -12.13 -11.25
N PRO B 162 13.43 -12.26 -12.54
CA PRO B 162 12.93 -11.12 -13.32
C PRO B 162 11.54 -10.68 -12.87
N GLY B 163 11.24 -9.43 -13.15
CA GLY B 163 9.94 -8.87 -12.82
C GLY B 163 9.74 -7.53 -13.50
N ALA B 164 8.63 -6.90 -13.16
CA ALA B 164 8.24 -5.65 -13.79
C ALA B 164 8.92 -4.46 -13.12
N ALA B 165 9.20 -3.43 -13.92
CA ALA B 165 9.77 -2.18 -13.43
C ALA B 165 8.96 -1.02 -13.98
N TYR B 166 8.65 -0.06 -13.12
CA TYR B 166 7.82 1.09 -13.49
C TYR B 166 8.60 2.38 -13.28
N LEU B 167 8.51 3.28 -14.26
CA LEU B 167 9.13 4.60 -14.19
C LEU B 167 8.08 5.66 -14.46
N ASP B 168 7.83 6.50 -13.46
CA ASP B 168 6.87 7.58 -13.57
C ASP B 168 7.54 8.80 -14.20
N MET B 169 6.94 9.35 -15.24
CA MET B 169 7.49 10.48 -15.99
C MET B 169 6.53 11.65 -15.94
N PRO B 170 6.72 12.60 -15.02
CA PRO B 170 5.84 13.78 -14.98
C PRO B 170 5.98 14.63 -16.24
N ASP B 171 4.95 15.43 -16.50
CA ASP B 171 4.90 16.22 -17.73
C ASP B 171 6.04 17.23 -17.79
N ASP B 172 6.37 17.87 -16.66
CA ASP B 172 7.44 18.87 -16.66
C ASP B 172 8.82 18.24 -16.73
N VAL B 173 8.96 16.95 -16.42
CA VAL B 173 10.24 16.28 -16.61
C VAL B 173 10.43 15.91 -18.08
N ILE B 174 9.37 15.47 -18.76
CA ILE B 174 9.47 15.08 -20.16
C ILE B 174 9.86 16.28 -21.02
N LEU B 175 9.24 17.43 -20.77
CA LEU B 175 9.52 18.65 -21.52
C LEU B 175 10.65 19.48 -20.93
N GLY B 176 11.12 19.16 -19.74
CA GLY B 176 12.21 19.92 -19.13
C GLY B 176 13.52 19.69 -19.87
N GLU B 177 14.29 20.76 -20.01
CA GLU B 177 15.53 20.73 -20.78
C GLU B 177 16.74 20.83 -19.86
N VAL B 178 17.85 20.25 -20.32
CA VAL B 178 19.14 20.34 -19.65
C VAL B 178 20.22 20.49 -20.71
N GLU B 179 21.36 21.04 -20.31
CA GLU B 179 22.50 21.11 -21.20
C GLU B 179 22.99 19.70 -21.49
N GLU B 180 23.19 19.39 -22.78
CA GLU B 180 23.54 18.03 -23.18
C GLU B 180 24.85 17.59 -22.54
N ALA B 181 25.86 18.46 -22.54
CA ALA B 181 27.15 18.13 -21.96
C ALA B 181 27.12 18.01 -20.45
N ALA B 182 25.99 18.31 -19.81
CA ALA B 182 25.86 18.22 -18.36
C ALA B 182 25.16 16.95 -17.89
N VAL B 183 24.59 16.17 -18.80
CA VAL B 183 23.85 14.97 -18.40
C VAL B 183 24.86 13.90 -17.96
N ARG B 184 24.59 13.29 -16.82
CA ARG B 184 25.47 12.24 -16.31
C ARG B 184 25.28 10.97 -17.14
N PRO B 185 26.35 10.37 -17.65
CA PRO B 185 26.21 9.11 -18.38
C PRO B 185 25.85 7.97 -17.44
N ALA B 186 25.30 6.91 -18.02
CA ALA B 186 24.94 5.70 -17.29
C ALA B 186 25.57 4.50 -17.99
N ALA B 187 26.00 3.52 -17.20
CA ALA B 187 26.58 2.31 -17.77
C ALA B 187 25.51 1.48 -18.46
N THR B 188 25.95 0.70 -19.44
CA THR B 188 25.04 -0.18 -20.17
C THR B 188 24.84 -1.47 -19.40
N VAL B 189 23.59 -1.81 -19.11
CA VAL B 189 23.26 -3.05 -18.40
C VAL B 189 23.56 -4.23 -19.33
N GLY B 190 24.41 -5.14 -18.87
CA GLY B 190 24.82 -6.29 -19.65
C GLY B 190 23.92 -7.50 -19.42
N GLU B 191 24.54 -8.68 -19.50
CA GLU B 191 23.80 -9.92 -19.29
C GLU B 191 23.49 -10.09 -17.80
N PRO B 192 22.35 -10.68 -17.47
CA PRO B 192 22.06 -11.02 -16.07
C PRO B 192 23.08 -12.02 -15.55
N PRO B 193 23.67 -11.76 -14.39
CA PRO B 193 24.72 -12.65 -13.89
C PRO B 193 24.18 -14.04 -13.57
N ARG B 194 25.02 -15.03 -13.80
CA ARG B 194 24.67 -16.43 -13.56
C ARG B 194 25.43 -16.94 -12.33
N SER B 195 24.79 -17.83 -11.58
CA SER B 195 25.37 -18.37 -10.36
C SER B 195 25.38 -19.89 -10.43
N LEU B 196 26.33 -20.49 -9.72
CA LEU B 196 26.55 -21.92 -9.72
C LEU B 196 26.23 -22.52 -8.36
N ALA B 197 25.96 -23.81 -8.35
CA ALA B 197 25.72 -24.53 -7.11
C ALA B 197 27.04 -25.03 -6.53
N PRO B 198 27.10 -25.28 -5.22
CA PRO B 198 28.29 -25.92 -4.66
C PRO B 198 28.52 -27.29 -5.26
N GLN B 199 29.78 -27.71 -5.27
CA GLN B 199 30.14 -28.96 -5.96
C GLN B 199 29.47 -30.16 -5.32
N GLU B 200 29.38 -30.18 -3.98
CA GLU B 200 28.75 -31.32 -3.33
C GLU B 200 27.27 -31.40 -3.65
N ASN B 201 26.61 -30.25 -3.86
CA ASN B 201 25.21 -30.28 -4.29
C ASN B 201 25.08 -30.87 -5.68
N ILE B 202 26.02 -30.54 -6.57
CA ILE B 202 26.01 -31.12 -7.91
C ILE B 202 26.17 -32.63 -7.83
N GLU B 203 27.12 -33.09 -7.02
CA GLU B 203 27.35 -34.53 -6.91
C GLU B 203 26.19 -35.23 -6.21
N ALA B 204 25.64 -34.60 -5.15
CA ALA B 204 24.51 -35.20 -4.46
C ALA B 204 23.28 -35.31 -5.35
N ALA B 205 23.14 -34.39 -6.30
CA ALA B 205 22.03 -34.47 -7.25
C ALA B 205 22.17 -35.69 -8.15
N LEU B 206 23.37 -35.90 -8.70
CA LEU B 206 23.58 -37.07 -9.55
C LEU B 206 23.43 -38.37 -8.77
N ASP B 207 23.92 -38.39 -7.53
CA ASP B 207 23.75 -39.57 -6.69
C ASP B 207 22.28 -39.92 -6.51
N ALA B 208 21.44 -38.90 -6.27
CA ALA B 208 20.01 -39.15 -6.14
C ALA B 208 19.42 -39.68 -7.44
N LEU B 209 19.85 -39.13 -8.57
CA LEU B 209 19.35 -39.59 -9.87
C LEU B 209 19.68 -41.07 -10.09
N GLN B 210 20.91 -41.47 -9.75
CA GLN B 210 21.31 -42.86 -10.01
C GLN B 210 20.54 -43.84 -9.15
N SER B 211 20.04 -43.40 -7.99
CA SER B 211 19.34 -44.29 -7.07
C SER B 211 17.84 -44.38 -7.34
N ALA B 212 17.29 -43.48 -8.16
CA ALA B 212 15.86 -43.48 -8.38
C ALA B 212 15.44 -44.66 -9.26
N LYS B 213 14.37 -45.35 -8.85
CA LYS B 213 13.78 -46.39 -9.69
C LYS B 213 12.89 -45.82 -10.77
N ARG B 214 12.25 -44.67 -10.51
CA ARG B 214 11.30 -44.06 -11.43
C ARG B 214 11.55 -42.56 -11.50
N PRO B 215 12.67 -42.15 -12.11
CA PRO B 215 13.02 -40.72 -12.14
C PRO B 215 12.25 -39.96 -13.20
N LEU B 216 12.12 -38.66 -12.96
CA LEU B 216 11.39 -37.77 -13.87
C LEU B 216 11.97 -36.37 -13.80
N VAL B 217 12.33 -35.82 -14.96
CA VAL B 217 12.82 -34.45 -15.05
C VAL B 217 11.68 -33.58 -15.56
N ILE B 218 11.40 -32.49 -14.85
CA ILE B 218 10.38 -31.54 -15.26
C ILE B 218 11.08 -30.29 -15.77
N VAL B 219 10.74 -29.90 -17.00
CA VAL B 219 11.41 -28.79 -17.69
C VAL B 219 10.43 -27.62 -17.72
N GLY B 220 10.75 -26.56 -16.97
CA GLY B 220 9.90 -25.40 -16.89
C GLY B 220 10.39 -24.22 -17.73
N LYS B 221 9.54 -23.20 -17.81
CA LYS B 221 9.89 -22.03 -18.63
C LYS B 221 11.00 -21.20 -18.02
N GLY B 222 11.41 -21.49 -16.79
CA GLY B 222 12.61 -20.88 -16.25
C GLY B 222 13.86 -21.28 -17.02
N MET B 223 13.88 -22.50 -17.55
CA MET B 223 14.99 -22.91 -18.40
C MET B 223 14.91 -22.24 -19.77
N ALA B 224 13.69 -21.97 -20.25
CA ALA B 224 13.55 -21.23 -21.50
C ALA B 224 14.01 -19.79 -21.33
N TRP B 225 13.69 -19.16 -20.20
CA TRP B 225 14.14 -17.80 -19.95
C TRP B 225 15.66 -17.74 -19.85
N SER B 226 16.28 -18.75 -19.25
CA SER B 226 17.72 -18.78 -19.03
C SER B 226 18.53 -19.09 -20.28
N ARG B 227 17.87 -19.39 -21.41
CA ARG B 227 18.55 -19.82 -22.64
C ARG B 227 19.43 -21.04 -22.38
N ALA B 228 18.82 -22.08 -21.80
CA ALA B 228 19.53 -23.29 -21.40
C ALA B 228 19.13 -24.50 -22.23
N GLU B 229 18.55 -24.28 -23.41
CA GLU B 229 18.10 -25.40 -24.24
C GLU B 229 19.27 -26.28 -24.65
N ASN B 230 20.42 -25.68 -24.98
CA ASN B 230 21.57 -26.48 -25.41
C ASN B 230 22.04 -27.40 -24.30
N GLU B 231 22.16 -26.87 -23.08
CA GLU B 231 22.66 -27.66 -21.97
C GLU B 231 21.65 -28.73 -21.56
N VAL B 232 20.36 -28.38 -21.53
CA VAL B 232 19.34 -29.36 -21.16
C VAL B 232 19.29 -30.49 -22.18
N ARG B 233 19.34 -30.16 -23.47
CA ARG B 233 19.30 -31.19 -24.50
C ARG B 233 20.51 -32.12 -24.41
N GLN B 234 21.69 -31.55 -24.13
CA GLN B 234 22.85 -32.40 -23.85
C GLN B 234 22.65 -33.21 -22.58
N PHE B 235 21.94 -32.66 -21.60
CA PHE B 235 21.74 -33.36 -20.33
C PHE B 235 20.79 -34.55 -20.50
N ILE B 236 19.68 -34.35 -21.22
CA ILE B 236 18.71 -35.43 -21.40
C ILE B 236 19.24 -36.50 -22.34
N GLU B 237 19.91 -36.08 -23.42
CA GLU B 237 20.49 -37.05 -24.36
C GLU B 237 21.65 -37.83 -23.75
N ARG B 238 22.27 -37.32 -22.69
CA ARG B 238 23.36 -38.00 -22.01
C ARG B 238 22.85 -38.97 -20.95
N THR B 239 21.86 -38.55 -20.16
CA THR B 239 21.33 -39.40 -19.09
C THR B 239 20.22 -40.33 -19.57
N ARG B 240 19.52 -39.97 -20.66
CA ARG B 240 18.38 -40.73 -21.17
C ARG B 240 17.24 -40.78 -20.16
N LEU B 241 17.11 -39.75 -19.33
CA LEU B 241 16.05 -39.69 -18.33
C LEU B 241 14.74 -39.28 -18.98
N PRO B 242 13.61 -39.87 -18.56
CA PRO B 242 12.31 -39.35 -18.99
C PRO B 242 12.12 -37.91 -18.53
N PHE B 243 11.50 -37.10 -19.38
CA PHE B 243 11.27 -35.70 -19.06
C PHE B 243 9.82 -35.33 -19.33
N LEU B 244 9.35 -34.30 -18.62
CA LEU B 244 8.01 -33.75 -18.80
C LEU B 244 8.14 -32.24 -18.96
N ALA B 245 7.47 -31.69 -19.97
CA ALA B 245 7.50 -30.27 -20.24
C ALA B 245 6.29 -29.58 -19.63
N THR B 246 6.53 -28.45 -18.98
CA THR B 246 5.46 -27.58 -18.51
C THR B 246 4.82 -26.89 -19.71
N PRO B 247 3.65 -26.27 -19.53
CA PRO B 247 2.99 -25.62 -20.68
C PRO B 247 3.89 -24.72 -21.52
N MET B 248 4.58 -23.76 -20.90
CA MET B 248 5.50 -22.92 -21.66
C MET B 248 6.93 -23.42 -21.62
N GLY B 249 7.21 -24.50 -20.89
CA GLY B 249 8.46 -25.21 -21.05
C GLY B 249 8.54 -26.03 -22.32
N LYS B 250 7.42 -26.20 -23.02
CA LYS B 250 7.43 -26.88 -24.30
C LYS B 250 8.37 -26.17 -25.26
N GLY B 251 9.23 -26.95 -25.91
CA GLY B 251 10.19 -26.44 -26.86
C GLY B 251 11.62 -26.47 -26.36
N VAL B 252 11.83 -26.32 -25.05
CA VAL B 252 13.17 -26.43 -24.49
C VAL B 252 13.80 -27.76 -24.91
N MET B 253 13.08 -28.85 -24.69
CA MET B 253 13.27 -30.12 -25.36
C MET B 253 12.24 -30.26 -26.48
N PRO B 254 12.61 -30.78 -27.65
CA PRO B 254 11.62 -30.95 -28.72
C PRO B 254 10.49 -31.86 -28.27
N ASP B 255 9.26 -31.46 -28.59
CA ASP B 255 8.10 -32.21 -28.15
C ASP B 255 8.01 -33.58 -28.80
N ASP B 256 8.65 -33.78 -29.96
CA ASP B 256 8.65 -35.09 -30.61
C ASP B 256 9.77 -36.00 -30.10
N HIS B 257 10.57 -35.54 -29.15
CA HIS B 257 11.64 -36.35 -28.60
C HIS B 257 11.06 -37.63 -28.00
N PRO B 258 11.67 -38.79 -28.24
CA PRO B 258 11.08 -40.06 -27.76
C PRO B 258 11.08 -40.21 -26.25
N LEU B 259 11.79 -39.35 -25.51
CA LEU B 259 11.85 -39.47 -24.05
C LEU B 259 10.80 -38.61 -23.35
N SER B 260 9.89 -37.99 -24.09
CA SER B 260 8.85 -37.16 -23.48
C SER B 260 7.73 -38.02 -22.92
N VAL B 261 7.36 -37.77 -21.66
CA VAL B 261 6.25 -38.44 -21.01
C VAL B 261 4.97 -37.58 -21.08
N GLY B 262 4.92 -36.62 -22.02
CA GLY B 262 3.78 -35.72 -22.08
C GLY B 262 2.45 -36.42 -22.26
N GLY B 263 2.45 -37.52 -23.03
CA GLY B 263 1.27 -38.34 -23.21
C GLY B 263 0.91 -39.23 -22.05
N ALA B 264 1.71 -39.20 -20.98
CA ALA B 264 1.45 -39.97 -19.76
C ALA B 264 1.72 -39.11 -18.55
N ARG B 265 1.17 -37.89 -18.55
CA ARG B 265 1.53 -36.90 -17.54
C ARG B 265 1.07 -37.31 -16.14
N SER B 266 -0.20 -37.71 -16.02
CA SER B 266 -0.73 -38.04 -14.70
C SER B 266 0.03 -39.20 -14.07
N HIS B 267 0.26 -40.28 -14.84
CA HIS B 267 0.95 -41.43 -14.30
C HIS B 267 2.38 -41.10 -13.93
N ALA B 268 3.04 -40.25 -14.72
CA ALA B 268 4.43 -39.88 -14.43
C ALA B 268 4.54 -39.16 -13.10
N LEU B 269 3.73 -38.11 -12.89
CA LEU B 269 3.76 -37.39 -11.62
C LEU B 269 3.31 -38.29 -10.47
N GLN B 270 2.37 -39.20 -10.72
CA GLN B 270 1.81 -40.01 -9.64
C GLN B 270 2.82 -41.03 -9.14
N GLU B 271 3.48 -41.73 -10.04
CA GLU B 271 4.30 -42.90 -9.69
C GLU B 271 5.78 -42.60 -9.56
N ALA B 272 6.22 -41.37 -9.84
CA ALA B 272 7.63 -41.06 -9.75
C ALA B 272 8.10 -41.07 -8.30
N ASP B 273 9.27 -41.65 -8.07
CA ASP B 273 9.89 -41.60 -6.75
C ASP B 273 10.94 -40.50 -6.63
N LEU B 274 11.28 -39.83 -7.74
CA LEU B 274 12.21 -38.72 -7.72
C LEU B 274 11.85 -37.77 -8.85
N VAL B 275 11.79 -36.48 -8.53
CA VAL B 275 11.42 -35.44 -9.48
C VAL B 275 12.54 -34.40 -9.53
N PHE B 276 12.95 -34.04 -10.74
CA PHE B 276 14.01 -33.05 -10.97
C PHE B 276 13.35 -31.81 -11.59
N LEU B 277 13.17 -30.78 -10.77
CA LEU B 277 12.56 -29.53 -11.21
C LEU B 277 13.61 -28.66 -11.88
N LEU B 278 13.50 -28.47 -13.20
CA LEU B 278 14.37 -27.57 -13.94
C LEU B 278 13.58 -26.29 -14.24
N GLY B 279 13.79 -25.27 -13.42
CA GLY B 279 13.14 -23.98 -13.62
C GLY B 279 11.63 -24.07 -13.65
N ALA B 280 11.04 -24.86 -12.77
CA ALA B 280 9.59 -25.02 -12.68
C ALA B 280 9.18 -25.02 -11.22
N ARG B 281 8.15 -24.25 -10.89
CA ARG B 281 7.68 -24.13 -9.52
C ARG B 281 6.65 -25.19 -9.20
N PHE B 282 6.62 -25.59 -7.93
CA PHE B 282 5.59 -26.50 -7.42
C PHE B 282 4.33 -25.70 -7.04
N ASN B 283 3.79 -24.99 -8.02
CA ASN B 283 2.55 -24.25 -7.82
C ASN B 283 1.39 -25.01 -8.47
N TRP B 284 0.32 -24.30 -8.84
CA TRP B 284 -0.87 -24.98 -9.33
C TRP B 284 -0.63 -25.67 -10.66
N ILE B 285 0.35 -25.19 -11.45
CA ILE B 285 0.64 -25.81 -12.74
C ILE B 285 1.19 -27.22 -12.53
N LEU B 286 2.00 -27.42 -11.50
CA LEU B 286 2.54 -28.74 -11.20
C LEU B 286 1.88 -29.38 -9.98
N HIS B 287 0.70 -28.88 -9.59
CA HIS B 287 -0.13 -29.50 -8.55
C HIS B 287 0.59 -29.60 -7.21
N PHE B 288 1.43 -28.62 -6.91
CA PHE B 288 2.05 -28.42 -5.59
C PHE B 288 2.99 -29.55 -5.19
N GLY B 289 3.24 -30.51 -6.07
CA GLY B 289 4.12 -31.62 -5.74
C GLY B 289 3.64 -32.49 -4.60
N LEU B 290 2.33 -32.51 -4.35
CA LEU B 290 1.75 -33.17 -3.18
C LEU B 290 0.64 -34.11 -3.62
N PRO B 291 0.21 -35.01 -2.75
CA PRO B 291 -0.97 -35.83 -3.04
C PRO B 291 -2.17 -34.96 -3.35
N PRO B 292 -3.16 -35.49 -4.10
CA PRO B 292 -3.24 -36.85 -4.64
C PRO B 292 -2.49 -37.03 -5.95
N ARG B 293 -1.79 -35.99 -6.44
CA ARG B 293 -1.13 -36.05 -7.73
C ARG B 293 0.31 -36.58 -7.66
N TYR B 294 0.90 -36.66 -6.48
CA TYR B 294 2.26 -37.15 -6.31
C TYR B 294 2.30 -38.19 -5.21
N SER B 295 3.34 -39.02 -5.26
CA SER B 295 3.66 -39.88 -4.12
C SER B 295 4.05 -39.03 -2.93
N LYS B 296 3.48 -39.33 -1.77
CA LYS B 296 3.72 -38.52 -0.58
C LYS B 296 5.19 -38.56 -0.13
N ASP B 297 5.99 -39.49 -0.66
CA ASP B 297 7.39 -39.63 -0.29
C ASP B 297 8.32 -39.25 -1.44
N VAL B 298 7.84 -38.47 -2.41
CA VAL B 298 8.62 -38.20 -3.61
C VAL B 298 9.86 -37.38 -3.24
N ARG B 299 10.99 -37.74 -3.84
CA ARG B 299 12.23 -37.01 -3.64
C ARG B 299 12.36 -35.94 -4.73
N VAL B 300 12.81 -34.76 -4.32
CA VAL B 300 12.79 -33.59 -5.20
C VAL B 300 14.19 -33.01 -5.28
N ILE B 301 14.71 -32.91 -6.50
CA ILE B 301 15.86 -32.09 -6.83
C ILE B 301 15.33 -30.83 -7.51
N GLN B 302 15.52 -29.69 -6.87
CA GLN B 302 14.93 -28.44 -7.33
C GLN B 302 16.02 -27.49 -7.80
N LEU B 303 15.89 -27.02 -9.04
CA LEU B 303 16.79 -26.02 -9.62
C LEU B 303 15.99 -24.75 -9.84
N ASP B 304 16.32 -23.70 -9.10
CA ASP B 304 15.63 -22.42 -9.25
C ASP B 304 16.61 -21.30 -8.90
N LEU B 305 16.48 -20.18 -9.61
CA LEU B 305 17.34 -19.04 -9.33
C LEU B 305 17.01 -18.41 -7.97
N SER B 306 15.74 -18.46 -7.58
CA SER B 306 15.32 -17.86 -6.31
C SER B 306 15.54 -18.85 -5.17
N ALA B 307 16.36 -18.46 -4.19
CA ALA B 307 16.60 -19.33 -3.05
C ALA B 307 15.34 -19.53 -2.22
N GLU B 308 14.47 -18.52 -2.18
CA GLU B 308 13.26 -18.60 -1.36
C GLU B 308 12.27 -19.63 -1.88
N GLU B 309 12.37 -20.01 -3.15
CA GLU B 309 11.42 -20.95 -3.74
C GLU B 309 11.73 -22.40 -3.37
N ILE B 310 12.93 -22.67 -2.85
CA ILE B 310 13.34 -24.05 -2.59
C ILE B 310 12.53 -24.63 -1.44
N GLY B 311 11.92 -25.79 -1.68
CA GLY B 311 11.20 -26.49 -0.64
C GLY B 311 9.77 -26.05 -0.44
N ASN B 312 9.25 -25.17 -1.29
CA ASN B 312 7.87 -24.74 -1.18
C ASN B 312 6.93 -25.91 -1.41
N ASN B 313 5.93 -26.04 -0.53
CA ASN B 313 4.95 -27.12 -0.55
C ASN B 313 5.59 -28.48 -0.28
N ARG B 314 6.56 -28.88 -1.10
CA ARG B 314 7.24 -30.16 -0.95
C ARG B 314 8.73 -29.93 -0.74
N GLN B 315 9.30 -30.57 0.27
CA GLN B 315 10.70 -30.38 0.60
C GLN B 315 11.60 -30.84 -0.55
N ALA B 316 12.82 -30.29 -0.57
CA ALA B 316 13.81 -30.62 -1.57
C ALA B 316 14.96 -31.35 -0.90
N GLU B 317 15.23 -32.59 -1.34
CA GLU B 317 16.36 -33.33 -0.81
C GLU B 317 17.67 -32.71 -1.27
N VAL B 318 17.71 -32.20 -2.50
CA VAL B 318 18.88 -31.54 -3.05
C VAL B 318 18.44 -30.18 -3.57
N ALA B 319 19.13 -29.12 -3.13
CA ALA B 319 18.82 -27.76 -3.56
C ALA B 319 19.90 -27.29 -4.51
N LEU B 320 19.48 -26.78 -5.67
CA LEU B 320 20.38 -26.27 -6.70
C LEU B 320 19.96 -24.83 -7.02
N VAL B 321 20.41 -23.90 -6.17
CA VAL B 321 20.07 -22.49 -6.32
C VAL B 321 21.09 -21.83 -7.24
N GLY B 322 20.61 -21.20 -8.30
CA GLY B 322 21.48 -20.55 -9.25
C GLY B 322 20.84 -20.56 -10.63
N ASP B 323 21.66 -20.19 -11.62
CA ASP B 323 21.18 -20.08 -12.99
C ASP B 323 20.98 -21.45 -13.62
N GLY B 324 19.89 -21.60 -14.38
CA GLY B 324 19.58 -22.88 -14.99
C GLY B 324 20.62 -23.34 -15.99
N LYS B 325 21.08 -22.42 -16.84
CA LYS B 325 22.06 -22.78 -17.86
C LYS B 325 23.41 -23.13 -17.24
N ALA B 326 23.81 -22.40 -16.19
CA ALA B 326 25.10 -22.65 -15.57
C ALA B 326 25.09 -23.95 -14.77
N ILE B 327 24.00 -24.21 -14.02
CA ILE B 327 23.97 -25.38 -13.14
C ILE B 327 23.90 -26.67 -13.96
N VAL B 328 23.07 -26.70 -15.00
CA VAL B 328 23.01 -27.87 -15.87
C VAL B 328 24.36 -28.09 -16.53
N GLY B 329 25.07 -27.01 -16.87
CA GLY B 329 26.44 -27.17 -17.35
C GLY B 329 27.34 -27.84 -16.34
N GLN B 330 27.16 -27.51 -15.06
CA GLN B 330 27.89 -28.23 -14.02
C GLN B 330 27.53 -29.71 -14.02
N LEU B 331 26.24 -30.02 -14.17
CA LEU B 331 25.80 -31.41 -14.18
C LEU B 331 26.33 -32.15 -15.39
N ASN B 332 26.34 -31.51 -16.57
CA ASN B 332 26.93 -32.13 -17.74
C ASN B 332 28.42 -32.37 -17.54
N GLN B 333 29.09 -31.50 -16.78
CA GLN B 333 30.51 -31.70 -16.49
C GLN B 333 30.71 -32.87 -15.54
N ALA B 334 29.96 -32.89 -14.44
CA ALA B 334 30.13 -33.95 -13.44
C ALA B 334 29.73 -35.31 -13.98
N LEU B 335 28.92 -35.36 -15.03
CA LEU B 335 28.55 -36.63 -15.63
C LEU B 335 29.67 -37.24 -16.46
N SER B 336 30.60 -36.41 -16.94
CA SER B 336 31.68 -36.91 -17.78
C SER B 336 32.67 -37.78 -17.00
N SER B 337 32.58 -37.81 -15.67
CA SER B 337 33.40 -38.67 -14.85
C SER B 337 32.61 -39.84 -14.28
N ARG B 338 31.43 -40.12 -14.82
CA ARG B 338 30.57 -41.19 -14.35
C ARG B 338 30.13 -42.06 -15.51
N GLN B 339 29.95 -43.34 -15.23
CA GLN B 339 29.48 -44.30 -16.23
C GLN B 339 27.96 -44.44 -16.26
N TRP B 340 27.26 -43.83 -15.30
CA TRP B 340 25.82 -44.08 -15.19
C TRP B 340 25.04 -43.39 -16.30
N PHE B 341 24.03 -44.09 -16.79
CA PHE B 341 22.95 -43.52 -17.58
C PHE B 341 21.70 -44.33 -17.29
N TYR B 342 20.55 -43.70 -17.35
CA TYR B 342 19.33 -44.41 -17.02
C TYR B 342 19.14 -45.56 -18.01
N PRO B 343 19.09 -46.81 -17.53
CA PRO B 343 19.14 -47.96 -18.45
C PRO B 343 18.01 -47.95 -19.47
N ALA B 344 18.25 -48.64 -20.59
CA ALA B 344 17.30 -48.69 -21.68
C ALA B 344 16.11 -49.60 -21.39
N GLU B 345 16.24 -50.51 -20.44
CA GLU B 345 15.18 -51.49 -20.15
C GLU B 345 14.86 -51.41 -18.66
N THR B 346 13.78 -50.73 -18.32
CA THR B 346 13.30 -50.63 -16.95
C THR B 346 11.79 -50.82 -16.94
N PRO B 347 11.23 -51.30 -15.82
CA PRO B 347 9.77 -51.29 -15.69
C PRO B 347 9.18 -49.89 -15.80
N TRP B 348 9.90 -48.87 -15.33
CA TRP B 348 9.42 -47.51 -15.42
C TRP B 348 9.26 -47.06 -16.87
N ARG B 349 10.21 -47.44 -17.73
CA ARG B 349 10.08 -47.11 -19.15
C ARG B 349 8.87 -47.80 -19.76
N GLU B 350 8.66 -49.08 -19.44
CA GLU B 350 7.58 -49.84 -20.06
C GLU B 350 6.22 -49.34 -19.61
N ALA B 351 6.10 -48.91 -18.34
CA ALA B 351 4.84 -48.38 -17.87
C ALA B 351 4.49 -47.06 -18.56
N ILE B 352 5.49 -46.19 -18.74
CA ILE B 352 5.27 -44.91 -19.41
C ILE B 352 4.80 -45.15 -20.84
N ALA B 353 5.48 -46.05 -21.56
CA ALA B 353 5.09 -46.33 -22.93
C ALA B 353 3.66 -46.86 -23.01
N ALA B 354 3.26 -47.69 -22.05
CA ALA B 354 1.90 -48.22 -22.06
C ALA B 354 0.88 -47.11 -21.84
N LYS B 355 1.12 -46.23 -20.87
CA LYS B 355 0.19 -45.14 -20.61
C LYS B 355 0.11 -44.18 -21.79
N ILE B 356 1.24 -43.93 -22.46
CA ILE B 356 1.23 -43.09 -23.66
C ILE B 356 0.33 -43.70 -24.73
N ALA B 357 0.50 -45.00 -24.99
CA ALA B 357 -0.34 -45.67 -25.97
C ALA B 357 -1.81 -45.68 -25.54
N GLY B 358 -2.07 -45.72 -24.24
CA GLY B 358 -3.45 -45.71 -23.78
C GLY B 358 -4.15 -44.40 -24.07
N ASN B 359 -3.50 -43.28 -23.78
CA ASN B 359 -4.11 -41.99 -24.04
C ASN B 359 -4.20 -41.71 -25.54
N GLN B 360 -3.30 -42.27 -26.33
CA GLN B 360 -3.42 -42.14 -27.78
C GLN B 360 -4.68 -42.82 -28.29
N ALA B 361 -4.96 -44.03 -27.81
CA ALA B 361 -6.15 -44.76 -28.25
C ALA B 361 -7.44 -44.13 -27.74
N ALA B 362 -7.37 -43.29 -26.70
CA ALA B 362 -8.58 -42.69 -26.17
C ALA B 362 -9.05 -41.52 -27.04
N VAL B 363 -8.12 -40.74 -27.57
CA VAL B 363 -8.45 -39.59 -28.41
C VAL B 363 -8.37 -39.89 -29.90
N ALA B 364 -7.91 -41.07 -30.29
CA ALA B 364 -7.84 -41.40 -31.71
C ALA B 364 -9.20 -41.34 -32.41
N PRO B 365 -10.31 -41.86 -31.85
CA PRO B 365 -11.60 -41.68 -32.54
C PRO B 365 -12.01 -40.22 -32.67
N MET B 366 -11.73 -39.40 -31.66
CA MET B 366 -12.11 -37.99 -31.74
C MET B 366 -11.26 -37.23 -32.75
N ILE B 367 -10.00 -37.63 -32.95
CA ILE B 367 -9.16 -36.97 -33.95
C ILE B 367 -9.66 -37.29 -35.36
N ALA B 368 -10.14 -38.51 -35.58
CA ALA B 368 -10.58 -38.93 -36.90
C ALA B 368 -12.05 -38.65 -37.17
N ASP B 369 -12.84 -38.32 -36.16
CA ASP B 369 -14.27 -38.07 -36.33
C ASP B 369 -14.49 -36.83 -37.17
N ASN B 370 -15.06 -37.01 -38.37
CA ASN B 370 -15.26 -35.93 -39.32
C ASN B 370 -16.65 -35.32 -39.24
N THR B 371 -17.43 -35.66 -38.21
CA THR B 371 -18.79 -35.16 -38.12
C THR B 371 -18.80 -33.68 -37.75
N SER B 372 -19.75 -32.94 -38.32
CA SER B 372 -19.93 -31.52 -38.09
C SER B 372 -21.21 -31.26 -37.30
N PRO B 373 -21.19 -30.35 -36.32
CA PRO B 373 -20.07 -29.50 -35.88
C PRO B 373 -18.92 -30.30 -35.28
N MET B 374 -17.69 -29.87 -35.53
CA MET B 374 -16.51 -30.66 -35.17
C MET B 374 -16.19 -30.52 -33.69
N ASN B 375 -15.50 -31.53 -33.17
CA ASN B 375 -14.96 -31.49 -31.81
C ASN B 375 -13.58 -30.84 -31.86
N TYR B 376 -12.98 -30.68 -30.67
CA TYR B 376 -11.69 -29.99 -30.58
C TYR B 376 -10.59 -30.77 -31.29
N TYR B 377 -10.54 -32.09 -31.08
CA TYR B 377 -9.45 -32.89 -31.61
C TYR B 377 -9.51 -33.01 -33.12
N ARG B 378 -10.72 -33.08 -33.69
CA ARG B 378 -10.85 -33.04 -35.14
C ARG B 378 -10.35 -31.71 -35.70
N VAL B 379 -10.64 -30.60 -35.02
CA VAL B 379 -10.22 -29.30 -35.51
C VAL B 379 -8.70 -29.17 -35.48
N TYR B 380 -8.07 -29.62 -34.38
CA TYR B 380 -6.62 -29.51 -34.29
C TYR B 380 -5.89 -30.46 -35.22
N ARG B 381 -6.58 -31.47 -35.76
CA ARG B 381 -5.96 -32.33 -36.76
C ARG B 381 -5.56 -31.53 -38.00
N ASP B 382 -6.44 -30.63 -38.45
CA ASP B 382 -6.12 -29.77 -39.58
C ASP B 382 -5.23 -28.60 -39.19
N ILE B 383 -5.35 -28.10 -37.96
CA ILE B 383 -4.49 -27.02 -37.51
C ILE B 383 -3.04 -27.49 -37.36
N ALA B 384 -2.84 -28.62 -36.67
CA ALA B 384 -1.48 -29.08 -36.38
C ALA B 384 -0.75 -29.53 -37.62
N ALA B 385 -1.47 -30.02 -38.63
CA ALA B 385 -0.82 -30.48 -39.85
C ALA B 385 -0.31 -29.32 -40.70
N ARG B 386 -0.78 -28.10 -40.44
CA ARG B 386 -0.42 -26.92 -41.22
C ARG B 386 0.42 -25.92 -40.44
N LEU B 387 0.90 -26.30 -39.26
CA LEU B 387 1.75 -25.41 -38.46
C LEU B 387 3.20 -25.62 -38.84
N PRO B 388 3.91 -24.59 -39.33
CA PRO B 388 5.34 -24.75 -39.60
C PRO B 388 6.09 -25.03 -38.30
N ARG B 389 7.22 -25.72 -38.44
CA ARG B 389 8.01 -26.13 -37.28
C ARG B 389 8.79 -24.98 -36.64
N ASN B 390 8.84 -23.82 -37.28
CA ASN B 390 9.46 -22.63 -36.69
C ASN B 390 8.43 -21.59 -36.27
N ALA B 391 7.16 -21.94 -36.25
CA ALA B 391 6.12 -20.97 -35.94
C ALA B 391 6.12 -20.64 -34.45
N ILE B 392 5.57 -19.47 -34.13
CA ILE B 392 5.28 -19.06 -32.77
C ILE B 392 3.79 -19.24 -32.54
N ILE B 393 3.44 -19.96 -31.48
CA ILE B 393 2.06 -20.37 -31.21
C ILE B 393 1.57 -19.65 -29.97
N VAL B 394 0.45 -18.94 -30.11
CA VAL B 394 -0.21 -18.26 -29.00
C VAL B 394 -1.50 -19.01 -28.70
N GLY B 395 -1.64 -19.49 -27.47
CA GLY B 395 -2.82 -20.23 -27.07
C GLY B 395 -3.58 -19.55 -25.95
N GLU B 396 -4.89 -19.40 -26.12
CA GLU B 396 -5.70 -18.67 -25.15
C GLU B 396 -7.09 -19.26 -25.11
N GLY B 397 -7.62 -19.43 -23.90
CA GLY B 397 -8.93 -19.99 -23.64
C GLY B 397 -8.84 -21.05 -22.57
N ALA B 398 -9.87 -21.90 -22.51
CA ALA B 398 -9.88 -23.01 -21.57
C ALA B 398 -9.69 -24.32 -22.32
N ASN B 399 -10.78 -24.84 -22.90
CA ASN B 399 -10.66 -26.06 -23.70
C ASN B 399 -9.79 -25.83 -24.93
N THR B 400 -9.99 -24.72 -25.63
CA THR B 400 -9.20 -24.42 -26.83
C THR B 400 -7.71 -24.42 -26.51
N MET B 401 -7.33 -23.84 -25.38
CA MET B 401 -5.92 -23.71 -25.03
C MET B 401 -5.37 -25.03 -24.47
N ASP B 402 -6.07 -25.64 -23.53
CA ASP B 402 -5.58 -26.86 -22.89
C ASP B 402 -5.45 -27.99 -23.89
N ILE B 403 -6.47 -28.18 -24.74
CA ILE B 403 -6.38 -29.20 -25.78
C ILE B 403 -5.33 -28.84 -26.80
N GLY B 404 -5.21 -27.55 -27.14
CA GLY B 404 -4.18 -27.14 -28.08
C GLY B 404 -2.77 -27.34 -27.55
N ARG B 405 -2.61 -27.35 -26.23
CA ARG B 405 -1.30 -27.60 -25.64
C ARG B 405 -0.80 -29.00 -25.96
N THR B 406 -1.70 -29.97 -26.06
CA THR B 406 -1.34 -31.34 -26.37
C THR B 406 -1.33 -31.64 -27.86
N GLN B 407 -2.04 -30.86 -28.67
CA GLN B 407 -2.15 -31.11 -30.09
C GLN B 407 -1.20 -30.26 -30.94
N MET B 408 -0.53 -29.29 -30.35
CA MET B 408 0.38 -28.40 -31.08
C MET B 408 1.78 -28.52 -30.49
N PRO B 409 2.61 -29.40 -31.04
CA PRO B 409 3.98 -29.54 -30.51
C PRO B 409 4.87 -28.36 -30.89
N ASN B 410 5.82 -28.08 -30.01
CA ASN B 410 6.85 -27.07 -30.26
C ASN B 410 8.21 -27.75 -30.25
N PHE B 411 9.10 -27.31 -31.14
CA PHE B 411 10.40 -27.94 -31.28
C PHE B 411 11.57 -27.02 -30.94
N GLU B 412 11.35 -25.71 -30.87
CA GLU B 412 12.36 -24.77 -30.42
C GLU B 412 11.84 -24.04 -29.17
N PRO B 413 12.73 -23.62 -28.28
CA PRO B 413 12.27 -22.97 -27.04
C PRO B 413 11.70 -21.59 -27.31
N ARG B 414 10.91 -21.13 -26.33
CA ARG B 414 10.33 -19.78 -26.36
C ARG B 414 9.49 -19.56 -27.62
N SER B 415 8.73 -20.59 -27.99
CA SER B 415 7.87 -20.52 -29.17
C SER B 415 6.40 -20.74 -28.84
N ARG B 416 6.06 -20.85 -27.56
CA ARG B 416 4.67 -20.94 -27.13
C ARG B 416 4.40 -19.85 -26.11
N LEU B 417 3.26 -19.18 -26.26
CA LEU B 417 2.86 -18.10 -25.37
C LEU B 417 1.39 -18.30 -25.02
N ASP B 418 1.12 -18.67 -23.77
CA ASP B 418 -0.25 -18.96 -23.33
C ASP B 418 -0.61 -18.10 -22.12
N ALA B 419 -1.70 -18.50 -21.45
CA ALA B 419 -2.21 -17.73 -20.31
C ALA B 419 -1.25 -17.71 -19.13
N GLY B 420 -0.32 -18.65 -19.07
CA GLY B 420 0.75 -18.59 -18.10
C GLY B 420 0.32 -18.98 -16.71
N SER B 421 1.17 -18.61 -15.75
CA SER B 421 0.95 -18.94 -14.35
C SER B 421 -0.18 -18.15 -13.72
N TYR B 422 -0.66 -17.09 -14.37
CA TYR B 422 -1.77 -16.29 -13.87
C TYR B 422 -3.11 -16.72 -14.45
N GLY B 423 -3.10 -17.57 -15.48
CA GLY B 423 -4.32 -17.99 -16.15
C GLY B 423 -5.11 -16.83 -16.70
N THR B 424 -4.44 -15.92 -17.40
CA THR B 424 -5.02 -14.66 -17.81
C THR B 424 -5.67 -14.76 -19.19
N MET B 425 -6.92 -14.34 -19.28
CA MET B 425 -7.55 -14.06 -20.56
C MET B 425 -7.32 -12.59 -20.90
N GLY B 426 -6.86 -12.32 -22.11
CA GLY B 426 -6.58 -10.95 -22.53
C GLY B 426 -5.20 -10.80 -23.13
N ILE B 427 -4.38 -11.85 -23.04
CA ILE B 427 -3.02 -11.81 -23.58
C ILE B 427 -2.95 -12.20 -25.05
N GLY B 428 -4.04 -12.71 -25.63
CA GLY B 428 -4.03 -13.29 -26.96
C GLY B 428 -3.34 -12.51 -28.05
N LEU B 429 -4.01 -11.49 -28.58
CA LEU B 429 -3.46 -10.73 -29.70
C LEU B 429 -2.32 -9.81 -29.28
N GLY B 430 -2.24 -9.44 -28.00
CA GLY B 430 -1.08 -8.69 -27.54
C GLY B 430 0.19 -9.51 -27.64
N PHE B 431 0.13 -10.79 -27.26
CA PHE B 431 1.27 -11.68 -27.46
C PHE B 431 1.58 -11.87 -28.93
N ALA B 432 0.54 -12.01 -29.76
CA ALA B 432 0.73 -12.22 -31.18
C ALA B 432 1.40 -11.02 -31.84
N VAL B 433 0.97 -9.80 -31.46
CA VAL B 433 1.60 -8.60 -32.00
C VAL B 433 3.06 -8.51 -31.58
N ALA B 434 3.35 -8.86 -30.32
CA ALA B 434 4.73 -8.82 -29.85
C ALA B 434 5.59 -9.84 -30.60
N ALA B 435 5.06 -11.05 -30.81
CA ALA B 435 5.82 -12.06 -31.52
C ALA B 435 6.06 -11.66 -32.97
N ALA B 436 5.06 -11.03 -33.60
CA ALA B 436 5.23 -10.57 -34.97
C ALA B 436 6.28 -9.47 -35.05
N ALA B 437 6.41 -8.65 -34.00
CA ALA B 437 7.39 -7.57 -34.01
C ALA B 437 8.81 -8.09 -33.78
N VAL B 438 8.96 -9.09 -32.90
CA VAL B 438 10.28 -9.60 -32.58
C VAL B 438 10.77 -10.57 -33.64
N HIS B 439 9.87 -11.39 -34.19
CA HIS B 439 10.21 -12.40 -35.19
C HIS B 439 9.37 -12.19 -36.44
N PRO B 440 9.67 -11.13 -37.22
CA PRO B 440 8.87 -10.88 -38.44
C PRO B 440 9.04 -11.93 -39.51
N GLY B 441 10.14 -12.68 -39.50
CA GLY B 441 10.34 -13.75 -40.47
C GLY B 441 9.78 -15.09 -40.09
N ARG B 442 9.16 -15.21 -38.92
CA ARG B 442 8.61 -16.49 -38.47
C ARG B 442 7.09 -16.42 -38.41
N PRO B 443 6.40 -17.51 -38.76
CA PRO B 443 4.94 -17.51 -38.72
C PRO B 443 4.42 -17.38 -37.30
N VAL B 444 3.33 -16.63 -37.14
CA VAL B 444 2.70 -16.39 -35.84
C VAL B 444 1.24 -16.78 -35.96
N ILE B 445 0.83 -17.81 -35.21
CA ILE B 445 -0.52 -18.35 -35.25
C ILE B 445 -1.10 -18.27 -33.85
N ALA B 446 -2.26 -17.62 -33.73
CA ALA B 446 -2.99 -17.53 -32.47
C ALA B 446 -4.25 -18.38 -32.57
N VAL B 447 -4.38 -19.35 -31.69
CA VAL B 447 -5.57 -20.19 -31.59
C VAL B 447 -6.30 -19.82 -30.31
N GLN B 448 -7.46 -19.19 -30.45
CA GLN B 448 -8.21 -18.65 -29.32
C GLN B 448 -9.62 -19.21 -29.30
N GLY B 449 -10.16 -19.32 -28.08
CA GLY B 449 -11.59 -19.54 -27.94
C GLY B 449 -12.35 -18.27 -28.26
N ASP B 450 -13.68 -18.40 -28.35
CA ASP B 450 -14.49 -17.24 -28.67
C ASP B 450 -14.50 -16.24 -27.51
N SER B 451 -14.47 -16.72 -26.27
CA SER B 451 -14.41 -15.80 -25.13
C SER B 451 -13.07 -15.10 -25.05
N ALA B 452 -11.98 -15.84 -25.28
CA ALA B 452 -10.64 -15.26 -25.20
C ALA B 452 -10.44 -14.19 -26.26
N PHE B 453 -10.97 -14.41 -27.46
CA PHE B 453 -10.82 -13.44 -28.53
C PHE B 453 -11.47 -12.11 -28.21
N GLY B 454 -12.57 -12.14 -27.43
CA GLY B 454 -13.26 -10.92 -27.10
C GLY B 454 -12.48 -9.98 -26.20
N PHE B 455 -11.50 -10.50 -25.46
CA PHE B 455 -10.73 -9.65 -24.56
C PHE B 455 -9.83 -8.69 -25.31
N SER B 456 -9.31 -9.11 -26.46
CA SER B 456 -8.32 -8.30 -27.18
C SER B 456 -8.52 -8.33 -28.69
N GLY B 457 -9.72 -8.71 -29.16
CA GLY B 457 -9.95 -8.82 -30.59
C GLY B 457 -9.73 -7.54 -31.35
N MET B 458 -9.74 -6.39 -30.67
CA MET B 458 -9.56 -5.12 -31.34
C MET B 458 -8.14 -4.91 -31.83
N GLU B 459 -7.17 -5.64 -31.26
CA GLU B 459 -5.78 -5.49 -31.68
C GLU B 459 -5.51 -6.04 -33.08
N PHE B 460 -6.52 -6.60 -33.75
CA PHE B 460 -6.36 -6.99 -35.14
C PHE B 460 -6.07 -5.80 -36.03
N GLU B 461 -6.64 -4.64 -35.69
CA GLU B 461 -6.32 -3.41 -36.42
C GLU B 461 -4.86 -3.02 -36.22
N THR B 462 -4.32 -3.28 -35.02
CA THR B 462 -2.89 -3.04 -34.80
C THR B 462 -2.03 -3.88 -35.72
N ALA B 463 -2.38 -5.16 -35.88
CA ALA B 463 -1.59 -6.04 -36.73
C ALA B 463 -1.67 -5.62 -38.20
N ALA B 464 -2.87 -5.26 -38.67
CA ALA B 464 -3.01 -4.87 -40.06
C ALA B 464 -2.32 -3.54 -40.32
N ARG B 465 -2.34 -2.64 -39.34
CA ARG B 465 -1.69 -1.33 -39.52
C ARG B 465 -0.17 -1.46 -39.63
N TYR B 466 0.41 -2.50 -39.04
CA TYR B 466 1.84 -2.73 -39.10
C TYR B 466 2.22 -3.89 -40.02
N GLY B 467 1.28 -4.35 -40.84
CA GLY B 467 1.57 -5.40 -41.80
C GLY B 467 1.96 -6.72 -41.18
N MET B 468 1.48 -7.00 -39.97
CA MET B 468 1.80 -8.25 -39.28
C MET B 468 0.86 -9.35 -39.73
N PRO B 469 1.36 -10.36 -40.47
CA PRO B 469 0.51 -11.45 -40.97
C PRO B 469 0.16 -12.46 -39.89
N ILE B 470 -0.46 -11.98 -38.82
CA ILE B 470 -0.86 -12.86 -37.72
C ILE B 470 -2.04 -13.73 -38.17
N LYS B 471 -1.97 -15.01 -37.86
CA LYS B 471 -3.00 -15.99 -38.25
C LYS B 471 -3.84 -16.30 -37.02
N VAL B 472 -5.02 -15.69 -36.94
CA VAL B 472 -5.91 -15.84 -35.80
C VAL B 472 -6.93 -16.92 -36.12
N ILE B 473 -6.97 -17.96 -35.29
CA ILE B 473 -7.91 -19.07 -35.46
C ILE B 473 -8.81 -19.10 -34.23
N ILE B 474 -10.11 -19.01 -34.45
CA ILE B 474 -11.08 -18.93 -33.37
C ILE B 474 -11.91 -20.21 -33.36
N LEU B 475 -11.84 -20.95 -32.26
CA LEU B 475 -12.69 -22.11 -32.03
C LEU B 475 -13.91 -21.62 -31.25
N ASN B 476 -15.05 -21.50 -31.93
CA ASN B 476 -16.24 -20.86 -31.39
C ASN B 476 -17.26 -21.93 -31.00
N ASN B 477 -17.44 -22.12 -29.69
CA ASN B 477 -18.51 -22.95 -29.17
C ASN B 477 -19.66 -22.13 -28.58
N GLY B 478 -19.54 -20.81 -28.58
CA GLY B 478 -20.64 -19.97 -28.14
C GLY B 478 -20.75 -19.77 -26.65
N GLY B 479 -19.64 -19.83 -25.92
CA GLY B 479 -19.70 -19.64 -24.49
C GLY B 479 -18.32 -19.76 -23.87
N ILE B 480 -18.29 -19.54 -22.56
CA ILE B 480 -17.06 -19.59 -21.78
C ILE B 480 -16.84 -21.04 -21.33
N GLY B 481 -15.87 -21.71 -21.95
CA GLY B 481 -15.56 -23.09 -21.63
C GLY B 481 -16.55 -24.11 -22.14
N MET B 482 -17.72 -23.69 -22.60
CA MET B 482 -18.78 -24.61 -22.98
C MET B 482 -19.84 -23.84 -23.74
N GLY B 483 -20.52 -24.51 -24.66
CA GLY B 483 -21.63 -23.91 -25.36
C GLY B 483 -22.85 -23.78 -24.46
N SER B 484 -23.97 -23.41 -25.07
CA SER B 484 -25.22 -23.23 -24.35
C SER B 484 -26.38 -23.10 -25.32
N PRO B 485 -27.45 -23.88 -25.15
CA PRO B 485 -28.65 -23.67 -25.97
C PRO B 485 -29.35 -22.38 -25.59
N ALA B 486 -30.08 -21.82 -26.55
CA ALA B 486 -30.79 -20.57 -26.32
C ALA B 486 -31.88 -20.77 -25.27
N PRO B 487 -32.08 -19.79 -24.37
CA PRO B 487 -33.08 -19.90 -23.29
C PRO B 487 -34.53 -19.85 -23.80
N GLN B 491 -36.92 -16.89 -19.83
CA GLN B 491 -35.62 -17.22 -19.24
C GLN B 491 -34.51 -16.36 -19.82
N PRO B 492 -33.59 -15.91 -18.96
CA PRO B 492 -32.46 -15.12 -19.42
C PRO B 492 -31.31 -15.99 -19.92
N GLY B 493 -30.35 -15.35 -20.58
CA GLY B 493 -29.20 -16.07 -21.08
C GLY B 493 -28.27 -16.52 -19.97
N MET B 494 -27.64 -17.67 -20.18
CA MET B 494 -26.74 -18.21 -19.18
C MET B 494 -25.55 -17.26 -18.99
N PRO B 495 -25.03 -17.14 -17.77
CA PRO B 495 -23.91 -16.21 -17.55
C PRO B 495 -22.68 -16.53 -18.39
N HIS B 496 -22.44 -17.81 -18.69
CA HIS B 496 -21.28 -18.21 -19.46
C HIS B 496 -21.52 -18.17 -20.96
N ALA B 497 -22.76 -17.96 -21.41
CA ALA B 497 -23.09 -18.08 -22.82
C ALA B 497 -22.65 -16.85 -23.60
N LEU B 498 -22.18 -17.07 -24.83
CA LEU B 498 -21.87 -15.99 -25.74
C LEU B 498 -22.73 -16.11 -27.00
N SER B 499 -22.13 -15.90 -28.17
CA SER B 499 -22.84 -15.99 -29.45
C SER B 499 -22.19 -17.09 -30.28
N HIS B 500 -22.93 -18.18 -30.51
CA HIS B 500 -22.40 -19.28 -31.29
C HIS B 500 -22.45 -19.00 -32.79
N ASP B 501 -23.38 -18.15 -33.22
CA ASP B 501 -23.52 -17.80 -34.63
C ASP B 501 -22.74 -16.53 -35.00
N ALA B 502 -21.93 -16.01 -34.08
CA ALA B 502 -21.20 -14.78 -34.36
C ALA B 502 -20.21 -14.97 -35.50
N ARG B 503 -20.14 -13.99 -36.38
CA ARG B 503 -19.25 -14.04 -37.54
C ARG B 503 -18.00 -13.20 -37.25
N TYR B 504 -17.20 -13.70 -36.30
CA TYR B 504 -16.00 -12.99 -35.87
C TYR B 504 -15.06 -12.68 -37.03
N GLU B 505 -15.07 -13.52 -38.07
CA GLU B 505 -14.14 -13.33 -39.18
C GLU B 505 -14.43 -12.05 -39.96
N ARG B 506 -15.63 -11.49 -39.84
CA ARG B 506 -15.91 -10.22 -40.49
C ARG B 506 -15.13 -9.08 -39.85
N ILE B 507 -14.59 -9.28 -38.65
CA ILE B 507 -13.75 -8.26 -38.04
C ILE B 507 -12.47 -8.08 -38.85
N ALA B 508 -11.95 -9.18 -39.41
CA ALA B 508 -10.76 -9.07 -40.26
C ALA B 508 -11.02 -8.22 -41.48
N GLU B 509 -12.19 -8.40 -42.10
CA GLU B 509 -12.54 -7.62 -43.29
C GLU B 509 -12.71 -6.14 -42.99
N ALA B 510 -12.89 -5.79 -41.72
CA ALA B 510 -12.98 -4.37 -41.36
C ALA B 510 -11.62 -3.67 -41.50
N PHE B 511 -10.53 -4.43 -41.41
CA PHE B 511 -9.19 -3.86 -41.35
C PHE B 511 -8.30 -4.33 -42.50
N GLY B 512 -8.89 -4.81 -43.59
CA GLY B 512 -8.13 -5.19 -44.75
C GLY B 512 -7.53 -6.58 -44.72
N GLY B 513 -7.93 -7.42 -43.77
CA GLY B 513 -7.44 -8.77 -43.67
C GLY B 513 -8.36 -9.76 -44.38
N ALA B 514 -8.02 -11.04 -44.24
CA ALA B 514 -8.81 -12.12 -44.82
C ALA B 514 -9.63 -12.80 -43.75
N GLY B 515 -10.91 -13.00 -44.02
CA GLY B 515 -11.79 -13.67 -43.07
C GLY B 515 -12.40 -14.94 -43.62
N PHE B 516 -12.37 -16.00 -42.82
CA PHE B 516 -12.86 -17.32 -43.24
C PHE B 516 -13.78 -17.88 -42.18
N TYR B 517 -14.90 -18.45 -42.62
CA TYR B 517 -15.90 -19.03 -41.73
C TYR B 517 -16.03 -20.51 -42.03
N VAL B 518 -15.91 -21.33 -40.98
CA VAL B 518 -15.95 -22.78 -41.11
C VAL B 518 -17.02 -23.33 -40.17
N THR B 519 -17.97 -24.09 -40.72
CA THR B 519 -18.89 -24.88 -39.91
C THR B 519 -18.82 -26.37 -40.22
N ASP B 520 -18.30 -26.75 -41.38
CA ASP B 520 -18.24 -28.14 -41.81
C ASP B 520 -16.78 -28.56 -41.97
N SER B 521 -16.51 -29.84 -41.72
CA SER B 521 -15.14 -30.34 -41.77
C SER B 521 -14.56 -30.29 -43.17
N ALA B 522 -15.41 -30.34 -44.20
CA ALA B 522 -14.94 -30.23 -45.57
C ALA B 522 -14.45 -28.82 -45.91
N GLU B 523 -14.87 -27.81 -45.15
CA GLU B 523 -14.45 -26.44 -45.38
C GLU B 523 -13.17 -26.07 -44.64
N LEU B 524 -12.80 -26.83 -43.61
CA LEU B 524 -11.73 -26.42 -42.71
C LEU B 524 -10.37 -26.44 -43.41
N GLY B 525 -10.08 -27.51 -44.14
CA GLY B 525 -8.83 -27.64 -44.85
C GLY B 525 -8.54 -26.50 -45.80
N PRO B 526 -9.41 -26.28 -46.78
CA PRO B 526 -9.21 -25.14 -47.70
C PRO B 526 -9.14 -23.80 -46.99
N ALA B 527 -9.92 -23.60 -45.93
CA ALA B 527 -9.89 -22.33 -45.22
C ALA B 527 -8.54 -22.07 -44.58
N LEU B 528 -7.99 -23.09 -43.91
CA LEU B 528 -6.69 -22.93 -43.28
C LEU B 528 -5.60 -22.71 -44.32
N ASP B 529 -5.71 -23.36 -45.49
CA ASP B 529 -4.71 -23.17 -46.53
C ASP B 529 -4.73 -21.74 -47.05
N ALA B 530 -5.92 -21.17 -47.26
CA ALA B 530 -6.01 -19.82 -47.79
C ALA B 530 -5.54 -18.79 -46.78
N ALA B 531 -5.84 -19.02 -45.49
CA ALA B 531 -5.44 -18.06 -44.47
C ALA B 531 -3.92 -18.06 -44.26
N MET B 532 -3.31 -19.25 -44.27
CA MET B 532 -1.87 -19.34 -44.08
C MET B 532 -1.11 -18.75 -45.26
N ALA B 533 -1.70 -18.77 -46.45
CA ALA B 533 -1.05 -18.28 -47.65
C ALA B 533 -1.32 -16.80 -47.90
N PHE B 534 -2.36 -16.24 -47.29
CA PHE B 534 -2.71 -14.84 -47.55
C PHE B 534 -1.59 -13.92 -47.06
N LYS B 535 -1.25 -12.93 -47.90
CA LYS B 535 -0.19 -11.98 -47.60
C LYS B 535 -0.74 -10.89 -46.69
N GLY B 536 -0.99 -11.27 -45.44
CA GLY B 536 -1.52 -10.38 -44.45
C GLY B 536 -2.17 -11.14 -43.30
N PRO B 537 -2.66 -10.41 -42.30
CA PRO B 537 -3.35 -11.06 -41.18
C PRO B 537 -4.70 -11.63 -41.62
N ALA B 538 -5.15 -12.63 -40.86
CA ALA B 538 -6.36 -13.35 -41.24
C ALA B 538 -7.01 -13.92 -39.99
N ILE B 539 -8.32 -14.18 -40.10
CA ILE B 539 -9.11 -14.78 -39.04
C ILE B 539 -9.89 -15.96 -39.63
N VAL B 540 -9.73 -17.13 -39.02
CA VAL B 540 -10.52 -18.31 -39.35
C VAL B 540 -11.45 -18.58 -38.18
N ASN B 541 -12.74 -18.35 -38.38
CA ASN B 541 -13.76 -18.55 -37.35
C ASN B 541 -14.39 -19.92 -37.55
N ILE B 542 -14.08 -20.85 -36.65
CA ILE B 542 -14.57 -22.23 -36.71
C ILE B 542 -15.68 -22.40 -35.69
N LYS B 543 -16.87 -22.74 -36.16
CA LYS B 543 -17.99 -23.06 -35.27
C LYS B 543 -17.89 -24.53 -34.88
N ILE B 544 -17.50 -24.79 -33.64
CA ILE B 544 -17.33 -26.13 -33.12
C ILE B 544 -18.56 -26.52 -32.31
N ALA B 545 -18.65 -27.80 -31.96
CA ALA B 545 -19.80 -28.30 -31.23
C ALA B 545 -19.87 -27.69 -29.83
N ALA B 546 -21.08 -27.35 -29.40
CA ALA B 546 -21.25 -26.65 -28.13
C ALA B 546 -20.91 -27.54 -26.95
N THR B 547 -20.99 -28.86 -27.12
CA THR B 547 -20.72 -29.81 -26.05
C THR B 547 -19.39 -30.53 -26.23
N ALA B 548 -18.52 -30.05 -27.11
CA ALA B 548 -17.22 -30.67 -27.28
C ALA B 548 -16.36 -30.42 -26.04
N ASP B 549 -15.58 -31.44 -25.65
CA ASP B 549 -14.85 -31.39 -24.39
C ASP B 549 -13.49 -32.05 -24.57
N ARG B 550 -12.63 -31.87 -23.57
CA ARG B 550 -11.35 -32.56 -23.53
C ARG B 550 -11.55 -34.02 -23.17
N LYS B 551 -10.48 -34.81 -23.30
CA LYS B 551 -10.58 -36.22 -23.00
C LYS B 551 -10.75 -36.44 -21.50
N PRO B 552 -11.42 -37.52 -21.10
CA PRO B 552 -11.63 -37.76 -19.68
C PRO B 552 -10.31 -38.01 -18.95
N GLN B 553 -10.14 -37.33 -17.83
CA GLN B 553 -8.98 -37.51 -16.97
C GLN B 553 -9.41 -38.00 -15.60
N GLN B 554 -8.48 -38.65 -14.90
CA GLN B 554 -8.75 -39.08 -13.54
C GLN B 554 -8.91 -37.88 -12.59
N PHE B 555 -8.10 -36.85 -12.78
CA PHE B 555 -8.11 -35.67 -11.92
C PHE B 555 -8.46 -34.42 -12.72
N ASN B 556 -9.22 -33.54 -12.11
CA ASN B 556 -9.46 -32.22 -12.68
C ASN B 556 -8.17 -31.41 -12.67
N TRP B 557 -8.02 -30.54 -13.66
CA TRP B 557 -6.78 -29.77 -13.77
C TRP B 557 -6.57 -28.85 -12.57
N HIS B 558 -7.65 -28.43 -11.92
CA HIS B 558 -7.59 -27.53 -10.77
C HIS B 558 -7.65 -28.28 -9.45
N GLY B 559 -8.66 -29.11 -9.26
CA GLY B 559 -8.81 -29.86 -8.02
C GLY B 559 -9.32 -29.02 -6.87
N PHE C 1 -7.50 -29.29 41.45
CA PHE C 1 -7.63 -30.48 40.63
C PHE C 1 -6.30 -30.83 39.98
N GLN C 2 -6.31 -30.95 38.65
CA GLN C 2 -5.14 -31.31 37.85
C GLN C 2 -4.52 -32.63 38.31
N SER C 3 -5.34 -33.54 38.82
CA SER C 3 -4.85 -34.82 39.30
C SER C 3 -4.58 -35.76 38.12
N ASN C 4 -3.47 -36.50 38.21
CA ASN C 4 -3.12 -37.41 37.12
C ASN C 4 -4.03 -38.63 37.10
N ALA C 5 -4.64 -38.97 38.25
CA ALA C 5 -5.55 -40.11 38.33
C ALA C 5 -6.84 -39.88 37.58
N MET C 6 -7.03 -38.70 36.99
CA MET C 6 -8.30 -38.33 36.40
C MET C 6 -8.22 -38.32 34.88
N ALA C 7 -9.25 -38.86 34.24
CA ALA C 7 -9.30 -38.95 32.80
C ALA C 7 -9.27 -37.57 32.16
N LYS C 8 -8.47 -37.42 31.11
CA LYS C 8 -8.37 -36.20 30.34
C LYS C 8 -8.46 -36.53 28.86
N SER C 9 -8.90 -35.54 28.07
CA SER C 9 -8.99 -35.74 26.63
C SER C 9 -7.61 -35.87 26.01
N GLU C 10 -6.77 -34.84 26.16
CA GLU C 10 -5.36 -34.89 25.81
C GLU C 10 -5.11 -35.24 24.34
N GLY C 11 -6.11 -35.09 23.49
CA GLY C 11 -5.97 -35.42 22.09
C GLY C 11 -6.02 -34.23 21.16
N LYS C 12 -6.34 -33.06 21.70
CA LYS C 12 -6.43 -31.84 20.92
C LYS C 12 -5.31 -30.88 21.28
N VAL C 13 -5.07 -29.93 20.37
CA VAL C 13 -4.04 -28.92 20.52
C VAL C 13 -4.57 -27.61 19.94
N ASN C 14 -4.16 -26.49 20.52
CA ASN C 14 -4.63 -25.19 20.06
C ASN C 14 -3.55 -24.47 19.26
N GLY C 15 -3.94 -23.32 18.68
CA GLY C 15 -3.04 -22.59 17.81
C GLY C 15 -1.80 -22.06 18.51
N ALA C 16 -1.90 -21.73 19.79
CA ALA C 16 -0.75 -21.21 20.51
C ALA C 16 0.32 -22.28 20.71
N THR C 17 -0.10 -23.53 20.98
CA THR C 17 0.87 -24.60 21.15
C THR C 17 1.48 -25.00 19.81
N LEU C 18 0.69 -24.97 18.73
CA LEU C 18 1.24 -25.27 17.41
C LEU C 18 2.25 -24.21 16.98
N MET C 19 1.94 -22.94 17.25
CA MET C 19 2.90 -21.87 16.97
C MET C 19 4.18 -22.05 17.78
N ALA C 20 4.06 -22.52 19.02
CA ALA C 20 5.23 -22.72 19.86
C ALA C 20 6.08 -23.88 19.36
N ARG C 21 5.45 -25.01 19.02
CA ARG C 21 6.19 -26.15 18.50
C ARG C 21 6.84 -25.84 17.16
N ALA C 22 6.14 -25.10 16.30
CA ALA C 22 6.70 -24.75 15.00
C ALA C 22 7.89 -23.82 15.14
N LEU C 23 7.79 -22.82 16.03
CA LEU C 23 8.91 -21.90 16.23
C LEU C 23 10.13 -22.63 16.77
N GLN C 24 9.94 -23.51 17.75
CA GLN C 24 11.06 -24.25 18.30
C GLN C 24 11.66 -25.21 17.28
N GLN C 25 10.80 -25.81 16.45
CA GLN C 25 11.30 -26.70 15.41
C GLN C 25 12.16 -25.96 14.39
N GLN C 26 11.89 -24.68 14.16
CA GLN C 26 12.63 -23.90 13.18
C GLN C 26 13.80 -23.13 13.78
N GLY C 27 14.20 -23.44 15.01
CA GLY C 27 15.37 -22.83 15.58
C GLY C 27 15.15 -21.47 16.22
N VAL C 28 13.91 -21.11 16.50
CA VAL C 28 13.63 -19.86 17.21
C VAL C 28 13.86 -20.12 18.69
N GLN C 29 14.93 -19.57 19.23
CA GLN C 29 15.29 -19.76 20.63
C GLN C 29 14.95 -18.56 21.50
N TYR C 30 14.63 -17.41 20.90
CA TYR C 30 14.41 -16.19 21.65
C TYR C 30 13.18 -15.47 21.13
N MET C 31 12.36 -14.98 22.05
CA MET C 31 11.14 -14.25 21.71
C MET C 31 11.07 -13.01 22.58
N PHE C 32 11.09 -11.84 21.95
CA PHE C 32 11.03 -10.56 22.64
C PHE C 32 9.69 -9.89 22.35
N GLY C 33 9.08 -9.30 23.36
CA GLY C 33 7.86 -8.56 23.13
C GLY C 33 7.15 -8.19 24.42
N ILE C 34 5.91 -7.78 24.26
CA ILE C 34 5.03 -7.39 25.37
C ILE C 34 3.70 -8.08 25.19
N VAL C 35 3.25 -8.78 26.23
CA VAL C 35 2.06 -9.63 26.12
C VAL C 35 0.80 -8.81 26.38
N GLY C 36 -0.34 -9.47 26.28
CA GLY C 36 -1.64 -8.85 26.35
C GLY C 36 -2.55 -9.57 25.38
N PHE C 37 -3.76 -9.05 25.21
CA PHE C 37 -4.67 -9.60 24.22
C PHE C 37 -4.06 -9.45 22.83
N PRO C 38 -4.04 -10.51 22.02
CA PRO C 38 -4.46 -11.88 22.33
C PRO C 38 -3.28 -12.86 22.40
N VAL C 39 -2.07 -12.36 22.63
CA VAL C 39 -0.86 -13.16 22.48
C VAL C 39 -0.30 -13.65 23.81
N ILE C 40 -1.10 -13.58 24.88
CA ILE C 40 -0.65 -14.16 26.16
C ILE C 40 -0.41 -15.66 26.05
N PRO C 41 -1.30 -16.46 25.44
CA PRO C 41 -1.00 -17.90 25.33
C PRO C 41 0.22 -18.21 24.48
N ILE C 42 0.56 -17.35 23.52
CA ILE C 42 1.70 -17.62 22.65
C ILE C 42 2.99 -17.58 23.45
N ALA C 43 3.15 -16.55 24.28
CA ALA C 43 4.36 -16.46 25.10
C ALA C 43 4.45 -17.60 26.10
N ILE C 44 3.31 -17.94 26.72
CA ILE C 44 3.30 -19.05 27.68
C ILE C 44 3.64 -20.37 26.98
N ALA C 45 3.05 -20.61 25.82
CA ALA C 45 3.33 -21.83 25.08
C ALA C 45 4.76 -21.88 24.61
N ALA C 46 5.33 -20.71 24.26
CA ALA C 46 6.73 -20.67 23.84
C ALA C 46 7.65 -21.08 24.98
N GLN C 47 7.33 -20.69 26.22
CA GLN C 47 8.16 -21.07 27.35
C GLN C 47 8.09 -22.56 27.63
N ARG C 48 6.95 -23.20 27.34
CA ARG C 48 6.81 -24.63 27.60
C ARG C 48 7.73 -25.45 26.69
N GLU C 49 8.03 -24.95 25.50
CA GLU C 49 8.89 -25.66 24.55
C GLU C 49 10.35 -25.29 24.67
N GLY C 50 10.72 -24.42 25.61
CA GLY C 50 12.09 -24.05 25.82
C GLY C 50 12.50 -22.73 25.20
N ILE C 51 11.61 -22.08 24.45
CA ILE C 51 11.92 -20.78 23.88
C ILE C 51 12.06 -19.77 25.02
N THR C 52 13.16 -19.03 25.01
CA THR C 52 13.38 -18.00 26.02
C THR C 52 12.56 -16.77 25.65
N TYR C 53 11.62 -16.41 26.52
CA TYR C 53 10.81 -15.21 26.33
C TYR C 53 11.36 -14.08 27.19
N ILE C 54 11.35 -12.87 26.64
CA ILE C 54 11.88 -11.69 27.29
C ILE C 54 10.87 -10.56 27.15
N GLY C 55 10.18 -10.24 28.24
CA GLY C 55 9.23 -9.14 28.26
C GLY C 55 9.90 -7.78 28.26
N MET C 56 9.65 -6.99 27.22
CA MET C 56 10.28 -5.69 27.07
C MET C 56 9.38 -4.60 27.65
N ARG C 57 9.83 -3.35 27.52
CA ARG C 57 9.06 -2.20 27.97
C ARG C 57 8.44 -1.42 26.83
N ASN C 58 8.81 -1.70 25.59
CA ASN C 58 8.22 -1.05 24.42
C ASN C 58 8.43 -1.97 23.22
N GLU C 59 7.36 -2.19 22.44
CA GLU C 59 7.49 -3.03 21.25
C GLU C 59 8.51 -2.48 20.26
N GLN C 60 8.80 -1.18 20.33
CA GLN C 60 9.83 -0.61 19.47
C GLN C 60 11.18 -1.24 19.77
N SER C 61 11.56 -1.32 21.05
CA SER C 61 12.81 -1.99 21.42
C SER C 61 12.70 -3.50 21.24
N ALA C 62 11.50 -4.06 21.37
CA ALA C 62 11.34 -5.50 21.21
C ALA C 62 11.61 -5.92 19.77
N SER C 63 11.11 -5.15 18.80
CA SER C 63 11.34 -5.48 17.40
C SER C 63 12.81 -5.33 17.04
N TYR C 64 13.49 -4.35 17.62
CA TYR C 64 14.93 -4.20 17.40
C TYR C 64 15.70 -5.36 18.00
N ALA C 65 15.27 -5.85 19.17
CA ALA C 65 15.96 -6.96 19.81
C ALA C 65 15.83 -8.25 19.01
N ALA C 66 14.71 -8.43 18.29
CA ALA C 66 14.53 -9.66 17.54
C ALA C 66 15.51 -9.78 16.38
N GLN C 67 15.71 -8.69 15.63
CA GLN C 67 16.61 -8.76 14.49
C GLN C 67 18.06 -8.81 14.92
N ALA C 68 18.41 -8.16 16.03
CA ALA C 68 19.78 -8.26 16.54
C ALA C 68 20.09 -9.69 16.96
N ALA C 69 19.14 -10.34 17.65
CA ALA C 69 19.35 -11.75 18.00
C ALA C 69 19.44 -12.62 16.76
N SER C 70 18.73 -12.26 15.68
CA SER C 70 18.82 -13.02 14.44
C SER C 70 20.18 -12.86 13.80
N TYR C 71 20.69 -11.62 13.72
CA TYR C 71 22.02 -11.40 13.18
C TYR C 71 23.10 -12.12 13.99
N LEU C 72 22.89 -12.25 15.29
CA LEU C 72 23.89 -12.90 16.13
C LEU C 72 23.80 -14.43 16.05
N THR C 73 22.59 -14.97 16.05
CA THR C 73 22.43 -16.42 16.02
C THR C 73 22.55 -16.98 14.61
N GLY C 74 22.26 -16.18 13.59
CA GLY C 74 22.24 -16.66 12.23
C GLY C 74 20.91 -17.21 11.75
N ARG C 75 19.88 -17.20 12.60
CA ARG C 75 18.56 -17.69 12.26
C ARG C 75 17.50 -16.71 12.72
N PRO C 76 16.35 -16.65 12.04
CA PRO C 76 15.31 -15.69 12.42
C PRO C 76 14.82 -15.93 13.84
N GLN C 77 14.80 -14.86 14.63
CA GLN C 77 14.26 -14.88 15.99
C GLN C 77 12.97 -14.08 16.04
N ALA C 78 12.17 -14.33 17.08
CA ALA C 78 10.78 -13.91 17.12
C ALA C 78 10.60 -12.59 17.87
N CYS C 79 9.60 -11.84 17.44
CA CYS C 79 9.08 -10.69 18.18
C CYS C 79 7.57 -10.85 18.30
N LEU C 80 7.05 -10.77 19.53
CA LEU C 80 5.65 -11.00 19.82
C LEU C 80 5.00 -9.70 20.29
N VAL C 81 4.04 -9.21 19.53
CA VAL C 81 3.35 -7.96 19.86
C VAL C 81 1.85 -8.20 19.82
N VAL C 82 1.12 -7.35 20.52
CA VAL C 82 -0.33 -7.43 20.56
C VAL C 82 -0.90 -6.81 19.28
N SER C 83 -2.21 -6.91 19.11
CA SER C 83 -2.85 -6.35 17.93
C SER C 83 -2.80 -4.83 17.98
N GLY C 84 -3.20 -4.22 16.86
CA GLY C 84 -3.32 -2.78 16.76
C GLY C 84 -2.02 -2.04 16.99
N PRO C 85 -1.98 -1.21 18.05
CA PRO C 85 -0.77 -0.41 18.31
C PRO C 85 0.45 -1.25 18.61
N GLY C 86 0.29 -2.49 19.07
CA GLY C 86 1.44 -3.35 19.26
C GLY C 86 2.19 -3.63 17.97
N VAL C 87 1.44 -3.80 16.87
CA VAL C 87 2.07 -4.02 15.57
C VAL C 87 2.63 -2.72 15.02
N VAL C 88 1.91 -1.60 15.21
CA VAL C 88 2.39 -0.33 14.68
C VAL C 88 3.68 0.09 15.38
N HIS C 89 3.78 -0.17 16.68
CA HIS C 89 5.04 0.10 17.38
C HIS C 89 6.18 -0.75 16.84
N ALA C 90 5.86 -1.95 16.34
CA ALA C 90 6.89 -2.88 15.87
C ALA C 90 7.32 -2.61 14.43
N LEU C 91 6.60 -1.76 13.69
CA LEU C 91 7.02 -1.39 12.35
C LEU C 91 8.43 -0.80 12.33
N ALA C 92 8.87 -0.22 13.44
CA ALA C 92 10.24 0.30 13.52
C ALA C 92 11.26 -0.80 13.25
N GLY C 93 11.07 -1.96 13.89
CA GLY C 93 12.00 -3.06 13.70
C GLY C 93 11.95 -3.65 12.31
N LEU C 94 10.76 -3.67 11.69
CA LEU C 94 10.65 -4.21 10.34
C LEU C 94 11.42 -3.36 9.35
N ALA C 95 11.19 -2.04 9.39
CA ALA C 95 11.89 -1.14 8.49
C ALA C 95 13.40 -1.20 8.68
N ASN C 96 13.85 -1.22 9.94
CA ASN C 96 15.29 -1.25 10.21
C ASN C 96 15.92 -2.55 9.73
N ALA C 97 15.26 -3.69 9.99
CA ALA C 97 15.79 -4.97 9.55
C ALA C 97 15.81 -5.06 8.02
N GLN C 98 14.87 -4.40 7.35
N GLN C 98 14.84 -4.41 7.36
CA GLN C 98 14.83 -4.45 5.89
CA GLN C 98 14.81 -4.41 5.90
C GLN C 98 15.97 -3.63 5.28
C GLN C 98 16.00 -3.66 5.32
N VAL C 99 16.38 -2.54 5.94
CA VAL C 99 17.46 -1.72 5.41
C VAL C 99 18.81 -2.37 5.66
N ASN C 100 18.95 -3.15 6.72
CA ASN C 100 20.21 -3.81 7.05
C ASN C 100 20.32 -5.21 6.47
N CYS C 101 19.30 -5.68 5.76
CA CYS C 101 19.27 -7.05 5.23
C CYS C 101 19.45 -8.08 6.35
N TRP C 102 18.71 -7.88 7.44
CA TRP C 102 18.75 -8.77 8.59
C TRP C 102 17.44 -9.55 8.70
N PRO C 103 17.49 -10.81 9.09
CA PRO C 103 16.27 -11.59 9.27
C PRO C 103 15.55 -11.21 10.56
N MET C 104 14.26 -11.52 10.59
CA MET C 104 13.40 -11.15 11.71
C MET C 104 12.04 -11.78 11.50
N LEU C 105 11.44 -12.24 12.58
CA LEU C 105 10.09 -12.79 12.58
C LEU C 105 9.24 -12.01 13.56
N LEU C 106 8.31 -11.20 13.03
CA LEU C 106 7.36 -10.46 13.85
C LEU C 106 6.05 -11.25 13.89
N ILE C 107 5.67 -11.67 15.09
CA ILE C 107 4.40 -12.36 15.31
C ILE C 107 3.46 -11.37 15.99
N GLY C 108 2.47 -10.90 15.25
CA GLY C 108 1.54 -9.93 15.80
C GLY C 108 0.13 -10.47 15.94
N GLY C 109 -0.44 -10.35 17.14
CA GLY C 109 -1.81 -10.77 17.33
C GLY C 109 -2.79 -9.92 16.56
N ALA C 110 -4.03 -10.39 16.50
CA ALA C 110 -5.08 -9.66 15.81
C ALA C 110 -6.40 -9.95 16.51
N SER C 111 -7.37 -9.07 16.27
CA SER C 111 -8.72 -9.34 16.75
C SER C 111 -9.32 -10.53 16.01
N ALA C 112 -10.34 -11.13 16.62
CA ALA C 112 -10.94 -12.33 16.05
C ALA C 112 -11.52 -12.06 14.67
N ILE C 113 -11.38 -13.04 13.78
CA ILE C 113 -11.86 -12.90 12.40
C ILE C 113 -13.36 -12.65 12.36
N GLU C 114 -14.11 -13.32 13.25
CA GLU C 114 -15.56 -13.20 13.25
C GLU C 114 -16.03 -11.81 13.68
N GLN C 115 -15.15 -10.94 14.17
CA GLN C 115 -15.51 -9.58 14.53
C GLN C 115 -15.01 -8.55 13.54
N ASN C 116 -14.41 -8.97 12.42
CA ASN C 116 -13.89 -8.02 11.44
C ASN C 116 -15.02 -7.18 10.86
N GLY C 117 -14.74 -5.89 10.66
CA GLY C 117 -15.73 -4.96 10.18
C GLY C 117 -16.62 -4.36 11.24
N MET C 118 -16.58 -4.87 12.47
CA MET C 118 -17.45 -4.39 13.54
C MET C 118 -16.82 -3.29 14.37
N GLY C 119 -15.58 -2.90 14.09
CA GLY C 119 -14.86 -1.99 14.97
C GLY C 119 -14.37 -2.67 16.22
N ALA C 120 -13.85 -3.89 16.10
CA ALA C 120 -13.41 -4.68 17.25
C ALA C 120 -12.23 -4.00 17.96
N PHE C 121 -11.96 -4.48 19.17
CA PHE C 121 -10.85 -3.96 19.96
C PHE C 121 -9.53 -4.19 19.24
N GLN C 122 -8.88 -3.10 18.82
CA GLN C 122 -7.58 -3.14 18.16
C GLN C 122 -7.65 -3.87 16.82
N GLU C 123 -8.77 -3.72 16.12
CA GLU C 123 -8.87 -4.22 14.75
C GLU C 123 -8.06 -3.30 13.82
N GLU C 124 -7.25 -3.90 12.96
CA GLU C 124 -6.34 -3.12 12.13
C GLU C 124 -5.92 -3.94 10.92
N ARG C 125 -5.71 -3.25 9.79
CA ARG C 125 -5.21 -3.87 8.57
C ARG C 125 -3.71 -4.11 8.73
N GLN C 126 -3.38 -5.11 9.54
CA GLN C 126 -2.01 -5.28 10.00
C GLN C 126 -1.09 -5.86 8.92
N VAL C 127 -1.61 -6.73 8.06
CA VAL C 127 -0.81 -7.24 6.95
C VAL C 127 -0.52 -6.12 5.96
N LEU C 128 -1.51 -5.25 5.72
CA LEU C 128 -1.32 -4.15 4.78
C LEU C 128 -0.29 -3.15 5.28
N LEU C 129 -0.32 -2.81 6.58
CA LEU C 129 0.65 -1.86 7.12
C LEU C 129 2.06 -2.41 7.11
N ALA C 130 2.22 -3.72 7.34
CA ALA C 130 3.55 -4.32 7.45
C ALA C 130 4.13 -4.78 6.14
N SER C 131 3.30 -5.07 5.13
CA SER C 131 3.78 -5.60 3.85
C SER C 131 4.90 -4.79 3.22
N PRO C 132 4.79 -3.47 3.05
CA PRO C 132 5.88 -2.73 2.38
C PRO C 132 7.19 -2.69 3.16
N LEU C 133 7.25 -3.29 4.35
CA LEU C 133 8.48 -3.34 5.14
C LEU C 133 8.98 -4.76 5.34
N CYS C 134 8.37 -5.75 4.71
CA CYS C 134 8.69 -7.15 4.94
C CYS C 134 8.99 -7.87 3.63
N LYS C 135 9.89 -8.86 3.72
CA LYS C 135 9.99 -9.82 2.64
C LYS C 135 8.74 -10.69 2.56
N TYR C 136 8.18 -11.04 3.72
CA TYR C 136 7.06 -11.95 3.80
C TYR C 136 6.06 -11.43 4.82
N ALA C 137 4.78 -11.43 4.46
CA ALA C 137 3.73 -10.98 5.35
C ALA C 137 2.45 -11.73 4.99
N HIS C 138 1.91 -12.48 5.95
CA HIS C 138 0.70 -13.24 5.70
C HIS C 138 -0.01 -13.48 7.02
N GLN C 139 -1.32 -13.69 6.92
CA GLN C 139 -2.18 -13.97 8.06
C GLN C 139 -2.46 -15.47 8.12
N VAL C 140 -2.33 -16.06 9.31
CA VAL C 140 -2.63 -17.48 9.51
C VAL C 140 -4.13 -17.60 9.73
N GLU C 141 -4.85 -18.09 8.72
CA GLU C 141 -6.30 -18.05 8.76
C GLU C 141 -6.90 -19.19 9.58
N ARG C 142 -6.18 -20.30 9.73
CA ARG C 142 -6.70 -21.46 10.44
C ARG C 142 -5.57 -22.15 11.17
N PRO C 143 -5.84 -22.70 12.36
CA PRO C 143 -4.74 -23.20 13.19
C PRO C 143 -4.00 -24.38 12.60
N GLU C 144 -4.67 -25.26 11.86
CA GLU C 144 -3.99 -26.44 11.32
C GLU C 144 -2.95 -26.09 10.27
N ARG C 145 -2.92 -24.84 9.79
CA ARG C 145 -1.93 -24.40 8.82
C ARG C 145 -0.79 -23.62 9.45
N ILE C 146 -0.68 -23.63 10.78
CA ILE C 146 0.43 -22.93 11.44
C ILE C 146 1.79 -23.53 11.09
N PRO C 147 1.97 -24.86 11.07
CA PRO C 147 3.28 -25.38 10.63
C PRO C 147 3.67 -24.93 9.23
N TYR C 148 2.70 -24.84 8.31
CA TYR C 148 3.01 -24.41 6.95
C TYR C 148 3.45 -22.95 6.92
N TYR C 149 2.74 -22.07 7.63
CA TYR C 149 3.05 -20.65 7.56
C TYR C 149 4.35 -20.31 8.30
N VAL C 150 4.66 -21.00 9.39
CA VAL C 150 5.89 -20.73 10.12
C VAL C 150 7.10 -21.13 9.30
N GLU C 151 7.07 -22.33 8.72
CA GLU C 151 8.15 -22.75 7.82
C GLU C 151 8.25 -21.80 6.63
N GLN C 152 7.11 -21.35 6.10
CA GLN C 152 7.11 -20.37 5.01
C GLN C 152 7.85 -19.10 5.41
N ALA C 153 7.47 -18.50 6.55
CA ALA C 153 8.01 -17.20 6.92
C ALA C 153 9.49 -17.30 7.26
N VAL C 154 9.89 -18.32 8.03
CA VAL C 154 11.29 -18.46 8.42
C VAL C 154 12.17 -18.65 7.19
N ARG C 155 11.72 -19.48 6.24
CA ARG C 155 12.50 -19.71 5.04
C ARG C 155 12.61 -18.44 4.20
N SER C 156 11.52 -17.65 4.12
CA SER C 156 11.56 -16.41 3.36
C SER C 156 12.46 -15.38 4.04
N ALA C 157 12.44 -15.34 5.37
CA ALA C 157 13.26 -14.35 6.07
C ALA C 157 14.74 -14.74 6.07
N LEU C 158 15.03 -16.03 6.03
CA LEU C 158 16.41 -16.50 6.16
C LEU C 158 17.11 -16.69 4.82
N PHE C 159 16.40 -17.14 3.80
CA PHE C 159 17.02 -17.45 2.53
C PHE C 159 17.17 -16.20 1.66
N GLY C 160 18.08 -16.27 0.71
CA GLY C 160 18.33 -15.15 -0.18
C GLY C 160 18.88 -13.97 0.59
N ARG C 161 18.55 -12.78 0.12
CA ARG C 161 18.87 -11.57 0.87
C ARG C 161 17.98 -11.54 2.11
N PRO C 162 18.53 -11.60 3.32
CA PRO C 162 17.69 -11.73 4.51
C PRO C 162 16.83 -10.49 4.74
N GLY C 163 15.61 -10.72 5.19
CA GLY C 163 14.70 -9.64 5.50
C GLY C 163 13.71 -10.05 6.57
N ALA C 164 12.75 -9.19 6.86
CA ALA C 164 11.78 -9.45 7.92
C ALA C 164 10.57 -10.20 7.38
N ALA C 165 10.03 -11.08 8.21
CA ALA C 165 8.79 -11.79 7.90
C ALA C 165 7.76 -11.50 8.99
N TYR C 166 6.50 -11.37 8.58
CA TYR C 166 5.41 -11.04 9.50
C TYR C 166 4.30 -12.08 9.40
N LEU C 167 3.81 -12.51 10.56
CA LEU C 167 2.72 -13.48 10.65
C LEU C 167 1.62 -12.90 11.52
N ASP C 168 0.43 -12.73 10.93
CA ASP C 168 -0.73 -12.20 11.64
C ASP C 168 -1.49 -13.37 12.27
N MET C 169 -1.70 -13.31 13.58
CA MET C 169 -2.34 -14.40 14.32
C MET C 169 -3.64 -13.92 14.95
N PRO C 170 -4.79 -14.15 14.32
CA PRO C 170 -6.07 -13.77 14.92
C PRO C 170 -6.33 -14.54 16.22
N ASP C 171 -7.12 -13.91 17.11
CA ASP C 171 -7.37 -14.47 18.43
C ASP C 171 -8.05 -15.84 18.35
N ASP C 172 -9.02 -16.00 17.43
CA ASP C 172 -9.69 -17.29 17.28
C ASP C 172 -8.81 -18.33 16.61
N VAL C 173 -7.74 -17.92 15.94
CA VAL C 173 -6.75 -18.87 15.46
C VAL C 173 -5.82 -19.29 16.59
N ILE C 174 -5.49 -18.35 17.48
CA ILE C 174 -4.64 -18.67 18.63
C ILE C 174 -5.34 -19.66 19.55
N LEU C 175 -6.65 -19.47 19.77
CA LEU C 175 -7.41 -20.30 20.69
C LEU C 175 -8.12 -21.47 20.03
N GLY C 176 -8.22 -21.49 18.71
CA GLY C 176 -8.86 -22.59 18.03
C GLY C 176 -8.10 -23.89 18.21
N GLU C 177 -8.85 -24.99 18.28
CA GLU C 177 -8.28 -26.31 18.55
C GLU C 177 -8.44 -27.22 17.34
N VAL C 178 -7.44 -28.09 17.15
CA VAL C 178 -7.43 -29.08 16.09
C VAL C 178 -6.94 -30.40 16.67
N GLU C 179 -7.26 -31.49 15.97
CA GLU C 179 -6.80 -32.80 16.40
C GLU C 179 -5.28 -32.91 16.27
N GLU C 180 -4.65 -33.52 17.28
CA GLU C 180 -3.20 -33.62 17.30
C GLU C 180 -2.67 -34.39 16.11
N ALA C 181 -3.37 -35.47 15.72
CA ALA C 181 -2.92 -36.32 14.63
C ALA C 181 -3.33 -35.78 13.26
N ALA C 182 -4.19 -34.78 13.19
CA ALA C 182 -4.70 -34.28 11.92
C ALA C 182 -3.89 -33.10 11.37
N VAL C 183 -2.87 -32.65 12.09
CA VAL C 183 -2.07 -31.51 11.65
C VAL C 183 -0.95 -32.00 10.74
N ARG C 184 -0.88 -31.43 9.54
CA ARG C 184 0.18 -31.79 8.61
C ARG C 184 1.52 -31.26 9.11
N PRO C 185 2.59 -32.04 8.99
CA PRO C 185 3.91 -31.58 9.44
C PRO C 185 4.55 -30.66 8.42
N ALA C 186 5.65 -30.03 8.85
CA ALA C 186 6.43 -29.14 8.00
C ALA C 186 7.90 -29.47 8.16
N ALA C 187 8.65 -29.32 7.08
CA ALA C 187 10.07 -29.63 7.09
C ALA C 187 10.85 -28.55 7.85
N THR C 188 11.99 -28.96 8.42
CA THR C 188 12.83 -28.05 9.16
C THR C 188 13.69 -27.24 8.20
N VAL C 189 13.66 -25.91 8.36
CA VAL C 189 14.46 -25.04 7.52
C VAL C 189 15.93 -25.19 7.89
N GLY C 190 16.76 -25.50 6.91
CA GLY C 190 18.18 -25.70 7.13
C GLY C 190 18.99 -24.44 6.91
N GLU C 191 20.28 -24.64 6.64
CA GLU C 191 21.16 -23.53 6.35
C GLU C 191 20.72 -22.82 5.07
N PRO C 192 20.86 -21.50 4.98
CA PRO C 192 20.52 -20.79 3.75
C PRO C 192 21.42 -21.23 2.61
N PRO C 193 20.84 -21.45 1.42
CA PRO C 193 21.64 -21.95 0.29
C PRO C 193 22.74 -20.98 -0.11
N ARG C 194 23.95 -21.51 -0.28
CA ARG C 194 25.09 -20.76 -0.77
C ARG C 194 25.32 -21.10 -2.24
N SER C 195 25.58 -20.09 -3.05
CA SER C 195 25.84 -20.30 -4.47
C SER C 195 27.20 -19.71 -4.84
N LEU C 196 27.73 -20.20 -5.96
CA LEU C 196 29.07 -19.85 -6.44
C LEU C 196 28.99 -18.94 -7.66
N ALA C 197 30.15 -18.34 -7.99
CA ALA C 197 30.36 -17.51 -9.17
C ALA C 197 30.97 -18.34 -10.30
N PRO C 198 30.75 -17.96 -11.55
CA PRO C 198 31.39 -18.67 -12.67
C PRO C 198 32.91 -18.58 -12.58
N GLN C 199 33.58 -19.62 -13.08
CA GLN C 199 35.03 -19.70 -12.90
C GLN C 199 35.76 -18.57 -13.61
N GLU C 200 35.26 -18.13 -14.77
CA GLU C 200 35.92 -17.04 -15.47
C GLU C 200 35.78 -15.73 -14.72
N ASN C 201 34.72 -15.57 -13.93
CA ASN C 201 34.60 -14.39 -13.08
C ASN C 201 35.62 -14.43 -11.95
N ILE C 202 35.91 -15.63 -11.43
CA ILE C 202 36.88 -15.77 -10.35
C ILE C 202 38.27 -15.39 -10.83
N GLU C 203 38.67 -15.91 -12.00
CA GLU C 203 39.99 -15.62 -12.52
C GLU C 203 40.10 -14.17 -12.99
N ALA C 204 39.02 -13.61 -13.52
CA ALA C 204 39.02 -12.20 -13.91
C ALA C 204 39.15 -11.29 -12.69
N ALA C 205 38.63 -11.72 -11.55
CA ALA C 205 38.79 -10.94 -10.32
C ALA C 205 40.25 -10.95 -9.87
N LEU C 206 40.89 -12.12 -9.90
CA LEU C 206 42.30 -12.19 -9.50
C LEU C 206 43.19 -11.44 -10.48
N ASP C 207 42.87 -11.49 -11.77
CA ASP C 207 43.65 -10.73 -12.75
C ASP C 207 43.56 -9.23 -12.50
N ALA C 208 42.36 -8.74 -12.19
CA ALA C 208 42.19 -7.31 -11.95
C ALA C 208 42.99 -6.86 -10.73
N LEU C 209 43.05 -7.69 -9.69
CA LEU C 209 43.84 -7.34 -8.52
C LEU C 209 45.32 -7.18 -8.87
N GLN C 210 45.85 -8.11 -9.67
CA GLN C 210 47.25 -8.01 -10.07
C GLN C 210 47.53 -6.78 -10.91
N SER C 211 46.54 -6.33 -11.69
CA SER C 211 46.72 -5.15 -12.53
C SER C 211 46.57 -3.85 -11.74
N ALA C 212 45.98 -3.90 -10.55
CA ALA C 212 45.73 -2.69 -9.79
C ALA C 212 47.03 -2.16 -9.17
N LYS C 213 47.17 -0.84 -9.18
CA LYS C 213 48.33 -0.19 -8.59
C LYS C 213 48.08 0.27 -7.16
N ARG C 214 46.83 0.56 -6.81
CA ARG C 214 46.45 0.99 -5.46
C ARG C 214 45.19 0.25 -5.05
N PRO C 215 45.28 -1.05 -4.80
CA PRO C 215 44.08 -1.83 -4.49
C PRO C 215 43.60 -1.61 -3.07
N LEU C 216 42.30 -1.83 -2.86
CA LEU C 216 41.67 -1.68 -1.56
C LEU C 216 40.51 -2.66 -1.45
N VAL C 217 40.54 -3.48 -0.41
CA VAL C 217 39.45 -4.41 -0.10
C VAL C 217 38.59 -3.78 0.98
N ILE C 218 37.27 -3.84 0.80
CA ILE C 218 36.32 -3.29 1.75
C ILE C 218 35.46 -4.44 2.28
N VAL C 219 35.50 -4.65 3.58
CA VAL C 219 34.85 -5.78 4.23
C VAL C 219 33.56 -5.28 4.89
N GLY C 220 32.41 -5.77 4.38
CA GLY C 220 31.12 -5.38 4.89
C GLY C 220 30.49 -6.45 5.78
N LYS C 221 29.40 -6.05 6.46
CA LYS C 221 28.71 -6.95 7.36
C LYS C 221 27.99 -8.08 6.65
N GLY C 222 27.84 -8.00 5.33
CA GLY C 222 27.36 -9.16 4.58
C GLY C 222 28.30 -10.34 4.70
N MET C 223 29.61 -10.08 4.87
CA MET C 223 30.55 -11.16 5.12
C MET C 223 30.42 -11.67 6.55
N ALA C 224 30.06 -10.80 7.49
CA ALA C 224 29.81 -11.25 8.85
C ALA C 224 28.57 -12.13 8.93
N TRP C 225 27.51 -11.75 8.20
CA TRP C 225 26.30 -12.58 8.16
C TRP C 225 26.58 -13.93 7.50
N SER C 226 27.50 -13.97 6.54
CA SER C 226 27.87 -15.23 5.88
C SER C 226 28.75 -16.11 6.75
N ARG C 227 29.23 -15.62 7.89
CA ARG C 227 30.23 -16.31 8.70
C ARG C 227 31.45 -16.66 7.85
N ALA C 228 31.94 -15.66 7.11
CA ALA C 228 33.05 -15.82 6.19
C ALA C 228 34.36 -15.29 6.75
N GLU C 229 34.44 -15.11 8.08
CA GLU C 229 35.64 -14.53 8.66
C GLU C 229 36.87 -15.40 8.42
N ASN C 230 36.70 -16.72 8.44
CA ASN C 230 37.83 -17.61 8.18
C ASN C 230 38.34 -17.45 6.76
N GLU C 231 37.41 -17.41 5.79
CA GLU C 231 37.80 -17.28 4.40
C GLU C 231 38.40 -15.90 4.10
N VAL C 232 37.81 -14.85 4.69
CA VAL C 232 38.33 -13.50 4.46
C VAL C 232 39.71 -13.34 5.09
N ARG C 233 39.89 -13.83 6.31
CA ARG C 233 41.21 -13.75 6.95
C ARG C 233 42.25 -14.55 6.18
N GLN C 234 41.85 -15.64 5.51
CA GLN C 234 42.78 -16.35 4.64
C GLN C 234 43.06 -15.57 3.37
N PHE C 235 42.05 -14.86 2.86
CA PHE C 235 42.24 -14.09 1.63
C PHE C 235 43.19 -12.92 1.85
N ILE C 236 43.06 -12.21 2.97
CA ILE C 236 43.92 -11.06 3.23
C ILE C 236 45.35 -11.52 3.53
N GLU C 237 45.50 -12.63 4.24
CA GLU C 237 46.84 -13.14 4.52
C GLU C 237 47.52 -13.63 3.25
N ARG C 238 46.76 -14.26 2.36
CA ARG C 238 47.34 -14.78 1.12
C ARG C 238 47.70 -13.64 0.16
N THR C 239 46.80 -12.68 0.00
CA THR C 239 47.04 -11.59 -0.95
C THR C 239 47.84 -10.44 -0.34
N ARG C 240 47.82 -10.29 0.99
CA ARG C 240 48.47 -9.18 1.68
C ARG C 240 47.95 -7.83 1.21
N LEU C 241 46.68 -7.80 0.78
CA LEU C 241 46.06 -6.56 0.33
C LEU C 241 45.61 -5.71 1.52
N PRO C 242 45.71 -4.39 1.42
CA PRO C 242 45.13 -3.54 2.47
C PRO C 242 43.61 -3.61 2.43
N PHE C 243 43.00 -3.60 3.62
CA PHE C 243 41.56 -3.71 3.73
C PHE C 243 41.00 -2.57 4.57
N LEU C 244 39.73 -2.23 4.31
CA LEU C 244 38.98 -1.24 5.08
C LEU C 244 37.70 -1.87 5.59
N ALA C 245 37.49 -1.81 6.90
CA ALA C 245 36.28 -2.35 7.50
C ALA C 245 35.18 -1.30 7.51
N THR C 246 33.96 -1.74 7.24
CA THR C 246 32.77 -0.91 7.41
C THR C 246 32.44 -0.82 8.90
N PRO C 247 31.47 0.05 9.29
CA PRO C 247 31.09 0.13 10.71
C PRO C 247 30.84 -1.22 11.36
N MET C 248 29.85 -1.96 10.91
CA MET C 248 29.57 -3.27 11.49
C MET C 248 30.31 -4.40 10.79
N GLY C 249 31.14 -4.09 9.79
CA GLY C 249 32.07 -5.07 9.26
C GLY C 249 33.31 -5.27 10.09
N LYS C 250 33.54 -4.40 11.07
CA LYS C 250 34.66 -4.56 11.99
C LYS C 250 34.58 -5.90 12.69
N GLY C 251 35.74 -6.52 12.88
CA GLY C 251 35.78 -7.80 13.57
C GLY C 251 35.99 -8.99 12.64
N VAL C 252 35.41 -8.92 11.44
CA VAL C 252 35.62 -9.98 10.45
C VAL C 252 37.11 -10.18 10.22
N MET C 253 37.82 -9.08 9.97
CA MET C 253 39.26 -8.97 10.12
C MET C 253 39.56 -8.30 11.46
N PRO C 254 40.56 -8.78 12.20
CA PRO C 254 40.88 -8.14 13.48
C PRO C 254 41.26 -6.68 13.29
N ASP C 255 40.67 -5.81 14.12
CA ASP C 255 40.89 -4.38 13.96
C ASP C 255 42.35 -3.97 14.16
N ASP C 256 43.14 -4.81 14.82
CA ASP C 256 44.55 -4.54 15.02
C ASP C 256 45.43 -5.19 13.96
N HIS C 257 44.84 -5.72 12.90
CA HIS C 257 45.63 -6.29 11.81
C HIS C 257 46.42 -5.19 11.12
N PRO C 258 47.71 -5.41 10.83
CA PRO C 258 48.53 -4.33 10.28
C PRO C 258 48.13 -3.88 8.88
N LEU C 259 47.29 -4.63 8.17
CA LEU C 259 46.88 -4.26 6.82
C LEU C 259 45.62 -3.40 6.79
N SER C 260 45.09 -2.99 7.94
CA SER C 260 43.90 -2.16 7.98
C SER C 260 44.24 -0.72 7.63
N VAL C 261 43.35 -0.08 6.87
CA VAL C 261 43.50 1.32 6.52
C VAL C 261 42.47 2.19 7.26
N GLY C 262 41.98 1.70 8.40
CA GLY C 262 40.96 2.43 9.14
C GLY C 262 41.39 3.84 9.50
N GLY C 263 42.65 4.02 9.88
CA GLY C 263 43.13 5.32 10.28
C GLY C 263 43.53 6.19 9.11
N ALA C 264 43.13 5.78 7.91
CA ALA C 264 43.42 6.55 6.70
C ALA C 264 42.29 6.34 5.70
N ARG C 265 41.05 6.45 6.18
CA ARG C 265 39.89 6.03 5.39
C ARG C 265 39.68 6.94 4.17
N SER C 266 39.72 8.26 4.38
CA SER C 266 39.45 9.18 3.28
C SER C 266 40.49 9.04 2.17
N HIS C 267 41.77 8.97 2.54
CA HIS C 267 42.81 8.84 1.53
C HIS C 267 42.70 7.51 0.78
N ALA C 268 42.37 6.44 1.50
CA ALA C 268 42.28 5.12 0.86
C ALA C 268 41.14 5.08 -0.16
N LEU C 269 39.98 5.63 0.19
CA LEU C 269 38.86 5.64 -0.74
C LEU C 269 39.11 6.59 -1.91
N GLN C 270 39.88 7.65 -1.68
CA GLN C 270 40.04 8.69 -2.70
C GLN C 270 41.04 8.29 -3.77
N GLU C 271 42.11 7.59 -3.37
CA GLU C 271 43.23 7.31 -4.28
C GLU C 271 43.23 5.91 -4.84
N ALA C 272 42.38 5.01 -4.33
CA ALA C 272 42.35 3.65 -4.83
C ALA C 272 41.90 3.62 -6.28
N ASP C 273 42.63 2.89 -7.12
CA ASP C 273 42.24 2.69 -8.51
C ASP C 273 41.36 1.47 -8.70
N LEU C 274 41.31 0.58 -7.70
CA LEU C 274 40.45 -0.60 -7.74
C LEU C 274 39.93 -0.85 -6.34
N VAL C 275 38.63 -1.12 -6.24
CA VAL C 275 37.96 -1.37 -4.97
C VAL C 275 37.28 -2.72 -5.05
N PHE C 276 37.51 -3.56 -4.04
CA PHE C 276 36.94 -4.91 -3.96
C PHE C 276 35.87 -4.89 -2.86
N LEU C 277 34.61 -4.88 -3.27
CA LEU C 277 33.49 -4.88 -2.33
C LEU C 277 33.20 -6.31 -1.88
N LEU C 278 33.29 -6.54 -0.57
CA LEU C 278 32.96 -7.83 0.03
C LEU C 278 31.71 -7.64 0.88
N GLY C 279 30.56 -7.98 0.31
CA GLY C 279 29.30 -7.87 1.05
C GLY C 279 29.02 -6.47 1.54
N ALA C 280 29.35 -5.46 0.74
CA ALA C 280 29.18 -4.07 1.13
C ALA C 280 28.54 -3.31 -0.03
N ARG C 281 27.56 -2.47 0.30
CA ARG C 281 26.85 -1.70 -0.71
C ARG C 281 27.50 -0.34 -0.91
N PHE C 282 27.40 0.17 -2.14
CA PHE C 282 27.79 1.55 -2.45
C PHE C 282 26.64 2.51 -2.14
N ASN C 283 26.23 2.51 -0.86
CA ASN C 283 25.22 3.43 -0.37
C ASN C 283 25.91 4.58 0.37
N TRP C 284 25.17 5.27 1.24
CA TRP C 284 25.72 6.45 1.89
C TRP C 284 26.90 6.11 2.79
N ILE C 285 26.92 4.90 3.35
CA ILE C 285 28.00 4.51 4.25
C ILE C 285 29.34 4.47 3.51
N LEU C 286 29.32 4.02 2.25
CA LEU C 286 30.51 4.02 1.42
C LEU C 286 30.51 5.15 0.40
N HIS C 287 29.66 6.17 0.59
CA HIS C 287 29.65 7.38 -0.21
C HIS C 287 29.44 7.10 -1.70
N PHE C 288 28.62 6.08 -1.99
CA PHE C 288 28.12 5.76 -3.32
C PHE C 288 29.21 5.39 -4.32
N GLY C 289 30.45 5.20 -3.86
CA GLY C 289 31.54 4.88 -4.77
C GLY C 289 31.78 5.93 -5.85
N LEU C 290 31.32 7.16 -5.61
CA LEU C 290 31.37 8.23 -6.61
C LEU C 290 32.22 9.39 -6.10
N PRO C 291 32.58 10.33 -6.96
CA PRO C 291 33.15 11.60 -6.48
C PRO C 291 32.16 12.32 -5.59
N PRO C 292 32.64 13.18 -4.68
CA PRO C 292 34.03 13.60 -4.48
C PRO C 292 34.81 12.67 -3.56
N ARG C 293 34.32 11.47 -3.27
CA ARG C 293 34.99 10.57 -2.34
C ARG C 293 35.76 9.45 -3.03
N TYR C 294 35.55 9.24 -4.33
CA TYR C 294 36.27 8.23 -5.08
C TYR C 294 36.79 8.84 -6.37
N SER C 295 37.80 8.19 -6.94
CA SER C 295 38.25 8.54 -8.29
C SER C 295 37.13 8.26 -9.28
N LYS C 296 36.98 9.15 -10.27
CA LYS C 296 35.94 8.98 -11.28
C LYS C 296 36.09 7.67 -12.03
N ASP C 297 37.32 7.17 -12.17
CA ASP C 297 37.61 5.96 -12.95
C ASP C 297 37.93 4.77 -12.05
N VAL C 298 37.28 4.70 -10.88
CA VAL C 298 37.58 3.62 -9.95
C VAL C 298 37.07 2.30 -10.52
N ARG C 299 37.90 1.27 -10.41
CA ARG C 299 37.53 -0.08 -10.84
C ARG C 299 36.95 -0.84 -9.66
N VAL C 300 35.91 -1.62 -9.92
CA VAL C 300 35.14 -2.25 -8.85
C VAL C 300 35.02 -3.74 -9.12
N ILE C 301 35.41 -4.55 -8.14
CA ILE C 301 35.04 -5.95 -8.04
C ILE C 301 34.01 -6.05 -6.93
N GLN C 302 32.80 -6.47 -7.26
CA GLN C 302 31.68 -6.45 -6.32
C GLN C 302 31.24 -7.88 -6.01
N LEU C 303 31.29 -8.25 -4.74
CA LEU C 303 30.82 -9.54 -4.25
C LEU C 303 29.55 -9.30 -3.44
N ASP C 304 28.40 -9.63 -4.00
CA ASP C 304 27.13 -9.44 -3.31
C ASP C 304 26.20 -10.59 -3.65
N LEU C 305 25.39 -11.00 -2.67
CA LEU C 305 24.43 -12.07 -2.91
C LEU C 305 23.28 -11.60 -3.80
N SER C 306 22.95 -10.32 -3.77
CA SER C 306 21.87 -9.77 -4.57
C SER C 306 22.41 -9.34 -5.93
N ALA C 307 21.93 -10.00 -7.00
CA ALA C 307 22.37 -9.64 -8.34
C ALA C 307 21.95 -8.22 -8.71
N GLU C 308 20.81 -7.76 -8.22
CA GLU C 308 20.34 -6.42 -8.54
C GLU C 308 21.23 -5.33 -7.96
N GLU C 309 21.99 -5.63 -6.92
CA GLU C 309 22.87 -4.63 -6.29
C GLU C 309 24.14 -4.39 -7.09
N ILE C 310 24.44 -5.25 -8.07
CA ILE C 310 25.68 -5.13 -8.83
C ILE C 310 25.62 -3.88 -9.70
N GLY C 311 26.68 -3.08 -9.66
CA GLY C 311 26.78 -1.90 -10.49
C GLY C 311 25.94 -0.73 -10.05
N ASN C 312 25.40 -0.74 -8.84
CA ASN C 312 24.62 0.38 -8.35
C ASN C 312 25.54 1.57 -8.09
N ASN C 313 25.12 2.75 -8.56
CA ASN C 313 25.89 4.00 -8.45
C ASN C 313 27.18 3.96 -9.25
N ARG C 314 28.07 3.01 -8.95
CA ARG C 314 29.33 2.85 -9.67
C ARG C 314 29.37 1.48 -10.31
N GLN C 315 29.65 1.45 -11.62
CA GLN C 315 29.61 0.21 -12.37
C GLN C 315 30.67 -0.77 -11.87
N ALA C 316 30.32 -2.06 -11.89
CA ALA C 316 31.21 -3.12 -11.45
C ALA C 316 31.93 -3.72 -12.66
N GLU C 317 33.26 -3.74 -12.59
CA GLU C 317 34.05 -4.34 -13.66
C GLU C 317 34.01 -5.86 -13.60
N VAL C 318 34.09 -6.43 -12.41
CA VAL C 318 33.98 -7.87 -12.20
C VAL C 318 32.87 -8.10 -11.19
N ALA C 319 31.84 -8.83 -11.60
CA ALA C 319 30.70 -9.15 -10.75
C ALA C 319 30.88 -10.56 -10.17
N LEU C 320 30.70 -10.67 -8.85
CA LEU C 320 30.76 -11.95 -8.15
C LEU C 320 29.45 -12.10 -7.37
N VAL C 321 28.47 -12.73 -8.00
CA VAL C 321 27.13 -12.87 -7.42
C VAL C 321 27.03 -14.23 -6.73
N GLY C 322 26.76 -14.22 -5.44
CA GLY C 322 26.61 -15.44 -4.69
C GLY C 322 26.99 -15.21 -3.23
N ASP C 323 27.15 -16.33 -2.52
CA ASP C 323 27.46 -16.28 -1.09
C ASP C 323 28.89 -15.81 -0.86
N GLY C 324 29.08 -15.05 0.22
CA GLY C 324 30.41 -14.51 0.51
C GLY C 324 31.40 -15.58 0.88
N LYS C 325 31.06 -16.43 1.85
CA LYS C 325 31.98 -17.49 2.28
C LYS C 325 32.32 -18.42 1.13
N ALA C 326 31.33 -18.75 0.29
CA ALA C 326 31.57 -19.68 -0.80
C ALA C 326 32.44 -19.07 -1.89
N ILE C 327 32.21 -17.80 -2.23
CA ILE C 327 32.96 -17.18 -3.32
C ILE C 327 34.39 -16.87 -2.89
N VAL C 328 34.58 -16.39 -1.66
CA VAL C 328 35.94 -16.15 -1.18
C VAL C 328 36.70 -17.46 -1.07
N GLY C 329 36.02 -18.55 -0.76
CA GLY C 329 36.64 -19.86 -0.82
C GLY C 329 37.16 -20.18 -2.21
N GLN C 330 36.38 -19.83 -3.24
CA GLN C 330 36.84 -20.01 -4.62
C GLN C 330 38.11 -19.19 -4.88
N LEU C 331 38.09 -17.92 -4.48
CA LEU C 331 39.25 -17.05 -4.70
C LEU C 331 40.49 -17.60 -4.00
N ASN C 332 40.32 -18.11 -2.78
CA ASN C 332 41.46 -18.71 -2.08
C ASN C 332 41.93 -19.97 -2.78
N GLN C 333 41.01 -20.75 -3.34
CA GLN C 333 41.39 -21.95 -4.08
C GLN C 333 42.17 -21.58 -5.35
N ALA C 334 41.65 -20.62 -6.11
CA ALA C 334 42.30 -20.22 -7.36
C ALA C 334 43.63 -19.51 -7.12
N LEU C 335 43.83 -18.96 -5.93
CA LEU C 335 45.10 -18.29 -5.64
C LEU C 335 46.22 -19.29 -5.39
N SER C 336 45.88 -20.52 -4.98
CA SER C 336 46.91 -21.50 -4.66
C SER C 336 47.74 -21.91 -5.88
N SER C 337 47.21 -21.71 -7.09
CA SER C 337 47.94 -21.99 -8.31
C SER C 337 48.57 -20.73 -8.90
N ARG C 338 48.68 -19.67 -8.11
CA ARG C 338 49.33 -18.44 -8.53
C ARG C 338 50.40 -18.05 -7.52
N GLN C 339 51.43 -17.36 -8.01
CA GLN C 339 52.50 -16.87 -7.17
C GLN C 339 52.39 -15.37 -6.90
N TRP C 340 51.31 -14.74 -7.36
CA TRP C 340 51.14 -13.31 -7.14
C TRP C 340 50.65 -13.03 -5.73
N PHE C 341 51.29 -12.07 -5.08
CA PHE C 341 50.77 -11.42 -3.90
C PHE C 341 51.11 -9.94 -4.02
N TYR C 342 50.35 -9.10 -3.34
CA TYR C 342 50.64 -7.68 -3.37
C TYR C 342 52.01 -7.44 -2.76
N PRO C 343 52.95 -6.85 -3.51
CA PRO C 343 54.33 -6.77 -3.02
C PRO C 343 54.43 -6.02 -1.70
N ALA C 344 55.44 -6.41 -0.90
CA ALA C 344 55.59 -5.87 0.43
C ALA C 344 55.97 -4.40 0.44
N GLU C 345 56.54 -3.89 -0.66
CA GLU C 345 56.99 -2.50 -0.75
C GLU C 345 56.40 -1.87 -2.00
N THR C 346 55.40 -1.03 -1.81
CA THR C 346 54.79 -0.25 -2.88
C THR C 346 54.59 1.18 -2.39
N PRO C 347 54.59 2.16 -3.28
CA PRO C 347 54.24 3.53 -2.87
C PRO C 347 52.84 3.65 -2.31
N TRP C 348 51.96 2.68 -2.59
CA TRP C 348 50.62 2.69 -2.01
C TRP C 348 50.65 2.35 -0.54
N ARG C 349 51.43 1.34 -0.15
CA ARG C 349 51.63 1.07 1.28
C ARG C 349 52.29 2.25 1.97
N GLU C 350 53.21 2.91 1.27
CA GLU C 350 53.91 4.06 1.83
C GLU C 350 52.95 5.21 2.14
N ALA C 351 52.04 5.50 1.21
CA ALA C 351 51.10 6.60 1.41
C ALA C 351 50.10 6.29 2.51
N ILE C 352 49.66 5.03 2.59
CA ILE C 352 48.72 4.63 3.65
C ILE C 352 49.36 4.78 5.02
N ALA C 353 50.62 4.36 5.15
CA ALA C 353 51.31 4.47 6.44
C ALA C 353 51.45 5.93 6.86
N ALA C 354 51.73 6.82 5.91
CA ALA C 354 51.88 8.23 6.24
C ALA C 354 50.57 8.82 6.73
N LYS C 355 49.48 8.58 6.02
CA LYS C 355 48.18 9.12 6.42
C LYS C 355 47.72 8.55 7.76
N ILE C 356 48.03 7.29 8.04
CA ILE C 356 47.70 6.70 9.34
C ILE C 356 48.46 7.42 10.45
N ALA C 357 49.76 7.65 10.22
CA ALA C 357 50.56 8.36 11.21
C ALA C 357 50.12 9.81 11.36
N GLY C 358 49.66 10.44 10.27
CA GLY C 358 49.18 11.80 10.37
C GLY C 358 47.90 11.92 11.17
N ASN C 359 46.95 11.00 10.94
CA ASN C 359 45.70 11.02 11.70
C ASN C 359 45.92 10.68 13.16
N GLN C 360 46.87 9.78 13.45
CA GLN C 360 47.15 9.45 14.84
C GLN C 360 47.78 10.62 15.58
N ALA C 361 48.59 11.43 14.89
CA ALA C 361 49.16 12.61 15.51
C ALA C 361 48.12 13.71 15.74
N ALA C 362 47.01 13.69 15.00
CA ALA C 362 45.99 14.71 15.16
C ALA C 362 45.13 14.45 16.41
N VAL C 363 44.78 13.18 16.65
CA VAL C 363 43.95 12.85 17.81
C VAL C 363 44.77 12.55 19.06
N ALA C 364 46.09 12.44 18.93
CA ALA C 364 46.90 12.08 20.10
C ALA C 364 46.81 13.09 21.23
N PRO C 365 46.93 14.41 21.01
CA PRO C 365 46.80 15.33 22.14
C PRO C 365 45.44 15.32 22.79
N MET C 366 44.37 15.06 22.03
CA MET C 366 43.04 14.99 22.62
C MET C 366 42.87 13.73 23.47
N ILE C 367 43.51 12.63 23.08
CA ILE C 367 43.44 11.41 23.87
C ILE C 367 44.11 11.60 25.22
N ALA C 368 45.20 12.37 25.26
CA ALA C 368 45.95 12.56 26.50
C ALA C 368 45.40 13.67 27.37
N ASP C 369 44.64 14.61 26.79
CA ASP C 369 44.16 15.78 27.51
C ASP C 369 43.28 15.38 28.68
N ASN C 370 43.75 15.63 29.90
CA ASN C 370 43.04 15.22 31.12
C ASN C 370 42.20 16.34 31.72
N THR C 371 42.03 17.46 31.01
CA THR C 371 41.27 18.58 31.57
C THR C 371 39.78 18.26 31.58
N SER C 372 39.10 18.69 32.63
CA SER C 372 37.66 18.46 32.79
C SER C 372 36.89 19.74 32.53
N PRO C 373 35.72 19.68 31.87
CA PRO C 373 35.05 18.50 31.31
C PRO C 373 35.83 17.82 30.19
N MET C 374 35.74 16.50 30.09
CA MET C 374 36.56 15.74 29.16
C MET C 374 36.01 15.84 27.74
N ASN C 375 36.89 15.59 26.78
CA ASN C 375 36.49 15.45 25.38
C ASN C 375 36.21 13.98 25.06
N TYR C 376 35.69 13.74 23.86
CA TYR C 376 35.30 12.39 23.48
C TYR C 376 36.48 11.43 23.52
N TYR C 377 37.60 11.83 22.92
CA TYR C 377 38.75 10.92 22.81
C TYR C 377 39.37 10.64 24.18
N ARG C 378 39.31 11.60 25.11
CA ARG C 378 39.79 11.35 26.46
C ARG C 378 38.92 10.32 27.18
N VAL C 379 37.59 10.40 26.99
CA VAL C 379 36.69 9.44 27.61
C VAL C 379 36.97 8.04 27.11
N TYR C 380 37.16 7.89 25.80
CA TYR C 380 37.37 6.56 25.22
C TYR C 380 38.74 5.99 25.54
N ARG C 381 39.69 6.80 26.01
CA ARG C 381 40.97 6.25 26.43
C ARG C 381 40.80 5.30 27.61
N ASP C 382 39.95 5.68 28.58
CA ASP C 382 39.70 4.81 29.72
C ASP C 382 38.71 3.70 29.38
N ILE C 383 37.78 3.94 28.46
CA ILE C 383 36.83 2.90 28.07
C ILE C 383 37.54 1.77 27.33
N ALA C 384 38.38 2.13 26.35
CA ALA C 384 38.97 1.12 25.48
C ALA C 384 39.91 0.20 26.24
N ALA C 385 40.66 0.74 27.20
CA ALA C 385 41.59 -0.09 27.97
C ALA C 385 40.89 -1.08 28.88
N ARG C 386 39.56 -1.02 28.98
CA ARG C 386 38.80 -1.91 29.84
C ARG C 386 37.80 -2.77 29.09
N LEU C 387 37.72 -2.65 27.77
CA LEU C 387 36.84 -3.50 26.98
C LEU C 387 37.50 -4.86 26.75
N PRO C 388 36.94 -5.95 27.25
CA PRO C 388 37.54 -7.27 27.01
C PRO C 388 37.57 -7.59 25.53
N ARG C 389 38.48 -8.50 25.17
CA ARG C 389 38.68 -8.86 23.77
C ARG C 389 37.44 -9.51 23.16
N ASN C 390 36.69 -10.28 23.95
CA ASN C 390 35.50 -10.98 23.48
C ASN C 390 34.21 -10.22 23.77
N ALA C 391 34.30 -8.93 24.03
CA ALA C 391 33.13 -8.15 24.38
C ALA C 391 32.24 -7.92 23.16
N ILE C 392 30.97 -7.65 23.42
CA ILE C 392 30.03 -7.21 22.41
C ILE C 392 29.71 -5.75 22.69
N ILE C 393 29.90 -4.90 21.67
CA ILE C 393 29.86 -3.45 21.84
C ILE C 393 28.67 -2.89 21.08
N VAL C 394 27.83 -2.14 21.77
CA VAL C 394 26.68 -1.45 21.19
C VAL C 394 26.98 0.04 21.17
N GLY C 395 26.82 0.66 20.02
CA GLY C 395 27.14 2.07 19.84
C GLY C 395 25.96 2.83 19.28
N GLU C 396 25.67 3.99 19.86
CA GLU C 396 24.51 4.77 19.46
C GLU C 396 24.73 6.24 19.78
N GLY C 397 24.27 7.11 18.89
CA GLY C 397 24.43 8.54 18.99
C GLY C 397 25.05 9.09 17.73
N ALA C 398 25.58 10.32 17.83
CA ALA C 398 26.31 10.91 16.72
C ALA C 398 27.80 10.86 16.99
N ASN C 399 28.33 11.86 17.71
CA ASN C 399 29.75 11.85 18.04
C ASN C 399 30.12 10.70 18.96
N THR C 400 29.22 10.32 19.87
CA THR C 400 29.51 9.20 20.76
C THR C 400 29.72 7.91 19.98
N MET C 401 28.87 7.65 18.99
CA MET C 401 28.96 6.42 18.22
C MET C 401 30.07 6.48 17.18
N ASP C 402 30.16 7.60 16.45
CA ASP C 402 31.15 7.70 15.36
C ASP C 402 32.57 7.71 15.90
N ILE C 403 32.83 8.48 16.96
CA ILE C 403 34.16 8.49 17.56
C ILE C 403 34.43 7.16 18.26
N GLY C 404 33.40 6.57 18.87
CA GLY C 404 33.55 5.25 19.45
C GLY C 404 33.82 4.18 18.42
N ARG C 405 33.36 4.39 17.19
CA ARG C 405 33.63 3.42 16.13
C ARG C 405 35.12 3.32 15.83
N THR C 406 35.86 4.44 15.96
CA THR C 406 37.28 4.46 15.67
C THR C 406 38.16 4.22 16.89
N GLN C 407 37.60 4.33 18.09
CA GLN C 407 38.37 4.14 19.31
C GLN C 407 38.13 2.80 19.99
N MET C 408 37.07 2.09 19.60
CA MET C 408 36.76 0.79 20.19
C MET C 408 37.01 -0.30 19.15
N PRO C 409 38.11 -1.04 19.24
CA PRO C 409 38.37 -2.10 18.26
C PRO C 409 37.56 -3.35 18.53
N ASN C 410 37.31 -4.08 17.45
CA ASN C 410 36.64 -5.38 17.51
C ASN C 410 37.54 -6.42 16.85
N PHE C 411 37.84 -7.48 17.59
CA PHE C 411 38.73 -8.54 17.10
C PHE C 411 37.99 -9.79 16.67
N GLU C 412 36.68 -9.86 16.91
CA GLU C 412 35.85 -10.97 16.50
C GLU C 412 34.67 -10.45 15.70
N PRO C 413 34.19 -11.21 14.72
CA PRO C 413 33.07 -10.74 13.89
C PRO C 413 31.76 -10.71 14.67
N ARG C 414 30.80 -9.96 14.13
CA ARG C 414 29.46 -9.86 14.68
C ARG C 414 29.47 -9.49 16.16
N SER C 415 30.41 -8.60 16.52
CA SER C 415 30.56 -8.14 17.90
C SER C 415 30.38 -6.63 18.02
N ARG C 416 29.80 -6.00 17.00
CA ARG C 416 29.45 -4.58 17.04
C ARG C 416 28.04 -4.41 16.49
N LEU C 417 27.21 -3.68 17.24
CA LEU C 417 25.83 -3.40 16.85
C LEU C 417 25.60 -1.90 17.03
N ASP C 418 25.38 -1.20 15.94
CA ASP C 418 25.20 0.25 15.99
C ASP C 418 23.95 0.65 15.20
N ALA C 419 23.86 1.95 14.88
CA ALA C 419 22.68 2.50 14.23
C ALA C 419 22.44 1.91 12.84
N GLY C 420 23.47 1.37 12.19
CA GLY C 420 23.25 0.63 10.96
C GLY C 420 22.94 1.51 9.76
N SER C 421 22.44 0.83 8.72
CA SER C 421 22.19 1.46 7.41
C SER C 421 20.97 2.38 7.42
N TYR C 422 20.18 2.38 8.49
CA TYR C 422 19.01 3.25 8.61
C TYR C 422 19.28 4.47 9.48
N GLY C 423 20.45 4.53 10.12
CA GLY C 423 20.78 5.62 11.02
C GLY C 423 19.75 5.80 12.11
N THR C 424 19.47 4.72 12.84
CA THR C 424 18.33 4.66 13.75
C THR C 424 18.78 4.92 15.18
N MET C 425 18.09 5.82 15.86
CA MET C 425 18.18 5.99 17.30
C MET C 425 17.06 5.21 17.95
N GLY C 426 17.38 4.49 19.03
CA GLY C 426 16.43 3.62 19.69
C GLY C 426 16.79 2.16 19.69
N ILE C 427 17.90 1.77 19.03
CA ILE C 427 18.34 0.38 18.99
C ILE C 427 19.25 0.03 20.16
N GLY C 428 19.67 1.01 20.96
CA GLY C 428 20.66 0.82 22.00
C GLY C 428 20.41 -0.33 22.96
N LEU C 429 19.49 -0.14 23.90
CA LEU C 429 19.26 -1.15 24.93
C LEU C 429 18.51 -2.36 24.38
N GLY C 430 17.85 -2.22 23.23
CA GLY C 430 17.24 -3.39 22.60
C GLY C 430 18.29 -4.33 22.04
N PHE C 431 19.32 -3.78 21.38
CA PHE C 431 20.42 -4.60 20.89
C PHE C 431 21.21 -5.21 22.03
N ALA C 432 21.38 -4.46 23.12
CA ALA C 432 22.16 -4.96 24.25
C ALA C 432 21.45 -6.14 24.92
N VAL C 433 20.13 -6.03 25.11
CA VAL C 433 19.36 -7.13 25.70
C VAL C 433 19.46 -8.36 24.81
N ALA C 434 19.33 -8.18 23.49
CA ALA C 434 19.49 -9.30 22.57
C ALA C 434 20.88 -9.90 22.67
N ALA C 435 21.92 -9.06 22.71
CA ALA C 435 23.28 -9.56 22.85
C ALA C 435 23.47 -10.26 24.20
N ALA C 436 22.84 -9.75 25.25
CA ALA C 436 22.99 -10.36 26.57
C ALA C 436 22.22 -11.67 26.66
N ALA C 437 21.17 -11.82 25.86
CA ALA C 437 20.42 -13.07 25.87
C ALA C 437 21.08 -14.15 25.04
N VAL C 438 21.78 -13.77 23.96
CA VAL C 438 22.38 -14.77 23.09
C VAL C 438 23.75 -15.20 23.60
N HIS C 439 24.56 -14.25 24.08
CA HIS C 439 25.89 -14.53 24.59
C HIS C 439 25.97 -14.09 26.06
N PRO C 440 25.36 -14.85 26.97
CA PRO C 440 25.43 -14.48 28.39
C PRO C 440 26.80 -14.71 29.01
N GLY C 441 27.70 -15.43 28.33
CA GLY C 441 29.05 -15.64 28.78
C GLY C 441 30.06 -14.62 28.28
N ARG C 442 29.61 -13.62 27.53
CA ARG C 442 30.47 -12.58 27.01
C ARG C 442 30.04 -11.22 27.56
N PRO C 443 31.00 -10.31 27.77
CA PRO C 443 30.64 -8.98 28.28
C PRO C 443 29.86 -8.18 27.24
N VAL C 444 28.90 -7.40 27.72
CA VAL C 444 28.03 -6.58 26.87
C VAL C 444 28.15 -5.14 27.36
N ILE C 445 28.70 -4.27 26.52
CA ILE C 445 28.90 -2.86 26.85
C ILE C 445 28.18 -2.01 25.81
N ALA C 446 27.31 -1.13 26.28
CA ALA C 446 26.58 -0.20 25.42
C ALA C 446 27.06 1.22 25.70
N VAL C 447 27.62 1.87 24.68
CA VAL C 447 28.13 3.22 24.79
C VAL C 447 27.19 4.13 23.99
N GLN C 448 26.37 4.90 24.71
CA GLN C 448 25.35 5.75 24.11
C GLN C 448 25.55 7.20 24.49
N GLY C 449 25.06 8.09 23.64
CA GLY C 449 24.95 9.48 23.99
C GLY C 449 23.70 9.74 24.83
N ASP C 450 23.61 10.95 25.36
CA ASP C 450 22.47 11.26 26.24
C ASP C 450 21.16 11.24 25.45
N SER C 451 21.18 11.69 24.19
CA SER C 451 19.96 11.65 23.39
C SER C 451 19.58 10.22 23.04
N ALA C 452 20.58 9.39 22.68
CA ALA C 452 20.30 8.02 22.28
C ALA C 452 19.76 7.20 23.44
N PHE C 453 20.25 7.45 24.65
CA PHE C 453 19.80 6.69 25.81
C PHE C 453 18.34 6.95 26.12
N GLY C 454 17.83 8.14 25.80
CA GLY C 454 16.44 8.48 26.08
C GLY C 454 15.43 7.74 25.23
N PHE C 455 15.87 7.16 24.11
CA PHE C 455 14.93 6.44 23.25
C PHE C 455 14.52 5.11 23.86
N SER C 456 15.44 4.44 24.56
CA SER C 456 15.18 3.09 25.06
C SER C 456 15.73 2.87 26.46
N GLY C 457 16.05 3.93 27.20
CA GLY C 457 16.63 3.77 28.51
C GLY C 457 15.76 3.00 29.48
N MET C 458 14.44 2.98 29.24
CA MET C 458 13.55 2.25 30.13
C MET C 458 13.77 0.75 30.04
N GLU C 459 14.40 0.26 28.97
CA GLU C 459 14.72 -1.15 28.87
C GLU C 459 15.78 -1.61 29.86
N PHE C 460 16.38 -0.68 30.62
CA PHE C 460 17.29 -1.08 31.68
C PHE C 460 16.61 -1.96 32.71
N GLU C 461 15.31 -1.71 32.97
CA GLU C 461 14.55 -2.58 33.85
C GLU C 461 14.44 -3.99 33.29
N THR C 462 14.35 -4.12 31.97
CA THR C 462 14.31 -5.45 31.36
C THR C 462 15.59 -6.22 31.67
N ALA C 463 16.74 -5.57 31.56
CA ALA C 463 18.00 -6.25 31.83
C ALA C 463 18.09 -6.73 33.27
N ALA C 464 17.77 -5.84 34.23
CA ALA C 464 17.88 -6.21 35.63
C ALA C 464 16.86 -7.27 36.01
N ARG C 465 15.72 -7.32 35.33
CA ARG C 465 14.71 -8.33 35.62
C ARG C 465 15.16 -9.72 35.21
N TYR C 466 15.91 -9.82 34.11
CA TYR C 466 16.43 -11.10 33.63
C TYR C 466 17.90 -11.31 34.00
N GLY C 467 18.41 -10.55 34.96
CA GLY C 467 19.77 -10.70 35.43
C GLY C 467 20.83 -10.55 34.36
N MET C 468 20.70 -9.52 33.51
CA MET C 468 21.64 -9.30 32.43
C MET C 468 22.64 -8.23 32.84
N PRO C 469 23.92 -8.56 33.01
CA PRO C 469 24.91 -7.57 33.48
C PRO C 469 25.39 -6.66 32.36
N ILE C 470 24.48 -5.87 31.80
CA ILE C 470 24.81 -4.98 30.70
C ILE C 470 25.47 -3.73 31.26
N LYS C 471 26.57 -3.31 30.64
CA LYS C 471 27.33 -2.15 31.08
C LYS C 471 26.97 -0.97 30.19
N VAL C 472 26.08 -0.11 30.68
CA VAL C 472 25.62 1.05 29.92
C VAL C 472 26.48 2.25 30.30
N ILE C 473 27.13 2.84 29.30
CA ILE C 473 27.99 4.00 29.49
C ILE C 473 27.40 5.16 28.71
N ILE C 474 26.99 6.21 29.41
CA ILE C 474 26.34 7.37 28.81
C ILE C 474 27.35 8.50 28.71
N LEU C 475 27.47 9.08 27.52
CA LEU C 475 28.31 10.25 27.28
C LEU C 475 27.37 11.44 27.12
N ASN C 476 27.20 12.19 28.20
CA ASN C 476 26.17 13.24 28.29
C ASN C 476 26.82 14.60 28.04
N ASN C 477 26.63 15.14 26.84
CA ASN C 477 27.04 16.50 26.53
C ASN C 477 25.89 17.48 26.64
N GLY C 478 24.69 17.02 26.98
CA GLY C 478 23.57 17.90 27.21
C GLY C 478 22.77 18.27 25.99
N GLY C 479 22.82 17.48 24.92
CA GLY C 479 22.05 17.79 23.74
C GLY C 479 22.23 16.74 22.66
N ILE C 480 21.61 17.01 21.52
CA ILE C 480 21.67 16.14 20.35
C ILE C 480 22.85 16.58 19.50
N GLY C 481 23.92 15.77 19.52
CA GLY C 481 25.11 16.07 18.75
C GLY C 481 26.04 17.10 19.38
N MET C 482 25.53 17.96 20.25
CA MET C 482 26.29 19.09 20.75
C MET C 482 25.55 19.70 21.93
N GLY C 483 26.32 20.17 22.91
CA GLY C 483 25.76 20.86 24.04
C GLY C 483 25.25 22.25 23.68
N SER C 484 24.64 22.90 24.66
CA SER C 484 24.08 24.22 24.43
C SER C 484 24.11 25.03 25.72
N PRO C 485 24.39 26.32 25.63
CA PRO C 485 24.32 27.16 26.83
C PRO C 485 22.89 27.26 27.37
N ALA C 486 22.80 27.50 28.67
CA ALA C 486 21.49 27.64 29.31
C ALA C 486 20.79 28.90 28.77
N PRO C 487 19.51 28.81 28.40
CA PRO C 487 18.85 29.98 27.81
C PRO C 487 18.65 31.09 28.83
N ARG C 488 18.74 32.33 28.34
CA ARG C 488 18.40 33.47 29.17
C ARG C 488 16.90 33.49 29.44
N ASP C 489 16.49 34.35 30.38
CA ASP C 489 15.08 34.43 30.72
C ASP C 489 14.29 34.95 29.53
N GLY C 490 13.15 34.32 29.25
CA GLY C 490 12.38 34.59 28.06
C GLY C 490 12.86 33.90 26.81
N GLN C 491 14.08 33.37 26.82
CA GLN C 491 14.62 32.68 25.64
C GLN C 491 14.22 31.21 25.69
N PRO C 492 13.58 30.67 24.65
CA PRO C 492 13.22 29.26 24.67
C PRO C 492 14.46 28.37 24.58
N GLY C 493 14.29 27.13 25.02
CA GLY C 493 15.36 26.16 24.92
C GLY C 493 15.65 25.79 23.48
N MET C 494 16.92 25.51 23.20
CA MET C 494 17.31 25.13 21.86
C MET C 494 16.69 23.78 21.49
N PRO C 495 16.22 23.61 20.25
CA PRO C 495 15.58 22.35 19.87
C PRO C 495 16.47 21.13 20.01
N HIS C 496 17.79 21.30 19.93
CA HIS C 496 18.70 20.20 20.11
C HIS C 496 19.12 19.99 21.57
N ALA C 497 18.70 20.88 22.47
CA ALA C 497 19.19 20.87 23.84
C ALA C 497 18.53 19.77 24.67
N LEU C 498 19.30 19.23 25.61
CA LEU C 498 18.77 18.29 26.59
C LEU C 498 19.14 18.74 27.99
N SER C 499 19.47 17.81 28.87
CA SER C 499 19.80 18.11 30.27
C SER C 499 21.24 17.71 30.53
N HIS C 500 22.13 18.71 30.56
CA HIS C 500 23.54 18.42 30.80
C HIS C 500 23.78 18.01 32.25
N ASP C 501 22.94 18.46 33.17
CA ASP C 501 23.05 18.12 34.58
C ASP C 501 22.22 16.89 34.96
N ALA C 502 21.67 16.18 33.98
CA ALA C 502 20.81 15.04 34.27
C ALA C 502 21.60 13.93 34.93
N ARG C 503 20.97 13.25 35.88
CA ARG C 503 21.59 12.13 36.59
C ARG C 503 21.00 10.82 36.09
N TYR C 504 21.29 10.51 34.83
CA TYR C 504 20.73 9.33 34.18
C TYR C 504 21.06 8.05 34.94
N GLU C 505 22.20 8.03 35.65
CA GLU C 505 22.63 6.81 36.34
C GLU C 505 21.70 6.44 37.48
N ARG C 506 20.84 7.35 37.93
CA ARG C 506 19.90 7.00 38.99
C ARG C 506 18.77 6.11 38.48
N ILE C 507 18.59 6.03 37.17
CA ILE C 507 17.67 5.05 36.60
C ILE C 507 18.12 3.63 36.95
N ALA C 508 19.43 3.41 37.04
CA ALA C 508 19.93 2.10 37.44
C ALA C 508 19.59 1.80 38.89
N GLU C 509 19.66 2.81 39.76
CA GLU C 509 19.28 2.61 41.16
C GLU C 509 17.78 2.38 41.33
N ALA C 510 16.98 2.71 40.31
CA ALA C 510 15.55 2.46 40.36
C ALA C 510 15.21 0.99 40.15
N PHE C 511 16.13 0.20 39.61
CA PHE C 511 15.83 -1.19 39.27
C PHE C 511 16.90 -2.15 39.82
N GLY C 512 17.55 -1.75 40.91
CA GLY C 512 18.51 -2.62 41.56
C GLY C 512 19.87 -2.67 40.93
N GLY C 513 20.14 -1.86 39.92
CA GLY C 513 21.45 -1.81 39.30
C GLY C 513 22.39 -0.88 40.04
N ALA C 514 23.57 -0.71 39.45
CA ALA C 514 24.60 0.16 39.99
C ALA C 514 24.69 1.44 39.16
N GLY C 515 24.85 2.56 39.84
CA GLY C 515 24.92 3.86 39.18
C GLY C 515 26.19 4.60 39.56
N PHE C 516 26.80 5.25 38.57
CA PHE C 516 28.05 5.97 38.76
C PHE C 516 27.99 7.28 37.98
N TYR C 517 28.42 8.37 38.62
CA TYR C 517 28.39 9.70 38.02
C TYR C 517 29.82 10.21 37.91
N VAL C 518 30.20 10.67 36.71
CA VAL C 518 31.55 11.13 36.42
C VAL C 518 31.49 12.52 35.83
N THR C 519 32.20 13.46 36.45
CA THR C 519 32.41 14.79 35.89
C THR C 519 33.88 15.16 35.78
N ASP C 520 34.79 14.36 36.34
CA ASP C 520 36.21 14.65 36.37
C ASP C 520 36.98 13.43 35.89
N SER C 521 38.08 13.67 35.18
CA SER C 521 38.85 12.59 34.59
C SER C 521 39.44 11.65 35.63
N ALA C 522 39.62 12.13 36.87
CA ALA C 522 40.12 11.26 37.92
C ALA C 522 39.06 10.27 38.41
N GLU C 523 37.78 10.58 38.20
CA GLU C 523 36.70 9.67 38.57
C GLU C 523 36.46 8.59 37.54
N LEU C 524 36.84 8.82 36.28
CA LEU C 524 36.40 7.96 35.18
C LEU C 524 36.93 6.54 35.35
N GLY C 525 38.24 6.39 35.50
CA GLY C 525 38.86 5.11 35.65
C GLY C 525 38.23 4.26 36.74
N PRO C 526 38.24 4.75 37.98
CA PRO C 526 37.63 3.98 39.08
C PRO C 526 36.15 3.72 38.89
N ALA C 527 35.43 4.60 38.18
CA ALA C 527 34.00 4.38 37.96
C ALA C 527 33.77 3.25 36.98
N LEU C 528 34.61 3.14 35.95
CA LEU C 528 34.46 2.06 34.99
C LEU C 528 34.87 0.73 35.60
N ASP C 529 35.93 0.71 36.40
CA ASP C 529 36.36 -0.53 37.06
C ASP C 529 35.27 -1.05 37.98
N ALA C 530 34.55 -0.16 38.65
CA ALA C 530 33.49 -0.60 39.56
C ALA C 530 32.28 -1.12 38.78
N ALA C 531 31.92 -0.46 37.68
CA ALA C 531 30.81 -0.93 36.88
C ALA C 531 31.11 -2.26 36.20
N MET C 532 32.38 -2.51 35.87
CA MET C 532 32.73 -3.78 35.24
C MET C 532 32.70 -4.92 36.25
N ALA C 533 33.19 -4.68 37.46
CA ALA C 533 33.22 -5.69 38.50
C ALA C 533 31.87 -5.90 39.17
N PHE C 534 30.90 -5.02 38.93
CA PHE C 534 29.59 -5.18 39.55
C PHE C 534 28.85 -6.34 38.92
N LYS C 535 28.35 -7.25 39.75
CA LYS C 535 27.63 -8.44 39.28
C LYS C 535 26.18 -8.07 39.01
N GLY C 536 25.97 -7.38 37.89
CA GLY C 536 24.67 -6.91 37.49
C GLY C 536 24.79 -5.77 36.51
N PRO C 537 23.65 -5.28 35.99
CA PRO C 537 23.70 -4.15 35.07
C PRO C 537 24.13 -2.87 35.78
N ALA C 538 24.68 -1.95 35.00
CA ALA C 538 25.22 -0.72 35.56
C ALA C 538 25.07 0.42 34.56
N ILE C 539 25.08 1.64 35.08
CA ILE C 539 25.09 2.85 34.25
C ILE C 539 26.21 3.76 34.75
N VAL C 540 27.06 4.20 33.82
CA VAL C 540 28.09 5.20 34.11
C VAL C 540 27.73 6.46 33.33
N ASN C 541 27.35 7.51 34.06
CA ASN C 541 26.92 8.76 33.45
C ASN C 541 28.09 9.72 33.43
N ILE C 542 28.64 9.96 32.23
CA ILE C 542 29.82 10.80 32.06
C ILE C 542 29.39 12.13 31.48
N LYS C 543 29.61 13.20 32.23
CA LYS C 543 29.27 14.55 31.79
C LYS C 543 30.48 15.13 31.05
N ILE C 544 30.39 15.21 29.73
CA ILE C 544 31.50 15.62 28.90
C ILE C 544 31.35 17.08 28.53
N ALA C 545 32.36 17.64 27.88
CA ALA C 545 32.33 19.03 27.46
C ALA C 545 31.26 19.24 26.39
N ALA C 546 30.56 20.38 26.49
CA ALA C 546 29.46 20.65 25.58
C ALA C 546 29.94 20.93 24.15
N THR C 547 31.15 21.44 23.99
CA THR C 547 31.69 21.80 22.69
C THR C 547 32.56 20.71 22.09
N ALA C 548 32.66 19.54 22.73
CA ALA C 548 33.50 18.47 22.22
C ALA C 548 33.02 18.01 20.86
N ASP C 549 33.96 17.51 20.05
CA ASP C 549 33.66 17.14 18.67
C ASP C 549 34.68 16.13 18.21
N ARG C 550 34.47 15.62 17.00
CA ARG C 550 35.41 14.70 16.37
C ARG C 550 36.55 15.47 15.72
N LYS C 551 37.62 14.76 15.37
CA LYS C 551 38.75 15.41 14.73
C LYS C 551 38.34 15.90 13.35
N PRO C 552 38.89 17.04 12.91
CA PRO C 552 38.48 17.61 11.62
C PRO C 552 38.79 16.68 10.47
N GLN C 553 37.94 16.73 9.45
CA GLN C 553 38.10 15.92 8.26
C GLN C 553 37.88 16.78 7.03
N GLN C 554 38.39 16.30 5.89
CA GLN C 554 38.24 17.04 4.64
C GLN C 554 36.78 17.08 4.20
N PHE C 555 36.05 16.00 4.43
CA PHE C 555 34.66 15.88 3.99
C PHE C 555 33.75 15.63 5.18
N ASN C 556 32.49 16.01 5.01
CA ASN C 556 31.46 15.66 5.98
C ASN C 556 31.00 14.22 5.73
N TRP C 557 30.62 13.54 6.81
CA TRP C 557 30.23 12.13 6.68
C TRP C 557 29.01 11.97 5.77
N HIS C 558 28.09 12.94 5.78
CA HIS C 558 26.91 12.87 4.94
C HIS C 558 27.15 13.51 3.57
N GLY C 559 27.82 14.65 3.54
CA GLY C 559 28.08 15.36 2.29
C GLY C 559 26.81 15.82 1.61
N SER D 3 26.38 42.50 11.87
CA SER D 3 26.31 43.94 11.95
C SER D 3 25.31 44.50 10.96
N ASN D 4 24.49 45.45 11.42
CA ASN D 4 23.48 46.06 10.57
C ASN D 4 24.05 47.08 9.60
N ALA D 5 25.31 47.49 9.78
CA ALA D 5 25.93 48.45 8.87
C ALA D 5 26.28 47.81 7.53
N MET D 6 26.63 46.52 7.54
CA MET D 6 26.96 45.82 6.30
C MET D 6 25.72 45.64 5.44
N ALA D 7 25.86 45.88 4.14
CA ALA D 7 24.76 45.66 3.22
C ALA D 7 24.41 44.17 3.17
N LYS D 8 23.10 43.88 3.16
CA LYS D 8 22.61 42.51 3.17
C LYS D 8 21.41 42.37 2.25
N SER D 9 21.41 41.33 1.43
CA SER D 9 20.26 41.02 0.60
C SER D 9 19.22 40.26 1.42
N GLU D 10 17.95 40.63 1.24
CA GLU D 10 16.87 40.08 2.06
C GLU D 10 15.67 39.61 1.25
N GLY D 11 15.78 39.58 -0.08
CA GLY D 11 14.64 39.20 -0.90
C GLY D 11 14.34 37.72 -0.99
N LYS D 12 15.21 36.87 -0.44
CA LYS D 12 15.07 35.43 -0.56
C LYS D 12 14.70 34.79 0.77
N VAL D 13 14.07 33.63 0.69
CA VAL D 13 13.62 32.88 1.86
C VAL D 13 13.64 31.41 1.52
N ASN D 14 14.03 30.57 2.48
CA ASN D 14 14.16 29.14 2.25
C ASN D 14 12.89 28.41 2.66
N GLY D 15 12.92 27.08 2.49
CA GLY D 15 11.74 26.28 2.74
C GLY D 15 11.42 26.11 4.22
N ALA D 16 12.43 26.18 5.08
CA ALA D 16 12.18 26.07 6.51
C ALA D 16 11.41 27.28 7.03
N THR D 17 11.74 28.48 6.54
CA THR D 17 11.06 29.67 7.02
C THR D 17 9.65 29.77 6.46
N LEU D 18 9.47 29.42 5.19
CA LEU D 18 8.12 29.37 4.63
C LEU D 18 7.27 28.35 5.38
N MET D 19 7.87 27.23 5.79
CA MET D 19 7.16 26.24 6.58
C MET D 19 6.72 26.83 7.92
N ALA D 20 7.60 27.56 8.59
CA ALA D 20 7.26 28.13 9.90
C ALA D 20 6.15 29.16 9.78
N ARG D 21 6.24 30.05 8.78
CA ARG D 21 5.22 31.08 8.62
C ARG D 21 3.87 30.49 8.26
N ALA D 22 3.86 29.47 7.41
CA ALA D 22 2.60 28.83 7.03
C ALA D 22 1.96 28.13 8.22
N LEU D 23 2.77 27.44 9.04
CA LEU D 23 2.24 26.76 10.21
C LEU D 23 1.65 27.77 11.20
N GLN D 24 2.36 28.86 11.45
CA GLN D 24 1.86 29.88 12.37
C GLN D 24 0.57 30.50 11.84
N GLN D 25 0.49 30.74 10.53
CA GLN D 25 -0.72 31.33 9.96
C GLN D 25 -1.92 30.42 10.14
N GLN D 26 -1.71 29.11 10.03
CA GLN D 26 -2.80 28.14 10.12
C GLN D 26 -3.13 27.74 11.56
N GLY D 27 -2.63 28.47 12.55
CA GLY D 27 -3.00 28.22 13.92
C GLY D 27 -2.23 27.12 14.62
N VAL D 28 -1.13 26.65 14.05
CA VAL D 28 -0.30 25.66 14.72
C VAL D 28 0.51 26.38 15.80
N GLN D 29 0.20 26.08 17.07
CA GLN D 29 0.89 26.71 18.18
C GLN D 29 1.94 25.82 18.83
N TYR D 30 1.84 24.51 18.67
CA TYR D 30 2.70 23.57 19.37
C TYR D 30 3.29 22.56 18.38
N MET D 31 4.59 22.30 18.54
CA MET D 31 5.32 21.36 17.69
C MET D 31 6.16 20.45 18.57
N PHE D 32 5.81 19.17 18.59
CA PHE D 32 6.56 18.18 19.34
C PHE D 32 7.41 17.35 18.39
N GLY D 33 8.61 16.98 18.83
CA GLY D 33 9.41 16.07 18.05
C GLY D 33 10.84 16.00 18.55
N ILE D 34 11.70 15.44 17.70
CA ILE D 34 13.13 15.32 17.95
C ILE D 34 13.87 15.76 16.70
N VAL D 35 14.84 16.64 16.87
CA VAL D 35 15.52 17.25 15.73
C VAL D 35 16.64 16.36 15.22
N GLY D 36 17.28 16.79 14.13
CA GLY D 36 18.28 16.02 13.44
C GLY D 36 18.15 16.25 11.95
N PHE D 37 19.00 15.64 11.15
CA PHE D 37 18.91 15.78 9.70
C PHE D 37 17.55 15.30 9.22
N PRO D 38 16.84 16.07 8.39
CA PRO D 38 17.17 17.44 7.96
C PRO D 38 16.23 18.48 8.55
N VAL D 39 15.58 18.20 9.69
CA VAL D 39 14.50 19.06 10.18
C VAL D 39 14.97 20.08 11.20
N ILE D 40 16.27 20.18 11.46
CA ILE D 40 16.75 21.18 12.42
C ILE D 40 16.37 22.61 12.02
N PRO D 41 16.52 23.03 10.76
CA PRO D 41 16.07 24.39 10.42
C PRO D 41 14.57 24.58 10.60
N ILE D 42 13.77 23.53 10.42
CA ILE D 42 12.32 23.66 10.60
C ILE D 42 11.99 24.00 12.04
N ALA D 43 12.61 23.30 12.99
CA ALA D 43 12.33 23.57 14.40
C ALA D 43 12.82 24.95 14.81
N ILE D 44 13.99 25.36 14.31
CA ILE D 44 14.53 26.67 14.66
C ILE D 44 13.66 27.78 14.07
N ALA D 45 13.27 27.64 12.81
CA ALA D 45 12.42 28.66 12.19
C ALA D 45 11.04 28.70 12.84
N ALA D 46 10.54 27.56 13.30
CA ALA D 46 9.24 27.55 13.98
C ALA D 46 9.29 28.38 15.26
N GLN D 47 10.35 28.23 16.05
CA GLN D 47 10.51 29.04 17.26
C GLN D 47 10.60 30.52 16.93
N ARG D 48 11.17 30.86 15.77
CA ARG D 48 11.31 32.27 15.40
C ARG D 48 9.96 32.92 15.12
N GLU D 49 8.97 32.14 14.69
CA GLU D 49 7.63 32.66 14.44
C GLU D 49 6.74 32.55 15.66
N GLY D 50 7.29 32.25 16.83
CA GLY D 50 6.53 32.17 18.06
C GLY D 50 5.94 30.81 18.37
N ILE D 51 6.18 29.81 17.52
CA ILE D 51 5.65 28.48 17.78
C ILE D 51 6.44 27.82 18.90
N THR D 52 5.73 27.11 19.78
CA THR D 52 6.35 26.43 20.92
C THR D 52 6.84 25.07 20.47
N TYR D 53 8.16 24.90 20.38
CA TYR D 53 8.75 23.60 20.07
C TYR D 53 9.10 22.87 21.36
N ILE D 54 8.81 21.58 21.39
CA ILE D 54 9.03 20.73 22.56
C ILE D 54 9.76 19.47 22.11
N GLY D 55 11.03 19.36 22.51
CA GLY D 55 11.84 18.21 22.15
C GLY D 55 11.57 17.02 23.04
N MET D 56 11.06 15.95 22.45
CA MET D 56 10.71 14.74 23.19
C MET D 56 11.91 13.80 23.27
N ARG D 57 11.70 12.63 23.85
CA ARG D 57 12.72 11.60 23.93
C ARG D 57 12.48 10.43 23.00
N ASN D 58 11.29 10.34 22.41
CA ASN D 58 11.00 9.32 21.40
C ASN D 58 9.88 9.85 20.51
N GLU D 59 10.04 9.65 19.20
CA GLU D 59 9.01 10.08 18.25
C GLU D 59 7.66 9.45 18.55
N GLN D 60 7.66 8.25 19.13
CA GLN D 60 6.41 7.60 19.51
C GLN D 60 5.62 8.46 20.47
N SER D 61 6.27 8.97 21.52
CA SER D 61 5.59 9.88 22.44
C SER D 61 5.31 11.24 21.78
N ALA D 62 6.21 11.69 20.90
CA ALA D 62 6.00 12.96 20.21
C ALA D 62 4.76 12.93 19.34
N SER D 63 4.56 11.82 18.61
CA SER D 63 3.40 11.71 17.75
C SER D 63 2.10 11.61 18.55
N TYR D 64 2.16 11.05 19.76
CA TYR D 64 0.98 11.01 20.62
C TYR D 64 0.68 12.39 21.21
N ALA D 65 1.73 13.14 21.55
CA ALA D 65 1.53 14.48 22.12
C ALA D 65 0.87 15.42 21.11
N ALA D 66 1.22 15.29 19.84
CA ALA D 66 0.69 16.20 18.82
C ALA D 66 -0.83 16.08 18.71
N GLN D 67 -1.34 14.84 18.63
CA GLN D 67 -2.77 14.64 18.49
C GLN D 67 -3.52 15.00 19.77
N ALA D 68 -2.88 14.86 20.92
CA ALA D 68 -3.52 15.29 22.17
C ALA D 68 -3.63 16.80 22.23
N ALA D 69 -2.57 17.51 21.83
CA ALA D 69 -2.65 18.97 21.74
C ALA D 69 -3.66 19.39 20.69
N SER D 70 -3.83 18.60 19.62
CA SER D 70 -4.85 18.92 18.62
C SER D 70 -6.25 18.74 19.20
N TYR D 71 -6.43 17.72 20.04
CA TYR D 71 -7.74 17.51 20.65
C TYR D 71 -8.06 18.60 21.67
N LEU D 72 -7.05 19.03 22.43
CA LEU D 72 -7.29 20.04 23.46
C LEU D 72 -7.49 21.42 22.86
N THR D 73 -6.59 21.83 21.95
CA THR D 73 -6.72 23.16 21.35
C THR D 73 -7.89 23.24 20.38
N GLY D 74 -8.18 22.15 19.67
CA GLY D 74 -9.22 22.17 18.66
C GLY D 74 -8.73 22.46 17.27
N ARG D 75 -7.41 22.48 17.05
CA ARG D 75 -6.81 22.71 15.75
C ARG D 75 -5.61 21.79 15.60
N PRO D 76 -5.30 21.37 14.38
CA PRO D 76 -4.18 20.44 14.18
C PRO D 76 -2.87 21.03 14.70
N GLN D 77 -2.17 20.23 15.49
CA GLN D 77 -0.84 20.58 15.99
C GLN D 77 0.21 19.70 15.34
N ALA D 78 1.46 20.12 15.43
CA ALA D 78 2.52 19.58 14.60
C ALA D 78 3.35 18.54 15.33
N CYS D 79 3.89 17.60 14.55
CA CYS D 79 4.86 16.62 15.01
C CYS D 79 6.01 16.61 14.02
N LEU D 80 7.21 16.95 14.50
CA LEU D 80 8.39 17.11 13.66
C LEU D 80 9.33 15.93 13.90
N VAL D 81 9.55 15.13 12.86
CA VAL D 81 10.41 13.95 12.96
C VAL D 81 11.40 13.96 11.81
N VAL D 82 12.53 13.27 12.03
CA VAL D 82 13.58 13.18 11.02
C VAL D 82 13.20 12.13 9.98
N SER D 83 14.00 12.04 8.93
CA SER D 83 13.74 11.10 7.85
C SER D 83 13.93 9.65 8.33
N GLY D 84 13.38 8.73 7.55
CA GLY D 84 13.57 7.31 7.79
C GLY D 84 12.89 6.83 9.04
N PRO D 85 13.68 6.33 10.00
CA PRO D 85 13.08 5.77 11.22
C PRO D 85 12.36 6.80 12.08
N GLY D 86 12.67 8.09 11.90
CA GLY D 86 11.90 9.11 12.59
C GLY D 86 10.44 9.09 12.19
N VAL D 87 10.17 8.87 10.90
CA VAL D 87 8.79 8.78 10.44
C VAL D 87 8.18 7.44 10.85
N VAL D 88 8.96 6.37 10.80
CA VAL D 88 8.45 5.05 11.16
C VAL D 88 8.11 4.99 12.64
N HIS D 89 8.96 5.57 13.49
CA HIS D 89 8.64 5.66 14.91
C HIS D 89 7.35 6.45 15.15
N ALA D 90 7.08 7.44 14.31
CA ALA D 90 5.90 8.28 14.47
C ALA D 90 4.65 7.70 13.83
N LEU D 91 4.74 6.52 13.19
CA LEU D 91 3.55 5.88 12.65
C LEU D 91 2.58 5.47 13.74
N ALA D 92 3.06 5.33 14.98
CA ALA D 92 2.17 5.02 16.10
C ALA D 92 1.12 6.09 16.28
N GLY D 93 1.53 7.37 16.25
CA GLY D 93 0.58 8.45 16.42
C GLY D 93 -0.41 8.55 15.28
N LEU D 94 0.05 8.33 14.04
CA LEU D 94 -0.85 8.38 12.90
C LEU D 94 -1.97 7.35 13.04
N ALA D 95 -1.62 6.12 13.41
CA ALA D 95 -2.64 5.10 13.61
C ALA D 95 -3.58 5.46 14.75
N ASN D 96 -3.01 5.95 15.87
CA ASN D 96 -3.84 6.28 17.02
C ASN D 96 -4.75 7.47 16.73
N ALA D 97 -4.25 8.46 15.99
CA ALA D 97 -5.09 9.60 15.61
C ALA D 97 -6.18 9.16 14.64
N GLN D 98 -5.88 8.21 13.75
CA GLN D 98 -6.88 7.74 12.80
C GLN D 98 -8.03 7.03 13.50
N VAL D 99 -7.72 6.24 14.53
CA VAL D 99 -8.75 5.45 15.19
C VAL D 99 -9.66 6.34 16.04
N ASN D 100 -9.09 7.35 16.69
CA ASN D 100 -9.85 8.23 17.57
C ASN D 100 -10.52 9.39 16.84
N CYS D 101 -10.32 9.51 15.53
CA CYS D 101 -10.85 10.64 14.74
C CYS D 101 -10.36 11.97 15.31
N TRP D 102 -9.08 12.02 15.65
CA TRP D 102 -8.42 13.23 16.12
C TRP D 102 -7.55 13.82 15.03
N PRO D 103 -7.52 15.15 14.88
CA PRO D 103 -6.64 15.76 13.89
C PRO D 103 -5.19 15.68 14.34
N MET D 104 -4.29 15.78 13.36
CA MET D 104 -2.86 15.68 13.61
C MET D 104 -2.10 16.02 12.34
N LEU D 105 -1.01 16.78 12.49
CA LEU D 105 -0.15 17.13 11.36
C LEU D 105 1.26 16.62 11.65
N LEU D 106 1.68 15.60 10.90
CA LEU D 106 3.01 15.04 11.02
C LEU D 106 3.91 15.61 9.93
N ILE D 107 5.03 16.19 10.33
CA ILE D 107 6.00 16.77 9.41
C ILE D 107 7.26 15.92 9.49
N GLY D 108 7.53 15.17 8.43
CA GLY D 108 8.67 14.27 8.39
C GLY D 108 9.70 14.75 7.38
N GLY D 109 10.94 14.86 7.83
CA GLY D 109 12.03 15.16 6.92
C GLY D 109 12.28 14.02 5.95
N ALA D 110 13.01 14.33 4.88
CA ALA D 110 13.30 13.34 3.86
C ALA D 110 14.66 13.63 3.25
N SER D 111 15.32 12.57 2.77
CA SER D 111 16.60 12.74 2.10
C SER D 111 16.43 13.53 0.82
N ALA D 112 17.53 14.11 0.35
CA ALA D 112 17.49 15.01 -0.79
C ALA D 112 16.95 14.30 -2.03
N ILE D 113 16.09 15.01 -2.77
CA ILE D 113 15.46 14.45 -3.96
C ILE D 113 16.51 13.97 -4.96
N GLU D 114 17.56 14.77 -5.17
CA GLU D 114 18.56 14.44 -6.18
C GLU D 114 19.36 13.19 -5.84
N GLN D 115 19.18 12.62 -4.65
CA GLN D 115 19.87 11.40 -4.26
C GLN D 115 18.95 10.18 -4.23
N ASN D 116 17.71 10.32 -4.69
CA ASN D 116 16.78 9.20 -4.69
C ASN D 116 17.31 8.06 -5.56
N GLY D 117 17.16 6.83 -5.06
CA GLY D 117 17.64 5.66 -5.75
C GLY D 117 19.08 5.29 -5.48
N MET D 118 19.87 6.21 -4.93
CA MET D 118 21.28 5.98 -4.67
C MET D 118 21.54 5.28 -3.35
N GLY D 119 20.50 5.00 -2.55
CA GLY D 119 20.71 4.47 -1.23
C GLY D 119 21.17 5.55 -0.29
N ALA D 120 20.51 6.70 -0.35
CA ALA D 120 20.89 7.85 0.46
C ALA D 120 20.60 7.59 1.94
N PHE D 121 21.20 8.41 2.79
CA PHE D 121 21.02 8.30 4.23
C PHE D 121 19.56 8.47 4.58
N GLN D 122 18.95 7.40 5.14
CA GLN D 122 17.56 7.40 5.59
C GLN D 122 16.59 7.66 4.45
N GLU D 123 16.95 7.29 3.22
CA GLU D 123 16.01 7.32 2.12
C GLU D 123 14.92 6.28 2.35
N GLU D 124 13.67 6.68 2.13
CA GLU D 124 12.54 5.81 2.45
C GLU D 124 11.30 6.29 1.72
N ARG D 125 10.46 5.34 1.34
N ARG D 125 10.45 5.34 1.33
CA ARG D 125 9.15 5.62 0.75
CA ARG D 125 9.15 5.65 0.73
C ARG D 125 8.19 6.03 1.88
C ARG D 125 8.21 6.03 1.86
N GLN D 126 8.38 7.26 2.36
CA GLN D 126 7.68 7.68 3.57
C GLN D 126 6.21 7.99 3.30
N VAL D 127 5.89 8.55 2.15
CA VAL D 127 4.49 8.83 1.83
C VAL D 127 3.70 7.53 1.68
N LEU D 128 4.34 6.50 1.12
CA LEU D 128 3.66 5.22 0.94
C LEU D 128 3.37 4.56 2.28
N LEU D 129 4.29 4.67 3.24
CA LEU D 129 4.11 4.01 4.53
C LEU D 129 2.99 4.67 5.33
N ALA D 130 2.92 5.99 5.30
CA ALA D 130 1.98 6.72 6.14
C ALA D 130 0.59 6.84 5.52
N SER D 131 0.47 6.65 4.21
CA SER D 131 -0.83 6.83 3.55
C SER D 131 -1.95 5.99 4.14
N PRO D 132 -1.78 4.69 4.43
CA PRO D 132 -2.90 3.92 5.01
C PRO D 132 -3.34 4.40 6.39
N LEU D 133 -2.56 5.26 7.05
CA LEU D 133 -2.90 5.75 8.39
C LEU D 133 -3.29 7.21 8.40
N CYS D 134 -3.40 7.86 7.24
CA CYS D 134 -3.64 9.29 7.15
C CYS D 134 -4.88 9.59 6.34
N LYS D 135 -5.57 10.68 6.71
CA LYS D 135 -6.56 11.27 5.81
C LYS D 135 -5.89 11.91 4.61
N TYR D 136 -4.68 12.44 4.81
CA TYR D 136 -4.00 13.24 3.80
C TYR D 136 -2.50 12.98 3.92
N ALA D 137 -1.86 12.72 2.78
CA ALA D 137 -0.42 12.49 2.76
C ALA D 137 0.13 12.95 1.42
N HIS D 138 1.15 13.79 1.45
CA HIS D 138 1.75 14.27 0.22
C HIS D 138 3.14 14.83 0.52
N GLN D 139 4.01 14.75 -0.48
CA GLN D 139 5.35 15.31 -0.39
C GLN D 139 5.37 16.72 -0.99
N VAL D 140 6.12 17.62 -0.35
CA VAL D 140 6.31 18.97 -0.87
C VAL D 140 7.51 18.93 -1.81
N GLU D 141 7.24 19.05 -3.12
CA GLU D 141 8.29 18.87 -4.12
C GLU D 141 9.11 20.14 -4.31
N ARG D 142 8.47 21.30 -4.28
CA ARG D 142 9.16 22.57 -4.47
C ARG D 142 8.90 23.49 -3.29
N PRO D 143 9.90 24.28 -2.87
CA PRO D 143 9.70 25.14 -1.69
C PRO D 143 8.66 26.23 -1.89
N GLU D 144 8.44 26.68 -3.12
CA GLU D 144 7.47 27.76 -3.34
C GLU D 144 6.04 27.32 -3.12
N ARG D 145 5.77 26.01 -3.07
CA ARG D 145 4.43 25.49 -2.86
C ARG D 145 4.17 25.10 -1.42
N ILE D 146 5.03 25.52 -0.49
CA ILE D 146 4.84 25.17 0.92
C ILE D 146 3.57 25.78 1.50
N PRO D 147 3.28 27.08 1.32
CA PRO D 147 2.00 27.61 1.84
C PRO D 147 0.78 26.88 1.32
N TYR D 148 0.82 26.42 0.07
CA TYR D 148 -0.30 25.66 -0.48
C TYR D 148 -0.49 24.35 0.26
N TYR D 149 0.60 23.60 0.46
CA TYR D 149 0.48 22.27 1.05
C TYR D 149 0.12 22.33 2.53
N VAL D 150 0.70 23.29 3.26
CA VAL D 150 0.37 23.43 4.68
C VAL D 150 -1.11 23.77 4.85
N GLU D 151 -1.64 24.63 3.99
CA GLU D 151 -3.06 24.95 4.05
C GLU D 151 -3.91 23.72 3.77
N GLN D 152 -3.61 23.01 2.67
CA GLN D 152 -4.42 21.85 2.30
C GLN D 152 -4.31 20.72 3.33
N ALA D 153 -3.14 20.56 3.94
CA ALA D 153 -2.97 19.52 4.94
C ALA D 153 -3.77 19.82 6.20
N VAL D 154 -3.64 21.04 6.73
CA VAL D 154 -4.37 21.41 7.94
C VAL D 154 -5.88 21.30 7.71
N ARG D 155 -6.35 21.78 6.56
CA ARG D 155 -7.78 21.70 6.27
C ARG D 155 -8.26 20.26 6.17
N SER D 156 -7.44 19.37 5.59
CA SER D 156 -7.85 17.97 5.49
C SER D 156 -7.86 17.28 6.85
N ALA D 157 -6.97 17.68 7.75
CA ALA D 157 -6.96 17.12 9.09
C ALA D 157 -8.12 17.63 9.94
N LEU D 158 -8.52 18.89 9.74
CA LEU D 158 -9.50 19.52 10.62
C LEU D 158 -10.95 19.34 10.13
N PHE D 159 -11.18 19.46 8.83
CA PHE D 159 -12.54 19.46 8.31
C PHE D 159 -13.06 18.02 8.20
N GLY D 160 -14.39 17.91 8.22
CA GLY D 160 -15.04 16.61 8.16
C GLY D 160 -14.71 15.78 9.38
N ARG D 161 -14.71 14.47 9.19
CA ARG D 161 -14.25 13.58 10.25
C ARG D 161 -12.75 13.78 10.44
N PRO D 162 -12.30 14.26 11.60
CA PRO D 162 -10.88 14.60 11.75
C PRO D 162 -9.99 13.38 11.62
N GLY D 163 -8.75 13.62 11.18
CA GLY D 163 -7.79 12.55 10.99
C GLY D 163 -6.40 13.13 10.83
N ALA D 164 -5.44 12.23 10.64
CA ALA D 164 -4.03 12.60 10.54
C ALA D 164 -3.66 13.04 9.14
N ALA D 165 -2.74 14.00 9.06
CA ALA D 165 -2.18 14.47 7.81
C ALA D 165 -0.66 14.41 7.88
N TYR D 166 -0.03 14.16 6.73
CA TYR D 166 1.41 14.01 6.64
C TYR D 166 1.96 14.83 5.49
N LEU D 167 3.00 15.62 5.77
CA LEU D 167 3.70 16.39 4.76
C LEU D 167 5.16 15.97 4.76
N ASP D 168 5.64 15.50 3.62
CA ASP D 168 7.02 15.04 3.47
C ASP D 168 7.88 16.20 2.99
N MET D 169 8.98 16.46 3.70
CA MET D 169 9.86 17.59 3.43
C MET D 169 11.26 17.12 3.08
N PRO D 170 11.61 17.02 1.79
CA PRO D 170 12.97 16.65 1.42
C PRO D 170 13.98 17.71 1.86
N ASP D 171 15.24 17.26 1.99
CA ASP D 171 16.29 18.16 2.44
C ASP D 171 16.48 19.34 1.51
N ASP D 172 16.43 19.10 0.20
CA ASP D 172 16.62 20.18 -0.77
C ASP D 172 15.45 21.15 -0.78
N VAL D 173 14.26 20.72 -0.34
CA VAL D 173 13.13 21.64 -0.23
C VAL D 173 13.27 22.52 1.00
N ILE D 174 13.73 21.95 2.11
CA ILE D 174 13.89 22.70 3.35
C ILE D 174 14.89 23.84 3.17
N LEU D 175 16.04 23.53 2.54
CA LEU D 175 17.09 24.52 2.36
C LEU D 175 16.98 25.32 1.07
N GLY D 176 16.10 24.92 0.15
CA GLY D 176 15.99 25.63 -1.11
C GLY D 176 15.37 27.01 -0.94
N GLU D 177 15.97 27.99 -1.59
CA GLU D 177 15.55 29.38 -1.49
C GLU D 177 14.64 29.75 -2.65
N VAL D 178 13.78 30.74 -2.40
CA VAL D 178 12.89 31.30 -3.41
C VAL D 178 12.70 32.78 -3.11
N GLU D 179 12.35 33.54 -4.15
CA GLU D 179 12.09 34.96 -3.98
C GLU D 179 10.83 35.16 -3.13
N GLU D 180 10.96 35.99 -2.09
CA GLU D 180 9.89 36.12 -1.11
C GLU D 180 8.63 36.70 -1.74
N ALA D 181 8.79 37.68 -2.63
CA ALA D 181 7.65 38.30 -3.30
C ALA D 181 7.04 37.43 -4.39
N ALA D 182 7.60 36.24 -4.64
CA ALA D 182 7.07 35.33 -5.65
C ALA D 182 6.31 34.15 -5.04
N VAL D 183 6.38 33.95 -3.73
CA VAL D 183 5.68 32.84 -3.10
C VAL D 183 4.19 33.11 -3.11
N ARG D 184 3.43 32.12 -3.58
CA ARG D 184 1.98 32.29 -3.67
C ARG D 184 1.36 32.23 -2.27
N PRO D 185 0.55 33.20 -1.89
CA PRO D 185 -0.08 33.15 -0.56
C PRO D 185 -1.15 32.08 -0.51
N ALA D 186 -1.50 31.69 0.73
CA ALA D 186 -2.54 30.71 0.98
C ALA D 186 -3.54 31.26 1.98
N ALA D 187 -4.79 30.88 1.81
CA ALA D 187 -5.84 31.30 2.74
C ALA D 187 -5.63 30.65 4.10
N THR D 188 -6.22 31.26 5.12
CA THR D 188 -6.15 30.74 6.48
C THR D 188 -7.33 29.81 6.73
N VAL D 189 -7.04 28.59 7.19
CA VAL D 189 -8.08 27.62 7.47
C VAL D 189 -8.84 28.05 8.72
N GLY D 190 -10.15 28.26 8.57
CA GLY D 190 -10.99 28.70 9.66
C GLY D 190 -11.44 27.55 10.53
N GLU D 191 -12.63 27.71 11.12
CA GLU D 191 -13.21 26.66 11.93
C GLU D 191 -13.82 25.57 11.04
N PRO D 192 -13.83 24.33 11.51
CA PRO D 192 -14.43 23.24 10.73
C PRO D 192 -15.91 23.51 10.49
N PRO D 193 -16.35 23.44 9.23
CA PRO D 193 -17.76 23.75 8.94
C PRO D 193 -18.71 22.80 9.65
N ARG D 194 -19.83 23.34 10.11
CA ARG D 194 -20.88 22.59 10.77
C ARG D 194 -22.06 22.43 9.81
N SER D 195 -22.76 21.31 9.94
CA SER D 195 -23.92 21.02 9.11
C SER D 195 -25.05 20.50 9.99
N LEU D 196 -26.27 20.67 9.49
CA LEU D 196 -27.47 20.36 10.24
C LEU D 196 -28.22 19.20 9.59
N ALA D 197 -29.12 18.59 10.38
CA ALA D 197 -29.96 17.50 9.91
C ALA D 197 -31.25 18.05 9.34
N PRO D 198 -31.94 17.28 8.49
CA PRO D 198 -33.26 17.72 8.01
C PRO D 198 -34.23 17.86 9.17
N GLN D 199 -35.21 18.76 9.00
CA GLN D 199 -36.13 19.06 10.09
C GLN D 199 -37.01 17.87 10.44
N GLU D 200 -37.39 17.05 9.45
CA GLU D 200 -38.20 15.88 9.75
C GLU D 200 -37.41 14.83 10.52
N ASN D 201 -36.07 14.81 10.36
CA ASN D 201 -35.26 13.91 11.17
C ASN D 201 -35.22 14.39 12.63
N ILE D 202 -35.19 15.70 12.84
CA ILE D 202 -35.20 16.24 14.19
C ILE D 202 -36.51 15.90 14.88
N GLU D 203 -37.63 16.09 14.18
CA GLU D 203 -38.93 15.80 14.79
C GLU D 203 -39.10 14.31 15.04
N ALA D 204 -38.64 13.47 14.11
CA ALA D 204 -38.74 12.03 14.31
C ALA D 204 -37.88 11.56 15.47
N ALA D 205 -36.77 12.25 15.74
CA ALA D 205 -35.95 11.90 16.89
C ALA D 205 -36.66 12.21 18.20
N LEU D 206 -37.33 13.35 18.28
CA LEU D 206 -38.08 13.70 19.49
C LEU D 206 -39.29 12.77 19.65
N ASP D 207 -39.94 12.39 18.55
CA ASP D 207 -41.05 11.46 18.63
C ASP D 207 -40.59 10.11 19.20
N ALA D 208 -39.41 9.66 18.82
CA ALA D 208 -38.88 8.39 19.34
C ALA D 208 -38.56 8.51 20.82
N LEU D 209 -38.01 9.66 21.25
CA LEU D 209 -37.69 9.85 22.66
C LEU D 209 -38.95 9.82 23.52
N GLN D 210 -40.02 10.46 23.07
CA GLN D 210 -41.25 10.50 23.87
C GLN D 210 -41.88 9.13 24.00
N SER D 211 -41.72 8.27 22.99
CA SER D 211 -42.34 6.95 23.01
C SER D 211 -41.54 5.92 23.82
N ALA D 212 -40.32 6.25 24.24
CA ALA D 212 -39.47 5.28 24.92
C ALA D 212 -39.88 5.14 26.38
N LYS D 213 -39.84 3.90 26.87
CA LYS D 213 -40.10 3.61 28.28
C LYS D 213 -38.82 3.53 29.09
N ARG D 214 -37.71 3.15 28.45
CA ARG D 214 -36.41 3.05 29.12
C ARG D 214 -35.35 3.70 28.23
N PRO D 215 -35.38 5.03 28.10
CA PRO D 215 -34.44 5.72 27.21
C PRO D 215 -33.10 5.99 27.87
N LEU D 216 -32.07 6.09 27.01
CA LEU D 216 -30.71 6.30 27.47
C LEU D 216 -29.95 7.10 26.43
N VAL D 217 -29.34 8.21 26.86
CA VAL D 217 -28.49 9.03 26.01
C VAL D 217 -27.04 8.66 26.29
N ILE D 218 -26.28 8.32 25.25
CA ILE D 218 -24.86 8.02 25.38
C ILE D 218 -24.07 9.20 24.84
N VAL D 219 -23.27 9.82 25.70
CA VAL D 219 -22.50 11.01 25.34
C VAL D 219 -21.08 10.57 25.03
N GLY D 220 -20.68 10.69 23.77
CA GLY D 220 -19.35 10.30 23.34
C GLY D 220 -18.42 11.49 23.16
N LYS D 221 -17.13 11.16 22.96
CA LYS D 221 -16.12 12.21 22.85
C LYS D 221 -16.20 12.97 21.55
N GLY D 222 -17.06 12.56 20.62
CA GLY D 222 -17.34 13.39 19.46
C GLY D 222 -17.97 14.72 19.85
N MET D 223 -18.84 14.70 20.86
CA MET D 223 -19.41 15.94 21.37
C MET D 223 -18.37 16.79 22.06
N ALA D 224 -17.39 16.16 22.73
CA ALA D 224 -16.30 16.92 23.31
C ALA D 224 -15.47 17.58 22.22
N TRP D 225 -15.22 16.87 21.11
CA TRP D 225 -14.48 17.47 20.00
C TRP D 225 -15.28 18.61 19.38
N SER D 226 -16.60 18.44 19.25
CA SER D 226 -17.44 19.45 18.61
C SER D 226 -17.65 20.70 19.47
N ARG D 227 -17.14 20.70 20.70
CA ARG D 227 -17.36 21.81 21.65
C ARG D 227 -18.85 22.04 21.86
N ALA D 228 -19.56 20.97 22.23
CA ALA D 228 -21.01 20.97 22.33
C ALA D 228 -21.49 20.76 23.76
N GLU D 229 -20.66 21.10 24.75
CA GLU D 229 -21.03 20.87 26.13
C GLU D 229 -22.23 21.71 26.54
N ASN D 230 -22.29 22.98 26.12
CA ASN D 230 -23.41 23.83 26.51
C ASN D 230 -24.71 23.32 25.91
N GLU D 231 -24.68 22.81 24.68
CA GLU D 231 -25.88 22.33 24.01
C GLU D 231 -26.37 21.02 24.63
N VAL D 232 -25.45 20.08 24.86
CA VAL D 232 -25.81 18.81 25.49
C VAL D 232 -26.40 19.05 26.88
N ARG D 233 -25.77 19.91 27.67
CA ARG D 233 -26.25 20.17 29.03
C ARG D 233 -27.66 20.73 29.03
N GLN D 234 -27.96 21.64 28.09
CA GLN D 234 -29.33 22.15 27.98
C GLN D 234 -30.30 21.05 27.59
N PHE D 235 -29.90 20.16 26.67
CA PHE D 235 -30.79 19.10 26.22
C PHE D 235 -31.08 18.09 27.33
N ILE D 236 -30.05 17.69 28.07
CA ILE D 236 -30.25 16.75 29.18
C ILE D 236 -31.06 17.41 30.29
N GLU D 237 -30.86 18.71 30.52
CA GLU D 237 -31.56 19.40 31.60
C GLU D 237 -33.05 19.53 31.30
N ARG D 238 -33.40 19.81 30.05
CA ARG D 238 -34.80 20.04 29.71
C ARG D 238 -35.57 18.76 29.43
N THR D 239 -34.88 17.70 28.98
CA THR D 239 -35.55 16.42 28.74
C THR D 239 -35.59 15.52 29.97
N ARG D 240 -34.69 15.74 30.93
CA ARG D 240 -34.57 14.89 32.12
C ARG D 240 -34.25 13.44 31.73
N LEU D 241 -33.57 13.24 30.60
CA LEU D 241 -33.24 11.89 30.15
C LEU D 241 -32.01 11.38 30.89
N PRO D 242 -32.02 10.11 31.31
CA PRO D 242 -30.79 9.51 31.86
C PRO D 242 -29.72 9.46 30.78
N PHE D 243 -28.46 9.54 31.21
CA PHE D 243 -27.35 9.54 30.27
C PHE D 243 -26.20 8.69 30.79
N LEU D 244 -25.46 8.11 29.86
CA LEU D 244 -24.21 7.40 30.14
C LEU D 244 -23.08 8.09 29.38
N ALA D 245 -21.96 8.33 30.06
CA ALA D 245 -20.81 8.98 29.45
C ALA D 245 -19.78 7.93 29.06
N THR D 246 -19.28 8.01 27.82
CA THR D 246 -18.20 7.16 27.36
C THR D 246 -16.92 7.54 28.13
N PRO D 247 -15.86 6.69 28.05
CA PRO D 247 -14.63 6.97 28.80
C PRO D 247 -14.10 8.40 28.65
N MET D 248 -13.83 8.83 27.42
CA MET D 248 -13.39 10.20 27.21
C MET D 248 -14.54 11.15 26.92
N GLY D 249 -15.76 10.65 26.82
CA GLY D 249 -16.92 11.51 26.86
C GLY D 249 -17.23 12.07 28.22
N LYS D 250 -16.58 11.56 29.27
CA LYS D 250 -16.72 12.13 30.61
C LYS D 250 -16.33 13.60 30.58
N GLY D 251 -17.11 14.41 31.27
CA GLY D 251 -16.81 15.83 31.34
C GLY D 251 -17.80 16.67 30.57
N VAL D 252 -18.25 16.18 29.42
CA VAL D 252 -19.28 16.89 28.65
C VAL D 252 -20.49 17.16 29.53
N MET D 253 -21.02 16.12 30.16
CA MET D 253 -21.84 16.31 31.33
C MET D 253 -20.99 16.09 32.58
N PRO D 254 -21.16 16.90 33.62
CA PRO D 254 -20.42 16.65 34.87
C PRO D 254 -20.76 15.28 35.41
N ASP D 255 -19.71 14.56 35.86
CA ASP D 255 -19.91 13.19 36.32
C ASP D 255 -20.68 13.09 37.62
N ASP D 256 -20.88 14.20 38.34
CA ASP D 256 -21.72 14.21 39.53
C ASP D 256 -23.17 14.57 39.23
N HIS D 257 -23.54 14.65 37.96
CA HIS D 257 -24.90 14.98 37.61
C HIS D 257 -25.85 13.88 38.05
N PRO D 258 -26.99 14.22 38.66
CA PRO D 258 -27.91 13.18 39.17
C PRO D 258 -28.52 12.31 38.08
N LEU D 259 -28.46 12.72 36.81
CA LEU D 259 -29.00 11.91 35.73
C LEU D 259 -27.99 10.92 35.16
N SER D 260 -26.77 10.87 35.70
CA SER D 260 -25.77 9.94 35.20
C SER D 260 -26.09 8.52 35.64
N VAL D 261 -26.00 7.58 34.70
CA VAL D 261 -26.20 6.16 34.97
C VAL D 261 -24.87 5.41 35.02
N GLY D 262 -23.75 6.13 35.16
CA GLY D 262 -22.45 5.47 35.12
C GLY D 262 -22.31 4.36 36.14
N GLY D 263 -22.89 4.54 37.31
CA GLY D 263 -22.86 3.51 38.34
C GLY D 263 -23.74 2.32 38.07
N ALA D 264 -24.51 2.33 36.99
CA ALA D 264 -25.34 1.21 36.57
C ALA D 264 -25.23 1.01 35.07
N ARG D 265 -24.00 0.91 34.57
CA ARG D 265 -23.76 0.94 33.13
C ARG D 265 -24.29 -0.33 32.46
N SER D 266 -23.96 -1.50 33.00
CA SER D 266 -24.39 -2.74 32.38
C SER D 266 -25.91 -2.86 32.33
N HIS D 267 -26.58 -2.47 33.42
CA HIS D 267 -28.04 -2.56 33.45
C HIS D 267 -28.67 -1.57 32.48
N ALA D 268 -28.08 -0.39 32.33
CA ALA D 268 -28.65 0.61 31.43
C ALA D 268 -28.57 0.16 29.98
N LEU D 269 -27.41 -0.36 29.57
CA LEU D 269 -27.25 -0.78 28.18
C LEU D 269 -28.10 -2.01 27.85
N GLN D 270 -28.28 -2.92 28.81
CA GLN D 270 -29.00 -4.15 28.54
C GLN D 270 -30.51 -3.96 28.51
N GLU D 271 -31.04 -3.06 29.34
CA GLU D 271 -32.48 -2.91 29.51
C GLU D 271 -33.08 -1.79 28.69
N ALA D 272 -32.26 -0.93 28.07
CA ALA D 272 -32.80 0.20 27.33
C ALA D 272 -33.58 -0.27 26.11
N ASP D 273 -34.72 0.37 25.88
CA ASP D 273 -35.48 0.14 24.66
C ASP D 273 -35.21 1.20 23.60
N LEU D 274 -34.43 2.23 23.93
CA LEU D 274 -34.03 3.25 22.97
C LEU D 274 -32.72 3.85 23.44
N VAL D 275 -31.78 4.02 22.50
CA VAL D 275 -30.45 4.55 22.79
C VAL D 275 -30.18 5.71 21.84
N PHE D 276 -29.80 6.85 22.40
CA PHE D 276 -29.51 8.07 21.64
C PHE D 276 -27.99 8.28 21.68
N LEU D 277 -27.32 7.91 20.58
CA LEU D 277 -25.88 8.06 20.48
C LEU D 277 -25.54 9.50 20.09
N LEU D 278 -24.82 10.20 20.98
CA LEU D 278 -24.35 11.55 20.73
C LEU D 278 -22.84 11.47 20.51
N GLY D 279 -22.43 11.40 19.25
CA GLY D 279 -21.03 11.37 18.90
C GLY D 279 -20.27 10.21 19.51
N ALA D 280 -20.84 9.02 19.41
CA ALA D 280 -20.23 7.82 19.95
C ALA D 280 -20.54 6.65 19.02
N ARG D 281 -19.54 5.81 18.78
CA ARG D 281 -19.67 4.71 17.84
C ARG D 281 -20.06 3.42 18.56
N PHE D 282 -20.82 2.59 17.86
CA PHE D 282 -21.13 1.23 18.33
C PHE D 282 -19.97 0.28 18.01
N ASN D 283 -18.81 0.62 18.55
CA ASN D 283 -17.61 -0.20 18.43
C ASN D 283 -17.44 -1.02 19.72
N TRP D 284 -16.20 -1.43 20.00
CA TRP D 284 -15.96 -2.29 21.16
C TRP D 284 -16.21 -1.56 22.48
N ILE D 285 -16.04 -0.23 22.49
CA ILE D 285 -16.23 0.53 23.72
C ILE D 285 -17.70 0.52 24.14
N LEU D 286 -18.61 0.56 23.17
CA LEU D 286 -20.03 0.46 23.45
C LEU D 286 -20.58 -0.93 23.14
N HIS D 287 -19.70 -1.93 23.00
CA HIS D 287 -20.08 -3.33 22.85
C HIS D 287 -20.99 -3.57 21.65
N PHE D 288 -20.78 -2.79 20.58
CA PHE D 288 -21.37 -2.99 19.26
C PHE D 288 -22.88 -2.78 19.23
N GLY D 289 -23.49 -2.33 20.32
CA GLY D 289 -24.94 -2.15 20.36
C GLY D 289 -25.72 -3.42 20.12
N LEU D 290 -25.15 -4.57 20.48
CA LEU D 290 -25.71 -5.88 20.16
C LEU D 290 -25.73 -6.74 21.40
N PRO D 291 -26.53 -7.81 21.40
CA PRO D 291 -26.47 -8.78 22.49
C PRO D 291 -25.06 -9.36 22.63
N PRO D 292 -24.71 -9.85 23.82
CA PRO D 292 -25.53 -9.99 25.02
C PRO D 292 -25.60 -8.74 25.89
N ARG D 293 -25.02 -7.63 25.43
CA ARG D 293 -24.99 -6.39 26.22
C ARG D 293 -26.17 -5.48 25.96
N TYR D 294 -26.97 -5.74 24.91
CA TYR D 294 -28.11 -4.90 24.59
C TYR D 294 -29.33 -5.76 24.30
N SER D 295 -30.49 -5.12 24.34
CA SER D 295 -31.71 -5.77 23.87
C SER D 295 -31.65 -5.99 22.36
N LYS D 296 -32.17 -7.13 21.91
CA LYS D 296 -32.18 -7.44 20.48
C LYS D 296 -33.01 -6.43 19.69
N ASP D 297 -34.05 -5.87 20.30
CA ASP D 297 -34.94 -4.93 19.63
C ASP D 297 -34.59 -3.47 19.94
N VAL D 298 -33.35 -3.20 20.38
CA VAL D 298 -33.02 -1.86 20.83
C VAL D 298 -33.15 -0.87 19.68
N ARG D 299 -33.79 0.26 19.96
CA ARG D 299 -33.94 1.32 18.98
C ARG D 299 -32.81 2.32 19.13
N VAL D 300 -32.32 2.84 18.01
CA VAL D 300 -31.14 3.69 18.00
C VAL D 300 -31.47 5.00 17.31
N ILE D 301 -31.23 6.11 18.00
CA ILE D 301 -31.09 7.42 17.38
C ILE D 301 -29.59 7.72 17.37
N GLN D 302 -29.04 7.94 16.18
CA GLN D 302 -27.59 8.06 16.00
C GLN D 302 -27.27 9.45 15.48
N LEU D 303 -26.47 10.19 16.25
CA LEU D 303 -25.97 11.51 15.86
C LEU D 303 -24.48 11.38 15.61
N ASP D 304 -24.08 11.49 14.34
CA ASP D 304 -22.68 11.36 13.97
C ASP D 304 -22.39 12.24 12.76
N LEU D 305 -21.16 12.75 12.70
CA LEU D 305 -20.75 13.59 11.58
C LEU D 305 -20.50 12.78 10.32
N SER D 306 -20.05 11.53 10.46
CA SER D 306 -19.73 10.68 9.31
C SER D 306 -20.97 9.89 8.91
N ALA D 307 -21.45 10.11 7.69
CA ALA D 307 -22.65 9.43 7.23
C ALA D 307 -22.44 7.93 7.11
N GLU D 308 -21.23 7.49 6.79
CA GLU D 308 -20.96 6.06 6.63
C GLU D 308 -21.05 5.31 7.96
N GLU D 309 -20.96 6.01 9.08
CA GLU D 309 -21.00 5.36 10.38
C GLU D 309 -22.42 5.00 10.83
N ILE D 310 -23.43 5.62 10.22
CA ILE D 310 -24.81 5.41 10.65
C ILE D 310 -25.23 3.97 10.36
N GLY D 311 -25.80 3.31 11.36
CA GLY D 311 -26.33 1.97 11.18
C GLY D 311 -25.33 0.85 11.31
N ASN D 312 -24.09 1.15 11.71
CA ASN D 312 -23.09 0.11 11.87
C ASN D 312 -23.46 -0.82 13.01
N ASN D 313 -23.31 -2.13 12.78
CA ASN D 313 -23.60 -3.18 13.75
C ASN D 313 -25.08 -3.23 14.13
N ARG D 314 -25.63 -2.11 14.59
CA ARG D 314 -27.04 -2.02 14.94
C ARG D 314 -27.70 -0.92 14.10
N GLN D 315 -28.80 -1.27 13.44
CA GLN D 315 -29.49 -0.32 12.59
C GLN D 315 -29.95 0.89 13.38
N ALA D 316 -29.93 2.05 12.73
CA ALA D 316 -30.34 3.31 13.33
C ALA D 316 -31.75 3.64 12.87
N GLU D 317 -32.66 3.81 13.83
CA GLU D 317 -34.04 4.14 13.47
C GLU D 317 -34.15 5.57 12.99
N VAL D 318 -33.40 6.49 13.60
CA VAL D 318 -33.37 7.89 13.18
C VAL D 318 -31.92 8.29 12.97
N ALA D 319 -31.60 8.76 11.77
CA ALA D 319 -30.25 9.20 11.43
C ALA D 319 -30.16 10.71 11.55
N LEU D 320 -29.21 11.18 12.36
CA LEU D 320 -28.92 12.60 12.50
C LEU D 320 -27.47 12.79 12.06
N VAL D 321 -27.28 13.10 10.77
CA VAL D 321 -25.95 13.24 10.18
C VAL D 321 -25.59 14.70 10.14
N GLY D 322 -24.55 15.08 10.88
CA GLY D 322 -24.11 16.45 10.91
C GLY D 322 -23.33 16.73 12.17
N ASP D 323 -23.08 18.01 12.41
CA ASP D 323 -22.30 18.44 13.57
C ASP D 323 -23.11 18.24 14.85
N GLY D 324 -22.43 17.78 15.89
CA GLY D 324 -23.10 17.51 17.16
C GLY D 324 -23.63 18.78 17.82
N LYS D 325 -22.84 19.84 17.79
CA LYS D 325 -23.27 21.10 18.41
C LYS D 325 -24.46 21.69 17.66
N ALA D 326 -24.43 21.68 16.33
CA ALA D 326 -25.50 22.29 15.55
C ALA D 326 -26.79 21.48 15.65
N ILE D 327 -26.68 20.14 15.72
CA ILE D 327 -27.88 19.31 15.70
C ILE D 327 -28.53 19.25 17.08
N VAL D 328 -27.74 19.16 18.15
CA VAL D 328 -28.32 19.27 19.49
C VAL D 328 -28.93 20.66 19.68
N GLY D 329 -28.34 21.69 19.06
CA GLY D 329 -28.97 22.99 19.05
C GLY D 329 -30.32 22.98 18.36
N GLN D 330 -30.42 22.23 17.25
CA GLN D 330 -31.72 22.04 16.60
C GLN D 330 -32.70 21.34 17.52
N LEU D 331 -32.23 20.28 18.21
CA LEU D 331 -33.10 19.54 19.11
C LEU D 331 -33.61 20.41 20.25
N ASN D 332 -32.74 21.29 20.77
CA ASN D 332 -33.19 22.21 21.82
C ASN D 332 -34.26 23.15 21.30
N GLN D 333 -34.13 23.61 20.05
CA GLN D 333 -35.10 24.54 19.51
C GLN D 333 -36.42 23.86 19.18
N ALA D 334 -36.36 22.65 18.62
CA ALA D 334 -37.59 21.92 18.34
C ALA D 334 -38.26 21.40 19.60
N LEU D 335 -37.50 21.22 20.69
CA LEU D 335 -38.10 20.81 21.94
C LEU D 335 -38.90 21.94 22.58
N SER D 336 -38.52 23.18 22.29
CA SER D 336 -39.25 24.33 22.84
C SER D 336 -40.68 24.35 22.33
N SER D 337 -40.89 23.97 21.07
CA SER D 337 -42.23 23.99 20.49
C SER D 337 -43.09 22.81 20.94
N ARG D 338 -42.59 21.98 21.87
CA ARG D 338 -43.33 20.87 22.43
C ARG D 338 -43.51 21.07 23.93
N GLN D 339 -44.09 20.04 24.58
CA GLN D 339 -44.36 20.05 26.01
C GLN D 339 -44.06 18.66 26.57
N TRP D 340 -42.79 18.27 26.53
CA TRP D 340 -42.42 16.93 26.96
C TRP D 340 -41.10 16.93 27.71
N PHE D 341 -41.05 16.12 28.77
CA PHE D 341 -39.81 15.69 29.39
C PHE D 341 -40.06 14.31 29.99
N TYR D 342 -39.00 13.53 30.14
CA TYR D 342 -39.15 12.19 30.69
C TYR D 342 -39.61 12.27 32.14
N PRO D 343 -40.68 11.58 32.52
CA PRO D 343 -41.28 11.80 33.85
C PRO D 343 -40.31 11.55 34.99
N ALA D 344 -40.56 12.22 36.11
CA ALA D 344 -39.65 12.18 37.25
C ALA D 344 -39.71 10.85 38.01
N GLU D 345 -40.82 10.13 37.92
CA GLU D 345 -40.96 8.83 38.58
C GLU D 345 -41.39 7.79 37.55
N THR D 346 -40.49 6.88 37.23
CA THR D 346 -40.76 5.75 36.36
C THR D 346 -40.09 4.52 36.95
N PRO D 347 -40.56 3.32 36.61
CA PRO D 347 -39.81 2.11 37.00
C PRO D 347 -38.40 2.10 36.44
N TRP D 348 -38.18 2.76 35.29
CA TRP D 348 -36.85 2.85 34.73
C TRP D 348 -35.91 3.63 35.64
N ARG D 349 -36.38 4.76 36.19
CA ARG D 349 -35.56 5.55 37.10
C ARG D 349 -35.29 4.79 38.39
N GLU D 350 -36.27 4.04 38.89
CA GLU D 350 -36.08 3.29 40.12
C GLU D 350 -35.08 2.14 39.92
N ALA D 351 -35.16 1.45 38.78
CA ALA D 351 -34.21 0.37 38.51
C ALA D 351 -32.79 0.90 38.38
N ILE D 352 -32.63 2.07 37.74
CA ILE D 352 -31.30 2.67 37.61
C ILE D 352 -30.75 3.04 38.98
N ALA D 353 -31.55 3.69 39.81
CA ALA D 353 -31.10 4.09 41.14
C ALA D 353 -30.76 2.88 41.99
N ALA D 354 -31.54 1.81 41.87
CA ALA D 354 -31.30 0.61 42.67
C ALA D 354 -30.00 -0.07 42.27
N LYS D 355 -29.73 -0.17 40.96
CA LYS D 355 -28.48 -0.76 40.51
C LYS D 355 -27.28 0.11 40.89
N ILE D 356 -27.43 1.44 40.81
CA ILE D 356 -26.36 2.34 41.22
C ILE D 356 -26.00 2.10 42.68
N ALA D 357 -27.01 2.06 43.56
CA ALA D 357 -26.75 1.83 44.97
C ALA D 357 -26.18 0.43 45.21
N GLY D 358 -26.58 -0.55 44.40
CA GLY D 358 -26.02 -1.88 44.54
C GLY D 358 -24.54 -1.94 44.21
N ASN D 359 -24.13 -1.23 43.16
CA ASN D 359 -22.71 -1.21 42.82
C ASN D 359 -21.91 -0.36 43.80
N GLN D 360 -22.56 0.62 44.43
CA GLN D 360 -21.89 1.42 45.45
C GLN D 360 -21.57 0.58 46.68
N ALA D 361 -22.52 -0.26 47.11
CA ALA D 361 -22.29 -1.12 48.26
C ALA D 361 -21.30 -2.23 47.96
N ALA D 362 -21.11 -2.58 46.68
CA ALA D 362 -20.17 -3.64 46.32
C ALA D 362 -18.73 -3.17 46.48
N VAL D 363 -18.44 -1.93 46.11
CA VAL D 363 -17.08 -1.40 46.19
C VAL D 363 -16.84 -0.61 47.48
N ALA D 364 -17.87 -0.39 48.29
CA ALA D 364 -17.69 0.36 49.53
C ALA D 364 -16.67 -0.28 50.47
N PRO D 365 -16.72 -1.60 50.76
CA PRO D 365 -15.69 -2.17 51.64
C PRO D 365 -14.28 -2.05 51.08
N MET D 366 -14.12 -2.09 49.76
CA MET D 366 -12.80 -1.96 49.16
C MET D 366 -12.27 -0.54 49.25
N ILE D 367 -13.15 0.46 49.12
CA ILE D 367 -12.72 1.84 49.20
C ILE D 367 -12.26 2.18 50.62
N ALA D 368 -12.85 1.55 51.63
CA ALA D 368 -12.52 1.85 53.02
C ALA D 368 -11.42 0.99 53.59
N ASP D 369 -11.12 -0.16 52.98
CA ASP D 369 -10.12 -1.09 53.49
C ASP D 369 -8.74 -0.47 53.51
N ASN D 370 -8.20 -0.22 54.71
CA ASN D 370 -6.91 0.45 54.87
C ASN D 370 -5.73 -0.51 54.92
N THR D 371 -5.96 -1.81 54.77
CA THR D 371 -4.88 -2.77 54.91
C THR D 371 -3.84 -2.60 53.81
N SER D 372 -2.61 -3.00 54.11
CA SER D 372 -1.49 -2.89 53.19
C SER D 372 -0.98 -4.28 52.82
N PRO D 373 -0.63 -4.52 51.54
CA PRO D 373 -0.69 -3.60 50.40
C PRO D 373 -2.12 -3.24 49.98
N MET D 374 -2.32 -2.02 49.50
CA MET D 374 -3.65 -1.51 49.23
C MET D 374 -4.20 -2.08 47.92
N ASN D 375 -5.53 -2.13 47.85
CA ASN D 375 -6.20 -2.45 46.59
C ASN D 375 -6.37 -1.17 45.78
N TYR D 376 -6.92 -1.31 44.57
CA TYR D 376 -7.04 -0.16 43.68
C TYR D 376 -7.96 0.91 44.26
N TYR D 377 -9.12 0.49 44.79
CA TYR D 377 -10.12 1.45 45.25
C TYR D 377 -9.62 2.23 46.47
N ARG D 378 -8.88 1.56 47.35
CA ARG D 378 -8.30 2.26 48.50
C ARG D 378 -7.28 3.31 48.05
N VAL D 379 -6.51 2.99 47.01
CA VAL D 379 -5.52 3.94 46.51
C VAL D 379 -6.22 5.18 45.94
N TYR D 380 -7.25 4.97 45.11
CA TYR D 380 -7.94 6.09 44.49
C TYR D 380 -8.76 6.91 45.47
N ARG D 381 -9.01 6.41 46.68
CA ARG D 381 -9.71 7.20 47.67
C ARG D 381 -8.90 8.45 48.03
N ASP D 382 -7.58 8.30 48.18
CA ASP D 382 -6.72 9.43 48.47
C ASP D 382 -6.39 10.24 47.22
N ILE D 383 -6.32 9.59 46.06
CA ILE D 383 -6.06 10.33 44.82
C ILE D 383 -7.23 11.22 44.48
N ALA D 384 -8.45 10.66 44.51
CA ALA D 384 -9.63 11.44 44.13
C ALA D 384 -9.88 12.57 45.11
N ALA D 385 -9.54 12.38 46.39
CA ALA D 385 -9.75 13.43 47.38
C ALA D 385 -8.83 14.62 47.15
N ARG D 386 -7.77 14.47 46.34
CA ARG D 386 -6.79 15.53 46.11
C ARG D 386 -6.73 15.93 44.65
N LEU D 387 -7.79 15.68 43.88
CA LEU D 387 -7.84 16.07 42.48
C LEU D 387 -8.62 17.37 42.33
N PRO D 388 -8.00 18.46 41.88
CA PRO D 388 -8.76 19.70 41.67
C PRO D 388 -9.80 19.50 40.58
N ARG D 389 -10.90 20.24 40.69
CA ARG D 389 -12.01 20.10 39.76
C ARG D 389 -11.67 20.61 38.35
N ASN D 390 -10.56 21.33 38.18
CA ASN D 390 -10.13 21.79 36.86
C ASN D 390 -8.91 21.04 36.36
N ALA D 391 -8.61 19.88 36.95
CA ALA D 391 -7.42 19.13 36.57
C ALA D 391 -7.60 18.47 35.22
N ILE D 392 -6.48 18.13 34.58
CA ILE D 392 -6.45 17.29 33.39
C ILE D 392 -5.91 15.94 33.83
N ILE D 393 -6.67 14.88 33.54
CA ILE D 393 -6.38 13.55 34.02
C ILE D 393 -5.95 12.68 32.86
N VAL D 394 -4.80 12.04 33.00
CA VAL D 394 -4.29 11.07 32.03
C VAL D 394 -4.32 9.70 32.69
N GLY D 395 -5.06 8.77 32.10
CA GLY D 395 -5.15 7.41 32.60
C GLY D 395 -4.57 6.43 31.60
N GLU D 396 -3.82 5.46 32.11
CA GLU D 396 -3.15 4.49 31.24
C GLU D 396 -2.88 3.21 32.02
N GLY D 397 -3.19 2.07 31.40
CA GLY D 397 -3.03 0.77 31.98
C GLY D 397 -4.26 -0.08 31.75
N ALA D 398 -4.40 -1.13 32.55
CA ALA D 398 -5.59 -1.97 32.48
C ALA D 398 -6.47 -1.73 33.69
N ASN D 399 -6.17 -2.39 34.81
CA ASN D 399 -6.93 -2.17 36.03
C ASN D 399 -6.74 -0.75 36.56
N THR D 400 -5.51 -0.22 36.47
CA THR D 400 -5.27 1.15 36.92
C THR D 400 -6.13 2.14 36.15
N MET D 401 -6.22 1.98 34.83
CA MET D 401 -6.97 2.91 34.01
C MET D 401 -8.47 2.70 34.15
N ASP D 402 -8.92 1.44 34.08
CA ASP D 402 -10.36 1.16 34.12
C ASP D 402 -10.96 1.55 35.47
N ILE D 403 -10.29 1.20 36.57
CA ILE D 403 -10.78 1.57 37.89
C ILE D 403 -10.63 3.07 38.11
N GLY D 404 -9.54 3.66 37.60
CA GLY D 404 -9.41 5.11 37.63
C GLY D 404 -10.48 5.83 36.86
N ARG D 405 -11.10 5.17 35.89
CA ARG D 405 -12.17 5.81 35.12
C ARG D 405 -13.43 6.00 35.96
N THR D 406 -13.72 5.05 36.86
CA THR D 406 -14.88 5.15 37.72
C THR D 406 -14.60 5.95 39.00
N GLN D 407 -13.36 5.95 39.48
CA GLN D 407 -13.03 6.60 40.73
C GLN D 407 -12.60 8.05 40.56
N MET D 408 -12.22 8.46 39.36
CA MET D 408 -11.82 9.84 39.11
C MET D 408 -12.83 10.52 38.21
N PRO D 409 -13.77 11.29 38.76
CA PRO D 409 -14.77 11.96 37.92
C PRO D 409 -14.21 13.21 37.26
N ASN D 410 -14.85 13.59 36.17
CA ASN D 410 -14.53 14.83 35.46
C ASN D 410 -15.76 15.72 35.39
N PHE D 411 -15.53 17.03 35.46
CA PHE D 411 -16.60 18.00 35.43
C PHE D 411 -16.47 18.99 34.27
N GLU D 412 -15.32 19.08 33.63
CA GLU D 412 -15.11 19.83 32.40
C GLU D 412 -14.87 18.87 31.25
N PRO D 413 -15.40 19.15 30.07
CA PRO D 413 -15.11 18.31 28.91
C PRO D 413 -13.65 18.43 28.51
N ARG D 414 -13.20 17.44 27.74
CA ARG D 414 -11.83 17.42 27.22
C ARG D 414 -10.81 17.50 28.35
N SER D 415 -11.08 16.81 29.45
CA SER D 415 -10.20 16.82 30.61
C SER D 415 -9.73 15.43 31.00
N ARG D 416 -10.07 14.39 30.23
CA ARG D 416 -9.53 13.06 30.42
C ARG D 416 -8.88 12.59 29.12
N LEU D 417 -7.70 12.02 29.24
CA LEU D 417 -6.94 11.50 28.09
C LEU D 417 -6.47 10.10 28.45
N ASP D 418 -7.03 9.08 27.79
CA ASP D 418 -6.66 7.70 28.11
C ASP D 418 -6.24 6.92 26.88
N ALA D 419 -6.24 5.58 26.98
CA ALA D 419 -5.79 4.75 25.87
C ALA D 419 -6.68 4.91 24.65
N GLY D 420 -7.94 5.31 24.84
CA GLY D 420 -8.78 5.68 23.72
C GLY D 420 -9.35 4.49 22.97
N SER D 421 -9.78 4.76 21.74
CA SER D 421 -10.43 3.75 20.91
C SER D 421 -9.46 2.69 20.43
N TYR D 422 -8.15 2.97 20.45
CA TYR D 422 -7.15 2.01 20.03
C TYR D 422 -6.64 1.15 21.18
N GLY D 423 -6.97 1.51 22.43
CA GLY D 423 -6.44 0.80 23.58
C GLY D 423 -4.93 0.79 23.60
N THR D 424 -4.33 1.97 23.44
CA THR D 424 -2.88 2.10 23.22
C THR D 424 -2.15 2.34 24.54
N MET D 425 -1.16 1.48 24.81
CA MET D 425 -0.15 1.79 25.80
C MET D 425 0.99 2.57 25.15
N GLY D 426 1.51 3.55 25.86
CA GLY D 426 2.52 4.44 25.32
C GLY D 426 2.07 5.87 25.15
N ILE D 427 0.83 6.20 25.52
CA ILE D 427 0.32 7.55 25.36
C ILE D 427 0.43 8.38 26.64
N GLY D 428 0.75 7.75 27.77
CA GLY D 428 0.72 8.39 29.07
C GLY D 428 1.44 9.72 29.17
N LEU D 429 2.77 9.68 29.25
CA LEU D 429 3.53 10.90 29.45
C LEU D 429 3.53 11.81 28.23
N GLY D 430 3.31 11.25 27.04
CA GLY D 430 3.15 12.10 25.87
C GLY D 430 1.91 12.97 25.95
N PHE D 431 0.79 12.37 26.38
CA PHE D 431 -0.43 13.15 26.59
C PHE D 431 -0.25 14.17 27.70
N ALA D 432 0.45 13.78 28.78
CA ALA D 432 0.65 14.69 29.91
C ALA D 432 1.49 15.89 29.50
N VAL D 433 2.56 15.66 28.74
CA VAL D 433 3.37 16.77 28.22
C VAL D 433 2.53 17.67 27.33
N ALA D 434 1.65 17.08 26.52
CA ALA D 434 0.78 17.88 25.67
C ALA D 434 -0.19 18.71 26.51
N ALA D 435 -0.82 18.09 27.52
CA ALA D 435 -1.76 18.81 28.35
C ALA D 435 -1.06 19.90 29.17
N ALA D 436 0.16 19.62 29.62
CA ALA D 436 0.90 20.63 30.39
C ALA D 436 1.31 21.81 29.51
N ALA D 437 1.44 21.58 28.20
CA ALA D 437 1.83 22.67 27.30
C ALA D 437 0.62 23.53 26.93
N VAL D 438 -0.50 22.89 26.57
CA VAL D 438 -1.68 23.62 26.16
C VAL D 438 -2.30 24.36 27.34
N HIS D 439 -2.32 23.72 28.51
CA HIS D 439 -2.95 24.28 29.71
C HIS D 439 -1.90 24.38 30.83
N PRO D 440 -1.02 25.38 30.77
CA PRO D 440 0.00 25.52 31.82
C PRO D 440 -0.57 25.97 33.16
N GLY D 441 -1.73 26.62 33.17
CA GLY D 441 -2.34 27.06 34.40
C GLY D 441 -3.21 26.04 35.11
N ARG D 442 -3.32 24.83 34.56
CA ARG D 442 -4.14 23.79 35.15
C ARG D 442 -3.29 22.61 35.60
N PRO D 443 -3.66 21.95 36.68
CA PRO D 443 -2.89 20.78 37.13
C PRO D 443 -3.09 19.59 36.20
N VAL D 444 -1.99 18.88 35.93
CA VAL D 444 -2.00 17.72 35.06
C VAL D 444 -1.54 16.53 35.88
N ILE D 445 -2.41 15.53 36.01
CA ILE D 445 -2.14 14.34 36.82
C ILE D 445 -2.25 13.13 35.91
N ALA D 446 -1.19 12.32 35.88
CA ALA D 446 -1.15 11.09 35.09
C ALA D 446 -1.07 9.90 36.04
N VAL D 447 -2.09 9.05 36.02
CA VAL D 447 -2.13 7.85 36.84
C VAL D 447 -1.92 6.66 35.91
N GLN D 448 -0.79 5.97 36.05
CA GLN D 448 -0.41 4.89 35.16
C GLN D 448 -0.10 3.63 35.95
N GLY D 449 -0.26 2.48 35.29
CA GLY D 449 0.27 1.25 35.82
C GLY D 449 1.76 1.18 35.65
N ASP D 450 2.38 0.18 36.31
CA ASP D 450 3.82 0.02 36.19
C ASP D 450 4.23 -0.38 34.78
N SER D 451 3.37 -1.11 34.06
CA SER D 451 3.70 -1.46 32.68
C SER D 451 3.55 -0.27 31.74
N ALA D 452 2.47 0.49 31.90
CA ALA D 452 2.22 1.63 31.03
C ALA D 452 3.27 2.72 31.19
N PHE D 453 3.80 2.91 32.40
CA PHE D 453 4.81 3.93 32.61
C PHE D 453 6.10 3.61 31.87
N GLY D 454 6.45 2.33 31.75
CA GLY D 454 7.66 1.95 31.05
C GLY D 454 7.63 2.23 29.56
N PHE D 455 6.44 2.43 28.99
CA PHE D 455 6.34 2.74 27.57
C PHE D 455 6.88 4.13 27.25
N SER D 456 6.77 5.07 28.20
CA SER D 456 7.15 6.46 27.93
C SER D 456 7.75 7.15 29.14
N GLY D 457 8.29 6.38 30.10
CA GLY D 457 8.82 6.95 31.32
C GLY D 457 10.02 7.86 31.12
N MET D 458 10.67 7.78 29.96
CA MET D 458 11.79 8.67 29.70
C MET D 458 11.35 10.11 29.50
N GLU D 459 10.11 10.33 29.08
CA GLU D 459 9.63 11.68 28.82
C GLU D 459 9.48 12.52 30.08
N PHE D 460 9.72 11.95 31.27
CA PHE D 460 9.76 12.76 32.47
C PHE D 460 10.86 13.82 32.38
N GLU D 461 11.97 13.51 31.69
CA GLU D 461 13.00 14.50 31.46
C GLU D 461 12.48 15.65 30.61
N THR D 462 11.64 15.34 29.61
CA THR D 462 11.01 16.38 28.82
C THR D 462 10.19 17.31 29.70
N ALA D 463 9.46 16.76 30.67
CA ALA D 463 8.66 17.59 31.56
C ALA D 463 9.54 18.45 32.45
N ALA D 464 10.60 17.86 33.03
CA ALA D 464 11.49 18.63 33.89
C ALA D 464 12.27 19.68 33.11
N ARG D 465 12.62 19.40 31.86
CA ARG D 465 13.39 20.35 31.08
C ARG D 465 12.57 21.59 30.72
N TYR D 466 11.26 21.44 30.55
CA TYR D 466 10.40 22.56 30.18
C TYR D 466 9.60 23.11 31.36
N GLY D 467 9.96 22.73 32.59
CA GLY D 467 9.27 23.26 33.76
C GLY D 467 7.82 22.88 33.85
N MET D 468 7.46 21.68 33.37
CA MET D 468 6.08 21.22 33.43
C MET D 468 5.85 20.47 34.73
N PRO D 469 5.04 20.98 35.65
CA PRO D 469 4.81 20.31 36.94
C PRO D 469 3.82 19.16 36.83
N ILE D 470 4.20 18.14 36.08
CA ILE D 470 3.33 16.98 35.86
C ILE D 470 3.34 16.09 37.09
N LYS D 471 2.17 15.58 37.46
CA LYS D 471 2.02 14.70 38.61
C LYS D 471 1.80 13.27 38.09
N VAL D 472 2.81 12.43 38.27
CA VAL D 472 2.78 11.04 37.80
C VAL D 472 2.62 10.13 39.00
N ILE D 473 1.48 9.43 39.05
CA ILE D 473 1.19 8.47 40.12
C ILE D 473 1.22 7.08 39.50
N ILE D 474 2.13 6.24 39.97
CA ILE D 474 2.35 4.91 39.43
C ILE D 474 1.81 3.88 40.41
N LEU D 475 0.85 3.08 39.96
CA LEU D 475 0.29 1.98 40.75
C LEU D 475 1.00 0.71 40.30
N ASN D 476 1.95 0.24 41.10
CA ASN D 476 2.85 -0.84 40.73
C ASN D 476 2.41 -2.13 41.41
N ASN D 477 1.77 -3.02 40.65
CA ASN D 477 1.44 -4.35 41.12
C ASN D 477 2.49 -5.38 40.71
N GLY D 478 3.48 -4.99 39.91
CA GLY D 478 4.53 -5.90 39.53
C GLY D 478 4.28 -6.73 38.30
N GLY D 479 3.45 -6.24 37.38
CA GLY D 479 3.19 -6.99 36.17
C GLY D 479 2.17 -6.28 35.29
N ILE D 480 1.88 -6.92 34.17
CA ILE D 480 0.92 -6.41 33.20
C ILE D 480 -0.46 -6.89 33.59
N GLY D 481 -1.29 -5.97 34.09
CA GLY D 481 -2.63 -6.30 34.52
C GLY D 481 -2.75 -7.01 35.85
N MET D 482 -1.66 -7.56 36.37
CA MET D 482 -1.69 -8.41 37.55
C MET D 482 -0.25 -8.71 37.99
N GLY D 483 -0.03 -8.78 39.30
CA GLY D 483 1.27 -9.13 39.81
C GLY D 483 1.60 -10.59 39.58
N SER D 484 2.72 -11.03 40.18
CA SER D 484 3.16 -12.39 39.98
C SER D 484 4.14 -12.77 41.08
N PRO D 485 4.05 -13.97 41.66
CA PRO D 485 5.04 -14.39 42.65
C PRO D 485 6.41 -14.57 42.00
N ALA D 486 7.42 -14.73 42.86
CA ALA D 486 8.79 -14.77 42.38
C ALA D 486 9.01 -15.99 41.48
N PRO D 487 9.80 -15.85 40.42
CA PRO D 487 10.15 -17.02 39.59
C PRO D 487 11.02 -17.98 40.39
N ARG D 488 10.51 -19.17 40.64
CA ARG D 488 11.14 -20.13 41.53
C ARG D 488 11.54 -21.39 40.78
N ASP D 489 12.36 -22.21 41.45
CA ASP D 489 12.73 -23.55 40.99
C ASP D 489 13.49 -23.51 39.67
N GLY D 490 14.20 -22.41 39.41
CA GLY D 490 14.90 -22.27 38.15
C GLY D 490 14.01 -22.08 36.95
N GLN D 491 12.72 -21.81 37.15
CA GLN D 491 11.81 -21.55 36.06
C GLN D 491 11.90 -20.08 35.64
N PRO D 492 11.59 -19.77 34.38
CA PRO D 492 11.64 -18.38 33.93
C PRO D 492 10.52 -17.54 34.54
N GLY D 493 10.69 -16.23 34.46
CA GLY D 493 9.65 -15.33 34.91
C GLY D 493 8.44 -15.36 33.98
N MET D 494 7.28 -15.09 34.57
CA MET D 494 6.05 -15.11 33.79
C MET D 494 6.08 -14.00 32.75
N PRO D 495 5.53 -14.24 31.55
CA PRO D 495 5.59 -13.21 30.49
C PRO D 495 4.98 -11.88 30.88
N HIS D 496 3.98 -11.89 31.76
CA HIS D 496 3.34 -10.66 32.21
C HIS D 496 4.04 -10.02 33.40
N ALA D 497 5.04 -10.69 33.99
CA ALA D 497 5.64 -10.23 35.23
C ALA D 497 6.67 -9.13 34.99
N LEU D 498 6.60 -8.08 35.80
CA LEU D 498 7.61 -7.03 35.81
C LEU D 498 8.34 -7.01 37.14
N SER D 499 8.62 -5.82 37.66
CA SER D 499 9.31 -5.65 38.95
C SER D 499 8.34 -5.02 39.94
N HIS D 500 7.95 -5.79 40.95
CA HIS D 500 7.09 -5.28 42.00
C HIS D 500 7.84 -4.41 43.00
N ASP D 501 9.14 -4.61 43.15
CA ASP D 501 9.98 -3.82 44.04
C ASP D 501 10.72 -2.70 43.33
N ALA D 502 10.34 -2.38 42.10
CA ALA D 502 11.01 -1.31 41.35
C ALA D 502 10.76 0.03 42.03
N ARG D 503 11.77 0.89 41.98
CA ARG D 503 11.72 2.21 42.61
C ARG D 503 11.60 3.27 41.53
N TYR D 504 10.45 3.28 40.84
CA TYR D 504 10.25 4.18 39.71
C TYR D 504 10.41 5.64 40.11
N GLU D 505 10.18 5.97 41.38
CA GLU D 505 10.28 7.37 41.80
C GLU D 505 11.70 7.90 41.71
N ARG D 506 12.71 7.02 41.69
CA ARG D 506 14.07 7.50 41.55
C ARG D 506 14.36 8.05 40.16
N ILE D 507 13.50 7.73 39.18
CA ILE D 507 13.63 8.33 37.86
C ILE D 507 13.34 9.82 37.93
N ALA D 508 12.46 10.23 38.84
CA ALA D 508 12.18 11.66 39.00
C ALA D 508 13.41 12.40 39.52
N GLU D 509 14.10 11.82 40.50
CA GLU D 509 15.30 12.46 41.04
C GLU D 509 16.45 12.44 40.04
N ALA D 510 16.37 11.60 39.01
CA ALA D 510 17.36 11.64 37.94
C ALA D 510 17.31 12.95 37.17
N PHE D 511 16.17 13.64 37.18
CA PHE D 511 15.98 14.84 36.38
C PHE D 511 15.50 16.01 37.23
N GLY D 512 15.86 16.04 38.51
CA GLY D 512 15.56 17.17 39.36
C GLY D 512 14.15 17.22 39.90
N GLY D 513 13.36 16.16 39.72
CA GLY D 513 12.02 16.11 40.24
C GLY D 513 11.97 15.50 41.64
N ALA D 514 10.75 15.34 42.14
CA ALA D 514 10.50 14.79 43.46
C ALA D 514 9.92 13.40 43.33
N GLY D 515 10.44 12.46 44.11
CA GLY D 515 9.97 11.09 44.09
C GLY D 515 9.50 10.66 45.46
N PHE D 516 8.40 9.91 45.49
CA PHE D 516 7.79 9.44 46.73
C PHE D 516 7.44 7.96 46.58
N TYR D 517 7.81 7.17 47.59
CA TYR D 517 7.58 5.73 47.57
C TYR D 517 6.58 5.38 48.67
N VAL D 518 5.50 4.69 48.28
CA VAL D 518 4.40 4.38 49.19
C VAL D 518 4.16 2.87 49.17
N THR D 519 4.25 2.25 50.34
CA THR D 519 3.81 0.88 50.54
C THR D 519 2.68 0.76 51.55
N ASP D 520 2.64 1.64 52.54
CA ASP D 520 1.63 1.61 53.59
C ASP D 520 0.56 2.66 53.32
N SER D 521 -0.68 2.34 53.72
CA SER D 521 -1.78 3.28 53.49
C SER D 521 -1.60 4.56 54.29
N ALA D 522 -0.86 4.50 55.39
CA ALA D 522 -0.61 5.71 56.18
C ALA D 522 0.34 6.68 55.49
N GLU D 523 1.07 6.21 54.48
CA GLU D 523 2.00 7.06 53.74
C GLU D 523 1.35 7.74 52.54
N LEU D 524 0.23 7.20 52.04
CA LEU D 524 -0.32 7.66 50.77
C LEU D 524 -0.77 9.12 50.84
N GLY D 525 -1.45 9.50 51.91
CA GLY D 525 -1.92 10.86 52.09
C GLY D 525 -0.81 11.89 52.07
N PRO D 526 0.13 11.78 53.01
CA PRO D 526 1.25 12.75 53.05
C PRO D 526 2.08 12.75 51.78
N ALA D 527 2.20 11.61 51.09
CA ALA D 527 2.99 11.57 49.87
C ALA D 527 2.28 12.29 48.73
N LEU D 528 0.96 12.13 48.62
CA LEU D 528 0.21 12.85 47.61
C LEU D 528 0.17 14.35 47.91
N ASP D 529 0.06 14.71 49.19
CA ASP D 529 0.08 16.12 49.57
C ASP D 529 1.40 16.77 49.18
N ALA D 530 2.52 16.08 49.43
CA ALA D 530 3.83 16.64 49.12
C ALA D 530 4.04 16.75 47.62
N ALA D 531 3.55 15.77 46.85
CA ALA D 531 3.74 15.78 45.41
C ALA D 531 2.94 16.90 44.76
N MET D 532 1.71 17.14 45.23
CA MET D 532 0.90 18.20 44.67
C MET D 532 1.45 19.58 45.00
N ALA D 533 2.05 19.75 46.18
CA ALA D 533 2.58 21.05 46.56
C ALA D 533 3.97 21.31 46.01
N PHE D 534 4.66 20.28 45.52
CA PHE D 534 5.99 20.46 44.97
C PHE D 534 5.91 21.28 43.68
N LYS D 535 6.73 22.32 43.59
CA LYS D 535 6.73 23.22 42.43
C LYS D 535 7.62 22.61 41.36
N GLY D 536 7.09 21.60 40.68
CA GLY D 536 7.81 20.87 39.67
C GLY D 536 7.20 19.50 39.46
N PRO D 537 7.74 18.75 38.51
CA PRO D 537 7.21 17.40 38.25
C PRO D 537 7.54 16.45 39.40
N ALA D 538 6.70 15.43 39.56
CA ALA D 538 6.86 14.51 40.67
C ALA D 538 6.33 13.13 40.27
N ILE D 539 6.85 12.11 40.95
CA ILE D 539 6.44 10.73 40.74
C ILE D 539 6.11 10.11 42.09
N VAL D 540 4.92 9.52 42.21
CA VAL D 540 4.50 8.79 43.39
C VAL D 540 4.38 7.34 42.99
N ASN D 541 5.30 6.50 43.48
CA ASN D 541 5.31 5.08 43.19
C ASN D 541 4.65 4.35 44.35
N ILE D 542 3.57 3.63 44.05
CA ILE D 542 2.74 2.96 45.05
C ILE D 542 2.78 1.47 44.79
N LYS D 543 3.33 0.72 45.74
CA LYS D 543 3.39 -0.75 45.64
C LYS D 543 2.07 -1.32 46.13
N ILE D 544 1.17 -1.61 45.19
CA ILE D 544 -0.16 -2.12 45.53
C ILE D 544 -0.12 -3.64 45.59
N ALA D 545 -1.22 -4.24 46.00
CA ALA D 545 -1.29 -5.70 46.10
C ALA D 545 -1.23 -6.33 44.72
N ALA D 546 -0.46 -7.41 44.61
CA ALA D 546 -0.26 -8.08 43.32
C ALA D 546 -1.53 -8.74 42.81
N THR D 547 -2.48 -9.04 43.69
CA THR D 547 -3.72 -9.70 43.31
C THR D 547 -4.91 -8.77 43.30
N ALA D 548 -4.69 -7.46 43.48
CA ALA D 548 -5.79 -6.51 43.47
C ALA D 548 -6.48 -6.51 42.10
N ASP D 549 -7.79 -6.35 42.12
CA ASP D 549 -8.58 -6.48 40.90
C ASP D 549 -9.78 -5.54 40.99
N ARG D 550 -10.46 -5.38 39.85
CA ARG D 550 -11.66 -4.57 39.81
C ARG D 550 -12.85 -5.33 40.39
N LYS D 551 -13.97 -4.64 40.54
CA LYS D 551 -15.15 -5.27 41.10
C LYS D 551 -15.71 -6.29 40.10
N PRO D 552 -16.31 -7.37 40.60
CA PRO D 552 -16.86 -8.39 39.69
C PRO D 552 -17.99 -7.82 38.85
N GLN D 553 -18.07 -8.32 37.62
CA GLN D 553 -19.11 -7.90 36.68
C GLN D 553 -19.74 -9.12 36.03
N GLN D 554 -20.96 -8.93 35.53
CA GLN D 554 -21.65 -9.99 34.82
C GLN D 554 -20.94 -10.34 33.51
N PHE D 555 -20.34 -9.36 32.86
CA PHE D 555 -19.66 -9.56 31.60
C PHE D 555 -18.22 -9.05 31.67
N ASN D 556 -17.36 -9.64 30.86
CA ASN D 556 -16.02 -9.12 30.65
C ASN D 556 -16.07 -7.91 29.73
N TRP D 557 -15.17 -6.96 29.96
CA TRP D 557 -15.20 -5.71 29.19
C TRP D 557 -14.98 -5.96 27.71
N HIS D 558 -14.19 -6.98 27.35
CA HIS D 558 -13.93 -7.29 25.95
C HIS D 558 -14.96 -8.26 25.38
N GLY D 559 -15.16 -9.40 26.03
CA GLY D 559 -16.08 -10.41 25.55
C GLY D 559 -15.48 -11.27 24.46
#